data_4NQE
#
_entry.id   4NQE
#
_cell.length_a   218.110
_cell.length_b   70.600
_cell.length_c   143.860
_cell.angle_alpha   90.00
_cell.angle_beta   104.63
_cell.angle_gamma   90.00
#
_symmetry.space_group_name_H-M   'C 1 2 1'
#
loop_
_entity.id
_entity.type
_entity.pdbx_description
1 polymer 'Major histocompatibility complex class I-related gene protein'
2 polymer Beta-2-microglobulin
3 polymer 'TCR alpha'
4 polymer 'TCR beta'
5 non-polymer 1-deoxy-1-({2,6-dioxo-5-[(E)-(2-oxoethylidene)amino]-1,2,3,6-tetrahydropyrimidin-4-yl}amino)-D-ribitol
6 water water
#
loop_
_entity_poly.entity_id
_entity_poly.type
_entity_poly.pdbx_seq_one_letter_code
_entity_poly.pdbx_strand_id
1 'polypeptide(L)'
;MRTHSLRYFRLGVSDPIHGVPEFISVGYVDSHPITTYDSVTRQKEPRAPWMAENLAPDHWERYTQLLRGWQQMFKVELKR
LQRHYNHSGSHTYQRMIGCELLEDGSTTGFLQYAYDGQDFLIFNKDTLSWLAVDNVAHTIKQAWEANQHELLYQKNWLEE
ECIAWLKRFLEYGKDTLQRTEPPLVRVNRKETFPGVTALFCKAHGFYPPEIYMTWMKNGEEIVQEIDYGDILPSGDGTYQ
AWASIELDPQSSNLYSCHVEHSGVHMVLQVP
;
A,C
2 'polypeptide(L)'
;IQRTPKIQVYSRHPAENGKSNFLNCYVSGFHPSDIEVDLLKNGERIEKVEHSDLSFSKDWSFYLLYYTEFTPTEKDEYAC
RVNHVTLSQPKIVKWDRDM
;
B,F
3 'polypeptide(L)'
;GQNIDQPTEMTATEGAIVQINCTYQTSGFNGLFWYQQHAGEAPTFLSYNVLDGLEEKGRFSSFLSRSKGYSYLLLKELQM
KDSASYLCAVKDSNYQLIWGAGTKLIIKPDIQNPDPAVYQLRDSKSSDKSVCLFTDFDSQTNVSQSKDSDVYITDKCVLD
MRSMDFKSNSAVAWSNKSDFACANAFNNSIIPEDTFFPSPESS
;
D,G
4 'polypeptide(L)'
;NAGVTQTPKFQVLKTGQSMTLQCAQDMNHNSMYWYRQDPGMGLRLIYYSASEGTTDKGEVPNGYNVSRLNKREFSLRLES
AAPSQTSVYFCASSVWTGEGSGELFFGEGSRLTVLEDLKNVFPPEVAVFEPSEAEISHTQKATLVCLATGFYPDHVELSW
WVNGKEVHSGVCTDPQPLKEQPALNDSRYALSSRLRVSATFWQNPRNHFRCQVQFYGLSENDEWTQDRAKPVTQIVSAEA
WGRAD
;
E,H
#
# COMPACT_ATOMS: atom_id res chain seq x y z
N MET A 1 -22.81 25.66 -2.87
CA MET A 1 -22.48 24.66 -3.88
C MET A 1 -21.95 23.40 -3.21
N ARG A 2 -22.24 22.22 -3.78
CA ARG A 2 -21.75 20.95 -3.27
C ARG A 2 -20.21 20.85 -3.53
N THR A 3 -19.57 19.82 -2.96
CA THR A 3 -18.14 19.59 -3.13
C THR A 3 -17.86 19.06 -4.54
N HIS A 4 -16.82 19.58 -5.19
CA HIS A 4 -16.45 19.12 -6.54
C HIS A 4 -14.95 18.90 -6.65
N SER A 5 -14.48 18.01 -7.53
CA SER A 5 -13.04 17.82 -7.69
C SER A 5 -12.61 17.73 -9.14
N LEU A 6 -11.35 18.12 -9.41
CA LEU A 6 -10.70 17.99 -10.71
C LEU A 6 -9.45 17.10 -10.49
N ARG A 7 -9.32 15.98 -11.25
CA ARG A 7 -8.15 15.13 -11.13
C ARG A 7 -7.67 14.71 -12.52
N TYR A 8 -6.36 14.59 -12.70
CA TYR A 8 -5.77 14.01 -13.90
C TYR A 8 -4.90 12.85 -13.49
N PHE A 9 -5.01 11.72 -14.21
CA PHE A 9 -4.15 10.56 -13.96
C PHE A 9 -3.24 10.30 -15.13
N ARG A 10 -2.07 9.73 -14.89
CA ARG A 10 -1.20 9.24 -15.96
C ARG A 10 -0.87 7.80 -15.65
N LEU A 11 -0.94 6.90 -16.67
CA LEU A 11 -0.57 5.50 -16.51
C LEU A 11 0.49 5.15 -17.56
N GLY A 12 1.62 4.64 -17.09
CA GLY A 12 2.72 4.23 -17.95
C GLY A 12 2.95 2.74 -17.77
N VAL A 13 3.13 2.01 -18.87
CA VAL A 13 3.39 0.55 -18.81
C VAL A 13 4.64 0.27 -19.66
N SER A 14 5.64 -0.42 -19.08
CA SER A 14 6.85 -0.86 -19.77
C SER A 14 6.60 -2.24 -20.36
N ASP A 15 7.20 -2.58 -21.52
CA ASP A 15 6.99 -3.88 -22.20
C ASP A 15 5.46 -4.20 -22.30
N PRO A 16 4.59 -3.29 -22.82
CA PRO A 16 3.15 -3.59 -22.85
C PRO A 16 2.81 -4.82 -23.70
N ILE A 17 2.01 -5.74 -23.12
CA ILE A 17 1.48 -6.95 -23.77
C ILE A 17 0.52 -6.49 -24.86
N HIS A 18 0.46 -7.23 -25.99
CA HIS A 18 -0.39 -6.89 -27.15
C HIS A 18 -1.75 -6.32 -26.71
N GLY A 19 -2.02 -5.08 -27.12
CA GLY A 19 -3.28 -4.40 -26.82
C GLY A 19 -3.20 -3.21 -25.90
N VAL A 20 -2.51 -3.37 -24.73
CA VAL A 20 -2.38 -2.32 -23.70
C VAL A 20 -1.43 -1.18 -24.19
N PRO A 21 -1.92 0.09 -24.25
CA PRO A 21 -1.04 1.20 -24.65
C PRO A 21 0.10 1.42 -23.65
N GLU A 22 1.22 1.99 -24.11
CA GLU A 22 2.37 2.29 -23.27
C GLU A 22 2.04 3.48 -22.31
N PHE A 23 1.13 4.38 -22.70
CA PHE A 23 0.81 5.55 -21.90
C PHE A 23 -0.63 5.97 -22.12
N ILE A 24 -1.32 6.26 -21.01
CA ILE A 24 -2.69 6.74 -20.93
C ILE A 24 -2.75 7.90 -19.91
N SER A 25 -3.49 8.95 -20.24
CA SER A 25 -3.72 10.06 -19.33
C SER A 25 -5.16 10.47 -19.47
N VAL A 26 -5.91 10.39 -18.35
CA VAL A 26 -7.35 10.70 -18.30
C VAL A 26 -7.64 11.80 -17.25
N GLY A 27 -8.52 12.74 -17.60
CA GLY A 27 -9.00 13.81 -16.75
C GLY A 27 -10.42 13.58 -16.29
N TYR A 28 -10.72 13.94 -15.02
CA TYR A 28 -12.05 13.79 -14.40
C TYR A 28 -12.50 15.02 -13.67
N VAL A 29 -13.82 15.25 -13.71
CA VAL A 29 -14.51 16.23 -12.89
C VAL A 29 -15.49 15.36 -12.09
N ASP A 30 -15.25 15.24 -10.78
CA ASP A 30 -16.00 14.34 -9.91
C ASP A 30 -15.82 12.92 -10.47
N SER A 31 -16.90 12.22 -10.81
CA SER A 31 -16.79 10.86 -11.35
C SER A 31 -16.88 10.84 -12.89
N HIS A 32 -16.98 12.01 -13.55
CA HIS A 32 -17.12 12.13 -15.01
C HIS A 32 -15.81 12.29 -15.76
N PRO A 33 -15.47 11.37 -16.70
CA PRO A 33 -14.27 11.59 -17.52
C PRO A 33 -14.49 12.82 -18.41
N ILE A 34 -13.48 13.66 -18.57
CA ILE A 34 -13.63 14.88 -19.37
C ILE A 34 -12.66 14.91 -20.56
N THR A 35 -11.49 14.27 -20.43
CA THR A 35 -10.43 14.26 -21.44
C THR A 35 -9.72 12.92 -21.42
N THR A 36 -9.14 12.52 -22.57
CA THR A 36 -8.32 11.32 -22.68
C THR A 36 -7.21 11.52 -23.74
N TYR A 37 -6.12 10.78 -23.56
CA TYR A 37 -4.93 10.78 -24.38
C TYR A 37 -4.26 9.46 -24.16
N ASP A 38 -3.72 8.89 -25.23
CA ASP A 38 -2.96 7.66 -25.12
C ASP A 38 -1.92 7.63 -26.21
N SER A 39 -0.87 6.83 -26.01
CA SER A 39 0.27 6.63 -26.88
C SER A 39 -0.10 6.04 -28.27
N VAL A 40 -1.34 5.53 -28.42
CA VAL A 40 -1.81 4.99 -29.69
C VAL A 40 -2.41 6.12 -30.52
N THR A 41 -3.40 6.84 -29.95
CA THR A 41 -4.03 7.95 -30.68
C THR A 41 -3.08 9.16 -30.83
N ARG A 42 -2.26 9.41 -29.81
CA ARG A 42 -1.33 10.55 -29.69
C ARG A 42 -2.09 11.90 -29.79
N GLN A 43 -3.41 11.88 -29.45
CA GLN A 43 -4.31 13.02 -29.47
C GLN A 43 -5.04 13.24 -28.17
N LYS A 44 -5.22 14.50 -27.78
CA LYS A 44 -6.04 14.83 -26.62
C LYS A 44 -7.47 14.99 -27.12
N GLU A 45 -8.39 14.20 -26.57
CA GLU A 45 -9.79 14.20 -27.01
C GLU A 45 -10.75 14.43 -25.87
N PRO A 46 -11.88 15.12 -26.10
CA PRO A 46 -12.87 15.25 -25.02
C PRO A 46 -13.56 13.93 -24.69
N ARG A 47 -13.96 13.76 -23.40
CA ARG A 47 -14.69 12.57 -23.00
C ARG A 47 -16.09 12.94 -22.54
N ALA A 48 -16.42 14.24 -22.64
CA ALA A 48 -17.72 14.81 -22.30
C ALA A 48 -18.16 15.80 -23.37
N PRO A 49 -19.43 15.75 -23.83
CA PRO A 49 -19.87 16.69 -24.86
C PRO A 49 -19.74 18.16 -24.49
N TRP A 50 -19.93 18.55 -23.20
CA TRP A 50 -19.84 19.95 -22.74
C TRP A 50 -18.39 20.48 -22.74
N MET A 51 -17.40 19.56 -22.83
CA MET A 51 -15.97 19.89 -22.91
C MET A 51 -15.63 20.24 -24.36
N ALA A 52 -16.19 19.45 -25.30
CA ALA A 52 -16.02 19.59 -26.73
C ALA A 52 -16.55 20.94 -27.26
N GLU A 53 -17.77 21.34 -26.85
CA GLU A 53 -18.41 22.58 -27.31
C GLU A 53 -17.95 23.86 -26.57
N ASN A 54 -17.18 23.74 -25.47
CA ASN A 54 -16.76 24.93 -24.74
C ASN A 54 -15.24 25.21 -24.82
N LEU A 55 -14.46 24.23 -25.28
CA LEU A 55 -13.02 24.41 -25.46
C LEU A 55 -12.66 24.28 -26.97
N ALA A 56 -12.12 25.37 -27.52
CA ALA A 56 -11.70 25.55 -28.90
C ALA A 56 -10.57 24.58 -29.31
N PRO A 57 -10.40 24.26 -30.63
CA PRO A 57 -9.33 23.33 -31.04
C PRO A 57 -7.93 23.72 -30.57
N ASP A 58 -7.68 25.02 -30.35
CA ASP A 58 -6.40 25.53 -29.85
C ASP A 58 -6.00 24.83 -28.53
N HIS A 59 -7.00 24.58 -27.64
CA HIS A 59 -6.79 23.90 -26.35
C HIS A 59 -6.33 22.47 -26.61
N TRP A 60 -7.12 21.72 -27.39
CA TRP A 60 -6.88 20.32 -27.73
C TRP A 60 -5.53 20.14 -28.46
N GLU A 61 -5.18 21.09 -29.36
CA GLU A 61 -3.91 21.07 -30.11
C GLU A 61 -2.71 21.33 -29.21
N ARG A 62 -2.83 22.29 -28.28
CA ARG A 62 -1.75 22.67 -27.37
C ARG A 62 -1.43 21.55 -26.39
N TYR A 63 -2.47 20.96 -25.79
CA TYR A 63 -2.26 19.91 -24.81
C TYR A 63 -1.83 18.59 -25.41
N THR A 64 -2.22 18.28 -26.67
CA THR A 64 -1.73 17.08 -27.39
C THR A 64 -0.18 17.12 -27.41
N GLN A 65 0.39 18.30 -27.70
CA GLN A 65 1.85 18.49 -27.77
C GLN A 65 2.49 18.30 -26.41
N LEU A 66 1.88 18.87 -25.36
CA LEU A 66 2.34 18.72 -23.98
C LEU A 66 2.25 17.27 -23.52
N LEU A 67 1.16 16.60 -23.86
CA LEU A 67 0.96 15.19 -23.47
C LEU A 67 1.93 14.27 -24.17
N ARG A 68 2.35 14.63 -25.41
CA ARG A 68 3.37 13.92 -26.18
C ARG A 68 4.70 14.00 -25.45
N GLY A 69 5.01 15.15 -24.86
CA GLY A 69 6.21 15.32 -24.04
C GLY A 69 6.10 14.62 -22.69
N TRP A 70 4.91 14.72 -22.03
CA TRP A 70 4.65 14.03 -20.75
C TRP A 70 4.71 12.52 -20.92
N GLN A 71 4.26 12.04 -22.08
CA GLN A 71 4.35 10.59 -22.40
C GLN A 71 5.84 10.16 -22.39
N GLN A 72 6.73 10.92 -23.06
CA GLN A 72 8.16 10.63 -23.16
C GLN A 72 8.85 10.69 -21.78
N MET A 73 8.50 11.68 -20.98
CA MET A 73 8.99 11.84 -19.61
C MET A 73 8.59 10.61 -18.75
N PHE A 74 7.33 10.14 -18.88
CA PHE A 74 6.85 8.96 -18.14
C PHE A 74 7.66 7.70 -18.56
N LYS A 75 7.97 7.57 -19.87
CA LYS A 75 8.76 6.45 -20.41
C LYS A 75 10.14 6.37 -19.73
N VAL A 76 10.84 7.51 -19.67
CA VAL A 76 12.19 7.64 -19.10
C VAL A 76 12.17 7.46 -17.57
N GLU A 77 11.20 8.09 -16.89
CA GLU A 77 11.08 7.95 -15.43
C GLU A 77 10.88 6.48 -15.05
N LEU A 78 10.04 5.74 -15.79
CA LEU A 78 9.82 4.33 -15.50
C LEU A 78 11.09 3.49 -15.80
N LYS A 79 11.87 3.81 -16.88
CA LYS A 79 13.14 3.12 -17.12
C LYS A 79 14.10 3.34 -15.96
N ARG A 80 14.21 4.59 -15.48
CA ARG A 80 15.08 4.93 -14.35
C ARG A 80 14.62 4.24 -13.06
N LEU A 81 13.29 4.15 -12.85
CA LEU A 81 12.80 3.46 -11.64
C LEU A 81 13.09 1.96 -11.71
N GLN A 82 12.88 1.34 -12.86
CA GLN A 82 13.19 -0.09 -12.99
C GLN A 82 14.70 -0.39 -12.78
N ARG A 83 15.60 0.51 -13.26
CA ARG A 83 17.05 0.38 -13.07
C ARG A 83 17.38 0.46 -11.59
N HIS A 84 16.82 1.46 -10.88
CA HIS A 84 16.97 1.63 -9.43
C HIS A 84 16.57 0.38 -8.63
N TYR A 85 15.45 -0.28 -9.02
CA TYR A 85 15.00 -1.50 -8.33
C TYR A 85 15.62 -2.81 -8.84
N ASN A 86 16.24 -2.82 -10.04
CA ASN A 86 16.81 -4.01 -10.68
C ASN A 86 15.65 -4.88 -11.15
N HIS A 87 14.66 -4.21 -11.77
CA HIS A 87 13.44 -4.84 -12.25
C HIS A 87 13.41 -4.95 -13.75
N SER A 88 13.08 -6.14 -14.23
CA SER A 88 12.93 -6.48 -15.63
C SER A 88 11.45 -6.78 -15.90
N GLY A 89 11.08 -6.91 -17.16
CA GLY A 89 9.71 -7.20 -17.54
C GLY A 89 8.82 -5.97 -17.47
N SER A 90 7.50 -6.20 -17.49
CA SER A 90 6.49 -5.14 -17.50
C SER A 90 6.13 -4.65 -16.09
N HIS A 91 6.36 -3.34 -15.86
CA HIS A 91 6.08 -2.66 -14.60
C HIS A 91 5.22 -1.42 -14.89
N THR A 92 4.49 -0.91 -13.86
CA THR A 92 3.60 0.23 -14.07
C THR A 92 4.06 1.41 -13.23
N TYR A 93 3.77 2.61 -13.74
CA TYR A 93 4.11 3.88 -13.14
C TYR A 93 2.86 4.71 -13.29
N GLN A 94 2.43 5.34 -12.19
CA GLN A 94 1.18 6.12 -12.16
C GLN A 94 1.37 7.43 -11.44
N ARG A 95 0.60 8.42 -11.88
CA ARG A 95 0.53 9.77 -11.34
C ARG A 95 -0.91 10.17 -11.18
N MET A 96 -1.21 10.90 -10.12
CA MET A 96 -2.53 11.46 -9.87
C MET A 96 -2.32 12.86 -9.36
N ILE A 97 -2.90 13.83 -10.02
CA ILE A 97 -2.84 15.22 -9.60
C ILE A 97 -4.27 15.75 -9.57
N GLY A 98 -4.55 16.63 -8.64
CA GLY A 98 -5.89 17.21 -8.62
C GLY A 98 -6.16 18.14 -7.46
N CYS A 99 -7.38 18.63 -7.44
CA CYS A 99 -7.83 19.57 -6.43
C CYS A 99 -9.31 19.40 -6.17
N GLU A 100 -9.74 19.87 -5.00
CA GLU A 100 -11.13 19.86 -4.58
C GLU A 100 -11.53 21.27 -4.17
N LEU A 101 -12.75 21.69 -4.55
CA LEU A 101 -13.40 22.94 -4.12
C LEU A 101 -14.47 22.47 -3.16
N LEU A 102 -14.26 22.65 -1.86
CA LEU A 102 -15.19 22.15 -0.84
C LEU A 102 -16.44 23.07 -0.74
N GLU A 103 -17.55 22.50 -0.21
CA GLU A 103 -18.84 23.18 -0.02
C GLU A 103 -18.68 24.49 0.82
N ASP A 104 -17.81 24.49 1.85
CA ASP A 104 -17.53 25.69 2.67
C ASP A 104 -16.68 26.75 1.91
N GLY A 105 -16.23 26.41 0.69
CA GLY A 105 -15.42 27.29 -0.14
C GLY A 105 -13.92 27.13 0.04
N SER A 106 -13.49 26.21 0.94
CA SER A 106 -12.06 25.94 1.14
C SER A 106 -11.54 24.94 0.08
N THR A 107 -10.22 24.74 0.00
CA THR A 107 -9.67 23.90 -1.07
C THR A 107 -8.65 22.91 -0.55
N THR A 108 -8.44 21.86 -1.35
CA THR A 108 -7.41 20.81 -1.17
C THR A 108 -6.77 20.61 -2.55
N GLY A 109 -5.55 20.13 -2.53
CA GLY A 109 -4.76 19.86 -3.72
C GLY A 109 -3.85 18.70 -3.40
N PHE A 110 -3.63 17.81 -4.36
CA PHE A 110 -2.78 16.63 -4.11
C PHE A 110 -2.03 16.28 -5.36
N LEU A 111 -0.82 15.73 -5.18
CA LEU A 111 0.02 15.24 -6.27
C LEU A 111 0.73 14.00 -5.72
N GLN A 112 0.49 12.86 -6.38
CA GLN A 112 0.98 11.55 -5.95
C GLN A 112 1.45 10.71 -7.12
N TYR A 113 2.46 9.84 -6.86
CA TYR A 113 3.00 8.85 -7.80
C TYR A 113 2.93 7.47 -7.17
N ALA A 114 2.70 6.45 -8.02
CA ALA A 114 2.71 5.05 -7.65
C ALA A 114 3.63 4.28 -8.56
N TYR A 115 4.24 3.22 -8.04
CA TYR A 115 5.06 2.27 -8.80
C TYR A 115 4.47 0.91 -8.55
N ASP A 116 4.04 0.19 -9.61
CA ASP A 116 3.41 -1.13 -9.51
C ASP A 116 2.10 -1.10 -8.65
N GLY A 117 1.35 0.00 -8.76
CA GLY A 117 0.07 0.22 -8.08
C GLY A 117 0.14 0.49 -6.60
N GLN A 118 1.36 0.70 -6.07
CA GLN A 118 1.62 0.98 -4.65
C GLN A 118 2.15 2.39 -4.48
N ASP A 119 1.78 3.07 -3.38
CA ASP A 119 2.30 4.42 -3.08
C ASP A 119 3.82 4.47 -3.24
N PHE A 120 4.32 5.52 -3.86
CA PHE A 120 5.74 5.71 -4.09
C PHE A 120 6.17 7.07 -3.58
N LEU A 121 5.62 8.16 -4.12
CA LEU A 121 5.97 9.52 -3.69
C LEU A 121 4.72 10.37 -3.53
N ILE A 122 4.64 11.09 -2.40
CA ILE A 122 3.47 11.94 -2.06
C ILE A 122 3.94 13.36 -1.86
N PHE A 123 3.41 14.30 -2.65
CA PHE A 123 3.79 15.70 -2.47
C PHE A 123 3.08 16.33 -1.27
N ASN A 124 3.85 17.13 -0.52
CA ASN A 124 3.34 17.93 0.57
C ASN A 124 3.50 19.37 0.13
N LYS A 125 2.42 20.00 -0.36
CA LYS A 125 2.51 21.37 -0.84
C LYS A 125 2.65 22.41 0.30
N ASP A 126 2.32 22.02 1.54
CA ASP A 126 2.39 22.95 2.68
C ASP A 126 3.83 23.06 3.20
N THR A 127 4.67 22.05 2.97
CA THR A 127 6.09 22.15 3.36
C THR A 127 7.01 22.10 2.15
N LEU A 128 6.45 21.95 0.92
CA LEU A 128 7.21 21.82 -0.36
C LEU A 128 8.16 20.63 -0.28
N SER A 129 7.65 19.51 0.19
CA SER A 129 8.48 18.32 0.28
C SER A 129 7.75 17.14 -0.31
N TRP A 130 8.53 16.10 -0.61
CA TRP A 130 8.08 14.83 -1.14
C TRP A 130 8.22 13.77 -0.09
N LEU A 131 7.16 12.98 0.13
CA LEU A 131 7.22 11.88 1.08
C LEU A 131 7.55 10.60 0.33
N ALA A 132 8.68 9.97 0.65
CA ALA A 132 9.21 8.75 0.02
C ALA A 132 8.84 7.48 0.82
N VAL A 133 8.46 6.38 0.14
CA VAL A 133 8.08 5.14 0.84
C VAL A 133 9.30 4.21 1.15
N ASP A 134 10.36 4.23 0.32
CA ASP A 134 11.52 3.36 0.49
C ASP A 134 12.82 4.12 0.04
N ASN A 135 13.99 3.44 -0.04
CA ASN A 135 15.24 4.14 -0.44
C ASN A 135 15.23 4.59 -1.93
N VAL A 136 14.51 3.90 -2.81
CA VAL A 136 14.48 4.26 -4.23
C VAL A 136 13.64 5.55 -4.39
N ALA A 137 12.53 5.66 -3.63
CA ALA A 137 11.68 6.84 -3.60
C ALA A 137 12.48 7.98 -3.02
N HIS A 138 13.29 7.72 -1.99
CA HIS A 138 14.15 8.72 -1.36
C HIS A 138 15.18 9.32 -2.37
N THR A 139 15.76 8.49 -3.24
CA THR A 139 16.72 8.91 -4.29
C THR A 139 16.03 9.90 -5.23
N ILE A 140 14.79 9.59 -5.67
CA ILE A 140 14.01 10.45 -6.55
C ILE A 140 13.62 11.74 -5.82
N LYS A 141 13.15 11.62 -4.56
CA LYS A 141 12.78 12.75 -3.69
C LYS A 141 13.94 13.79 -3.63
N GLN A 142 15.20 13.34 -3.39
CA GLN A 142 16.37 14.23 -3.30
C GLN A 142 16.53 15.04 -4.59
N ALA A 143 16.29 14.41 -5.75
CA ALA A 143 16.40 15.08 -7.04
C ALA A 143 15.30 16.13 -7.23
N TRP A 144 14.04 15.77 -6.90
CA TRP A 144 12.90 16.67 -7.08
C TRP A 144 12.97 17.87 -6.14
N GLU A 145 13.42 17.67 -4.92
CA GLU A 145 13.52 18.72 -3.91
C GLU A 145 14.70 19.69 -4.15
N ALA A 146 15.66 19.31 -5.02
CA ALA A 146 16.81 20.15 -5.40
C ALA A 146 16.36 21.36 -6.25
N ASN A 147 15.21 21.22 -6.95
CA ASN A 147 14.64 22.25 -7.82
C ASN A 147 13.51 22.94 -7.08
N GLN A 148 13.86 23.95 -6.27
CA GLN A 148 12.97 24.77 -5.46
C GLN A 148 11.85 25.42 -6.28
N HIS A 149 12.20 26.00 -7.46
CA HIS A 149 11.25 26.68 -8.35
C HIS A 149 10.18 25.74 -8.89
N GLU A 150 10.51 24.47 -9.20
CA GLU A 150 9.49 23.52 -9.68
C GLU A 150 8.51 23.16 -8.51
N LEU A 151 9.01 23.22 -7.26
CA LEU A 151 8.18 22.96 -6.08
C LEU A 151 7.14 24.07 -5.92
N LEU A 152 7.54 25.34 -6.14
CA LEU A 152 6.65 26.53 -6.05
C LEU A 152 5.66 26.58 -7.20
N TYR A 153 6.09 26.10 -8.40
CA TYR A 153 5.24 26.08 -9.58
C TYR A 153 4.10 25.11 -9.29
N GLN A 154 4.44 23.95 -8.75
CA GLN A 154 3.52 22.88 -8.37
C GLN A 154 2.54 23.31 -7.30
N LYS A 155 3.01 24.04 -6.27
CA LYS A 155 2.11 24.59 -5.24
C LYS A 155 1.11 25.53 -5.91
N ASN A 156 1.62 26.49 -6.71
CA ASN A 156 0.77 27.42 -7.44
C ASN A 156 -0.23 26.68 -8.35
N TRP A 157 0.20 25.61 -9.06
CA TRP A 157 -0.71 24.87 -9.95
C TRP A 157 -1.88 24.28 -9.13
N LEU A 158 -1.55 23.54 -8.08
CA LEU A 158 -2.56 22.88 -7.23
C LEU A 158 -3.55 23.88 -6.57
N GLU A 159 -3.02 24.96 -6.01
CA GLU A 159 -3.81 25.93 -5.22
C GLU A 159 -4.57 26.97 -6.06
N GLU A 160 -4.03 27.38 -7.25
CA GLU A 160 -4.66 28.43 -8.07
C GLU A 160 -5.18 27.94 -9.40
N GLU A 161 -4.26 27.42 -10.23
CA GLU A 161 -4.57 26.96 -11.60
C GLU A 161 -5.62 25.87 -11.64
N CYS A 162 -5.42 24.86 -10.81
CA CYS A 162 -6.31 23.70 -10.73
C CYS A 162 -7.74 24.15 -10.35
N ILE A 163 -7.86 25.05 -9.38
CA ILE A 163 -9.15 25.55 -8.91
C ILE A 163 -9.88 26.39 -10.00
N ALA A 164 -9.13 27.24 -10.70
CA ALA A 164 -9.64 28.09 -11.78
C ALA A 164 -10.14 27.20 -12.93
N TRP A 165 -9.43 26.10 -13.26
CA TRP A 165 -9.89 25.11 -14.28
C TRP A 165 -11.16 24.43 -13.80
N LEU A 166 -11.18 23.97 -12.52
CA LEU A 166 -12.34 23.30 -11.97
C LEU A 166 -13.59 24.18 -12.08
N LYS A 167 -13.52 25.45 -11.65
CA LYS A 167 -14.63 26.42 -11.73
C LYS A 167 -15.08 26.63 -13.19
N ARG A 168 -14.12 26.63 -14.13
CA ARG A 168 -14.43 26.79 -15.56
C ARG A 168 -15.20 25.60 -16.04
N PHE A 169 -14.71 24.38 -15.72
CA PHE A 169 -15.34 23.13 -16.16
C PHE A 169 -16.71 22.90 -15.48
N LEU A 170 -16.90 23.39 -14.23
CA LEU A 170 -18.18 23.33 -13.51
C LEU A 170 -19.26 24.14 -14.22
N GLU A 171 -18.87 25.30 -14.80
CA GLU A 171 -19.76 26.16 -15.57
C GLU A 171 -20.14 25.46 -16.86
N TYR A 172 -19.14 24.92 -17.61
CA TYR A 172 -19.40 24.18 -18.86
C TYR A 172 -20.37 23.01 -18.65
N GLY A 173 -20.08 22.16 -17.66
CA GLY A 173 -20.90 20.99 -17.40
C GLY A 173 -21.99 21.11 -16.37
N LYS A 174 -22.42 22.35 -16.07
CA LYS A 174 -23.44 22.63 -15.03
C LYS A 174 -24.75 21.84 -15.18
N ASP A 175 -25.29 21.67 -16.40
CA ASP A 175 -26.55 20.92 -16.57
C ASP A 175 -26.42 19.45 -16.13
N THR A 176 -25.20 18.87 -16.18
CA THR A 176 -24.99 17.49 -15.70
C THR A 176 -24.47 17.51 -14.26
N LEU A 177 -23.37 18.24 -13.99
CA LEU A 177 -22.60 18.30 -12.73
C LEU A 177 -23.32 18.90 -11.54
N GLN A 178 -24.17 19.91 -11.75
CA GLN A 178 -24.84 20.62 -10.65
C GLN A 178 -26.32 20.25 -10.52
N ARG A 179 -26.76 19.25 -11.27
CA ARG A 179 -28.13 18.79 -11.22
C ARG A 179 -28.33 17.83 -10.02
N THR A 180 -29.58 17.58 -9.67
CA THR A 180 -29.85 16.60 -8.63
C THR A 180 -31.04 15.73 -9.04
N GLU A 181 -30.86 14.42 -8.94
CA GLU A 181 -31.88 13.42 -9.21
C GLU A 181 -32.13 12.66 -7.91
N PRO A 182 -33.29 12.88 -7.25
CA PRO A 182 -33.54 12.24 -5.95
C PRO A 182 -33.63 10.72 -6.02
N PRO A 183 -33.15 10.02 -4.97
CA PRO A 183 -33.22 8.56 -4.97
C PRO A 183 -34.64 7.98 -4.86
N LEU A 184 -34.87 6.86 -5.53
CA LEU A 184 -36.10 6.10 -5.32
C LEU A 184 -35.71 5.10 -4.24
N VAL A 185 -36.35 5.12 -3.06
CA VAL A 185 -35.91 4.23 -1.97
C VAL A 185 -37.00 3.28 -1.53
N ARG A 186 -36.65 2.01 -1.36
CA ARG A 186 -37.60 1.02 -0.86
C ARG A 186 -36.94 0.15 0.21
N VAL A 187 -37.76 -0.37 1.12
CA VAL A 187 -37.36 -1.31 2.15
C VAL A 187 -38.05 -2.64 1.82
N ASN A 188 -37.27 -3.73 1.74
CA ASN A 188 -37.77 -5.09 1.47
C ASN A 188 -37.53 -5.96 2.69
N ARG A 189 -38.55 -6.69 3.12
CA ARG A 189 -38.54 -7.58 4.27
C ARG A 189 -38.63 -9.04 3.79
N LYS A 190 -37.78 -9.93 4.35
CA LYS A 190 -37.73 -11.34 3.93
C LYS A 190 -37.14 -12.24 5.03
N GLU A 191 -37.83 -13.37 5.33
CA GLU A 191 -37.31 -14.40 6.24
C GLU A 191 -36.28 -15.21 5.44
N THR A 192 -35.00 -15.23 5.87
CA THR A 192 -33.95 -15.94 5.11
C THR A 192 -33.71 -17.32 5.74
N PHE A 193 -32.57 -17.52 6.46
CA PHE A 193 -32.31 -18.76 7.21
C PHE A 193 -33.42 -18.91 8.28
N PRO A 194 -33.98 -20.14 8.51
CA PRO A 194 -35.08 -20.27 9.48
C PRO A 194 -34.89 -19.46 10.77
N GLY A 195 -35.88 -18.62 11.08
CA GLY A 195 -35.88 -17.76 12.27
C GLY A 195 -35.23 -16.40 12.11
N VAL A 196 -34.68 -16.13 10.91
CA VAL A 196 -33.95 -14.89 10.58
C VAL A 196 -34.77 -14.05 9.61
N THR A 197 -35.01 -12.77 9.93
CA THR A 197 -35.71 -11.82 9.05
C THR A 197 -34.70 -10.77 8.62
N ALA A 198 -34.53 -10.61 7.31
CA ALA A 198 -33.61 -9.64 6.73
C ALA A 198 -34.36 -8.41 6.19
N LEU A 199 -33.84 -7.20 6.48
CA LEU A 199 -34.39 -5.93 6.00
C LEU A 199 -33.41 -5.30 5.03
N PHE A 200 -33.84 -5.03 3.82
CA PHE A 200 -33.02 -4.40 2.79
C PHE A 200 -33.54 -3.01 2.43
N CYS A 201 -32.71 -1.98 2.59
CA CYS A 201 -33.04 -0.62 2.18
C CYS A 201 -32.29 -0.32 0.90
N LYS A 202 -33.00 -0.24 -0.24
CA LYS A 202 -32.40 -0.07 -1.56
C LYS A 202 -32.73 1.26 -2.19
N ALA A 203 -31.71 1.94 -2.73
CA ALA A 203 -31.83 3.24 -3.39
C ALA A 203 -31.31 3.16 -4.81
N HIS A 204 -32.02 3.80 -5.74
CA HIS A 204 -31.58 3.85 -7.11
C HIS A 204 -32.10 5.12 -7.79
N GLY A 205 -31.54 5.42 -8.95
CA GLY A 205 -31.92 6.57 -9.76
C GLY A 205 -31.43 7.90 -9.23
N PHE A 206 -30.40 7.88 -8.35
CA PHE A 206 -29.90 9.11 -7.77
C PHE A 206 -28.59 9.61 -8.41
N TYR A 207 -28.48 10.95 -8.43
CA TYR A 207 -27.35 11.74 -8.86
C TYR A 207 -27.36 13.01 -8.01
N PRO A 208 -26.23 13.44 -7.39
CA PRO A 208 -24.87 12.86 -7.48
C PRO A 208 -24.74 11.51 -6.74
N PRO A 209 -23.61 10.79 -6.93
CA PRO A 209 -23.45 9.48 -6.26
C PRO A 209 -23.34 9.57 -4.72
N GLU A 210 -23.05 10.74 -4.16
CA GLU A 210 -22.93 10.87 -2.73
C GLU A 210 -24.28 10.73 -2.01
N ILE A 211 -24.42 9.66 -1.26
CA ILE A 211 -25.63 9.34 -0.48
C ILE A 211 -25.21 8.84 0.90
N TYR A 212 -26.08 9.03 1.88
CA TYR A 212 -25.91 8.50 3.24
C TYR A 212 -27.10 7.65 3.52
N MET A 213 -26.87 6.38 3.86
CA MET A 213 -27.88 5.39 4.20
C MET A 213 -27.50 4.75 5.52
N THR A 214 -28.45 4.67 6.44
CA THR A 214 -28.20 4.10 7.75
C THR A 214 -29.47 3.47 8.29
N TRP A 215 -29.31 2.40 9.09
CA TRP A 215 -30.42 1.73 9.74
C TRP A 215 -30.48 2.16 11.20
N MET A 216 -31.66 2.53 11.66
CA MET A 216 -31.85 2.95 13.05
C MET A 216 -32.84 2.03 13.74
N LYS A 217 -32.65 1.82 15.05
CA LYS A 217 -33.51 1.00 15.93
C LYS A 217 -34.05 1.86 17.03
N ASN A 218 -35.38 2.02 17.09
CA ASN A 218 -36.12 2.85 18.07
C ASN A 218 -35.60 4.30 18.10
N GLY A 219 -35.22 4.84 16.94
CA GLY A 219 -34.75 6.21 16.80
C GLY A 219 -33.25 6.45 16.97
N GLU A 220 -32.53 5.54 17.65
CA GLU A 220 -31.08 5.63 17.87
C GLU A 220 -30.30 4.63 16.98
N GLU A 221 -29.00 4.90 16.75
CA GLU A 221 -28.10 4.06 15.92
C GLU A 221 -28.12 2.58 16.31
N ILE A 222 -28.04 1.70 15.30
CA ILE A 222 -28.01 0.23 15.45
C ILE A 222 -26.60 -0.16 15.87
N VAL A 223 -26.45 -1.18 16.75
CA VAL A 223 -25.13 -1.64 17.18
C VAL A 223 -24.84 -3.02 16.54
N GLN A 224 -25.85 -3.61 15.86
CA GLN A 224 -25.71 -4.91 15.16
C GLN A 224 -24.97 -4.74 13.81
N GLU A 225 -24.73 -5.86 13.12
CA GLU A 225 -24.01 -5.90 11.84
C GLU A 225 -24.89 -5.43 10.69
N ILE A 226 -24.37 -4.44 9.94
CA ILE A 226 -24.99 -3.84 8.76
C ILE A 226 -24.13 -4.19 7.54
N ASP A 227 -24.76 -4.68 6.49
CA ASP A 227 -24.04 -4.92 5.23
C ASP A 227 -24.31 -3.73 4.33
N TYR A 228 -23.32 -3.36 3.50
CA TYR A 228 -23.43 -2.22 2.60
C TYR A 228 -23.13 -2.66 1.21
N GLY A 229 -23.91 -2.14 0.29
CA GLY A 229 -23.71 -2.37 -1.13
C GLY A 229 -22.91 -1.21 -1.64
N ASP A 230 -22.16 -1.44 -2.70
CA ASP A 230 -21.38 -0.37 -3.28
C ASP A 230 -22.27 0.62 -3.97
N ILE A 231 -21.84 1.88 -4.10
CA ILE A 231 -22.55 2.87 -4.91
C ILE A 231 -22.18 2.53 -6.34
N LEU A 232 -23.10 1.90 -7.07
CA LEU A 232 -22.80 1.41 -8.42
C LEU A 232 -23.44 2.28 -9.51
N PRO A 233 -22.71 2.52 -10.63
CA PRO A 233 -23.31 3.28 -11.74
C PRO A 233 -24.37 2.42 -12.44
N SER A 234 -25.54 3.00 -12.76
CA SER A 234 -26.60 2.24 -13.41
C SER A 234 -26.47 2.23 -14.94
N GLY A 235 -25.59 3.09 -15.48
CA GLY A 235 -25.34 3.19 -16.91
C GLY A 235 -26.02 4.36 -17.59
N ASP A 236 -26.99 4.98 -16.92
CA ASP A 236 -27.77 6.11 -17.42
C ASP A 236 -27.37 7.46 -16.76
N GLY A 237 -26.24 7.48 -16.07
CA GLY A 237 -25.80 8.68 -15.36
C GLY A 237 -26.30 8.75 -13.92
N THR A 238 -27.04 7.72 -13.45
CA THR A 238 -27.53 7.66 -12.09
C THR A 238 -26.86 6.47 -11.34
N TYR A 239 -27.09 6.40 -10.03
CA TYR A 239 -26.44 5.38 -9.21
C TYR A 239 -27.44 4.63 -8.36
N GLN A 240 -27.00 3.53 -7.78
CA GLN A 240 -27.75 2.65 -6.90
C GLN A 240 -26.86 2.18 -5.74
N ALA A 241 -27.46 1.96 -4.57
CA ALA A 241 -26.80 1.54 -3.34
C ALA A 241 -27.82 0.90 -2.40
N TRP A 242 -27.32 0.16 -1.40
CA TRP A 242 -28.21 -0.51 -0.45
C TRP A 242 -27.50 -0.73 0.89
N ALA A 243 -28.31 -0.96 1.93
CA ALA A 243 -27.88 -1.28 3.28
C ALA A 243 -28.86 -2.29 3.86
N SER A 244 -28.37 -3.38 4.45
CA SER A 244 -29.21 -4.42 5.04
C SER A 244 -28.85 -4.72 6.50
N ILE A 245 -29.83 -5.21 7.27
CA ILE A 245 -29.73 -5.62 8.67
C ILE A 245 -30.62 -6.86 8.88
N GLU A 246 -30.57 -7.47 10.09
CA GLU A 246 -31.41 -8.58 10.58
C GLU A 246 -32.20 -8.05 11.79
N LEU A 247 -33.18 -8.80 12.31
CA LEU A 247 -33.96 -8.39 13.49
C LEU A 247 -33.55 -9.15 14.76
N LEU A 254 -38.54 -1.29 16.84
CA LEU A 254 -39.00 -0.54 15.67
C LEU A 254 -37.81 -0.06 14.81
N TYR A 255 -37.66 -0.60 13.58
CA TYR A 255 -36.53 -0.27 12.69
C TYR A 255 -36.91 0.69 11.57
N SER A 256 -35.97 1.61 11.24
CA SER A 256 -36.16 2.55 10.14
C SER A 256 -34.87 2.79 9.33
N CYS A 257 -35.01 2.92 8.01
CA CYS A 257 -33.91 3.27 7.12
C CYS A 257 -33.91 4.79 6.93
N HIS A 258 -32.72 5.43 7.11
CA HIS A 258 -32.55 6.86 6.95
C HIS A 258 -31.68 7.13 5.76
N VAL A 259 -32.15 7.97 4.84
CA VAL A 259 -31.42 8.27 3.60
C VAL A 259 -31.30 9.75 3.50
N GLU A 260 -30.06 10.25 3.35
CA GLU A 260 -29.84 11.67 3.13
C GLU A 260 -29.12 11.81 1.81
N HIS A 261 -29.63 12.69 0.93
CA HIS A 261 -29.13 12.93 -0.40
C HIS A 261 -29.43 14.35 -0.80
N SER A 262 -28.36 15.12 -1.13
CA SER A 262 -28.38 16.51 -1.59
C SER A 262 -29.40 17.44 -0.82
N GLY A 263 -29.29 17.47 0.50
CA GLY A 263 -30.05 18.32 1.41
C GLY A 263 -31.44 17.86 1.80
N VAL A 264 -31.81 16.63 1.42
CA VAL A 264 -33.13 16.06 1.71
C VAL A 264 -32.96 14.82 2.56
N HIS A 265 -33.65 14.73 3.70
CA HIS A 265 -33.62 13.55 4.57
C HIS A 265 -34.88 12.72 4.34
N MET A 266 -34.72 11.41 4.26
CA MET A 266 -35.83 10.49 4.01
C MET A 266 -35.78 9.40 5.06
N VAL A 267 -36.94 9.08 5.65
CA VAL A 267 -37.07 8.00 6.62
C VAL A 267 -38.08 6.98 6.09
N LEU A 268 -37.73 5.69 6.18
CA LEU A 268 -38.62 4.60 5.82
C LEU A 268 -38.78 3.70 7.06
N GLN A 269 -39.92 3.85 7.74
CA GLN A 269 -40.27 3.11 8.97
C GLN A 269 -40.82 1.75 8.59
N VAL A 270 -40.20 0.66 9.08
CA VAL A 270 -40.65 -0.72 8.77
C VAL A 270 -41.99 -1.02 9.50
N ILE B 1 2.67 -6.69 -6.20
CA ILE B 1 1.32 -6.90 -5.70
C ILE B 1 0.31 -6.74 -6.84
N GLN B 2 -0.41 -7.82 -7.14
CA GLN B 2 -1.48 -7.81 -8.15
C GLN B 2 -2.83 -7.94 -7.42
N ARG B 3 -3.86 -7.29 -7.96
CA ARG B 3 -5.17 -7.27 -7.33
C ARG B 3 -6.17 -7.82 -8.31
N THR B 4 -6.92 -8.88 -7.89
CA THR B 4 -7.88 -9.56 -8.76
C THR B 4 -9.18 -8.71 -8.86
N PRO B 5 -9.85 -8.62 -10.03
CA PRO B 5 -11.04 -7.76 -10.12
C PRO B 5 -12.24 -8.23 -9.27
N LYS B 6 -12.98 -7.22 -8.78
CA LYS B 6 -14.25 -7.37 -8.07
C LYS B 6 -15.25 -7.36 -9.21
N ILE B 7 -16.20 -8.32 -9.24
CA ILE B 7 -17.11 -8.42 -10.40
C ILE B 7 -18.53 -8.44 -9.90
N GLN B 8 -19.32 -7.49 -10.36
CA GLN B 8 -20.68 -7.24 -9.91
C GLN B 8 -21.58 -7.13 -11.12
N VAL B 9 -22.65 -7.94 -11.13
CA VAL B 9 -23.60 -8.06 -12.24
C VAL B 9 -24.99 -7.71 -11.71
N TYR B 10 -25.62 -6.69 -12.29
CA TYR B 10 -26.90 -6.18 -11.78
C TYR B 10 -27.66 -5.45 -12.87
N SER B 11 -28.98 -5.30 -12.70
CA SER B 11 -29.79 -4.59 -13.68
C SER B 11 -29.80 -3.09 -13.37
N ARG B 12 -29.99 -2.26 -14.43
CA ARG B 12 -30.08 -0.81 -14.30
C ARG B 12 -31.23 -0.43 -13.35
N HIS B 13 -32.44 -1.00 -13.59
CA HIS B 13 -33.67 -0.80 -12.80
C HIS B 13 -34.09 -2.11 -12.13
N PRO B 14 -34.95 -2.09 -11.08
CA PRO B 14 -35.44 -3.37 -10.50
C PRO B 14 -36.07 -4.20 -11.61
N ALA B 15 -35.60 -5.43 -11.78
CA ALA B 15 -35.96 -6.32 -12.87
C ALA B 15 -37.40 -6.87 -12.79
N GLU B 16 -38.09 -6.85 -13.93
CA GLU B 16 -39.44 -7.39 -14.11
C GLU B 16 -39.49 -8.07 -15.46
N ASN B 17 -39.71 -9.40 -15.47
CA ASN B 17 -39.77 -10.21 -16.70
C ASN B 17 -40.72 -9.60 -17.75
N GLY B 18 -40.22 -9.48 -18.98
CA GLY B 18 -40.98 -8.92 -20.08
C GLY B 18 -40.82 -7.42 -20.27
N LYS B 19 -40.17 -6.74 -19.32
CA LYS B 19 -39.94 -5.29 -19.40
C LYS B 19 -38.48 -5.02 -19.74
N SER B 20 -38.24 -4.23 -20.81
CA SER B 20 -36.90 -3.87 -21.26
C SER B 20 -36.12 -3.23 -20.12
N ASN B 21 -34.82 -3.54 -20.06
CA ASN B 21 -33.89 -3.12 -19.02
C ASN B 21 -32.47 -3.12 -19.57
N PHE B 22 -31.49 -2.85 -18.71
CA PHE B 22 -30.08 -2.91 -19.08
C PHE B 22 -29.35 -3.78 -18.07
N LEU B 23 -28.49 -4.65 -18.55
CA LEU B 23 -27.69 -5.50 -17.70
C LEU B 23 -26.32 -4.85 -17.58
N ASN B 24 -25.86 -4.64 -16.34
CA ASN B 24 -24.56 -4.05 -16.02
C ASN B 24 -23.60 -5.05 -15.42
N CYS B 25 -22.32 -4.93 -15.80
CA CYS B 25 -21.22 -5.68 -15.21
C CYS B 25 -20.10 -4.68 -14.90
N TYR B 26 -19.94 -4.39 -13.62
CA TYR B 26 -18.97 -3.45 -13.08
C TYR B 26 -17.76 -4.23 -12.57
N VAL B 27 -16.62 -4.03 -13.23
CA VAL B 27 -15.37 -4.72 -12.91
C VAL B 27 -14.45 -3.70 -12.32
N SER B 28 -14.05 -3.87 -11.07
CA SER B 28 -13.30 -2.84 -10.37
C SER B 28 -12.23 -3.39 -9.46
N GLY B 29 -11.37 -2.50 -8.97
CA GLY B 29 -10.33 -2.78 -7.99
C GLY B 29 -9.20 -3.68 -8.43
N PHE B 30 -8.95 -3.74 -9.73
CA PHE B 30 -7.93 -4.61 -10.26
C PHE B 30 -6.64 -3.86 -10.64
N HIS B 31 -5.54 -4.60 -10.64
CA HIS B 31 -4.20 -4.12 -11.00
C HIS B 31 -3.34 -5.33 -11.38
N PRO B 32 -2.66 -5.37 -12.56
CA PRO B 32 -2.52 -4.34 -13.61
C PRO B 32 -3.80 -4.13 -14.41
N SER B 33 -3.72 -3.28 -15.42
CA SER B 33 -4.81 -2.72 -16.21
C SER B 33 -5.38 -3.61 -17.32
N ASP B 34 -4.63 -4.64 -17.77
CA ASP B 34 -5.13 -5.48 -18.87
C ASP B 34 -6.22 -6.41 -18.36
N ILE B 35 -7.41 -6.30 -18.98
CA ILE B 35 -8.58 -7.07 -18.61
C ILE B 35 -9.40 -7.37 -19.88
N GLU B 36 -10.20 -8.44 -19.85
CA GLU B 36 -11.12 -8.78 -20.94
C GLU B 36 -12.46 -9.09 -20.31
N VAL B 37 -13.51 -8.40 -20.77
CA VAL B 37 -14.87 -8.55 -20.28
C VAL B 37 -15.80 -8.89 -21.44
N ASP B 38 -16.70 -9.85 -21.21
CA ASP B 38 -17.75 -10.28 -22.13
C ASP B 38 -19.02 -10.53 -21.35
N LEU B 39 -20.15 -10.10 -21.91
CA LEU B 39 -21.47 -10.35 -21.34
C LEU B 39 -22.04 -11.56 -22.06
N LEU B 40 -22.62 -12.50 -21.32
CA LEU B 40 -23.18 -13.72 -21.90
C LEU B 40 -24.69 -13.88 -21.70
N LYS B 41 -25.36 -14.47 -22.70
CA LYS B 41 -26.76 -14.87 -22.68
C LYS B 41 -26.75 -16.36 -22.95
N ASN B 42 -27.09 -17.17 -21.93
CA ASN B 42 -27.12 -18.62 -21.98
C ASN B 42 -25.78 -19.19 -22.48
N GLY B 43 -24.69 -18.75 -21.85
CA GLY B 43 -23.33 -19.17 -22.16
C GLY B 43 -22.72 -18.55 -23.40
N GLU B 44 -23.56 -17.94 -24.28
CA GLU B 44 -23.12 -17.31 -25.53
C GLU B 44 -22.88 -15.82 -25.39
N ARG B 45 -21.82 -15.32 -26.06
CA ARG B 45 -21.39 -13.92 -26.05
C ARG B 45 -22.42 -13.01 -26.73
N ILE B 46 -22.79 -11.90 -26.04
CA ILE B 46 -23.70 -10.91 -26.60
C ILE B 46 -22.81 -9.98 -27.43
N GLU B 47 -23.19 -9.74 -28.69
CA GLU B 47 -22.34 -8.94 -29.57
C GLU B 47 -22.53 -7.42 -29.37
N LYS B 48 -23.78 -6.93 -29.18
CA LYS B 48 -24.07 -5.50 -29.01
C LYS B 48 -23.89 -5.07 -27.54
N VAL B 49 -22.62 -5.03 -27.07
CA VAL B 49 -22.29 -4.67 -25.70
C VAL B 49 -21.52 -3.36 -25.71
N GLU B 50 -21.99 -2.38 -24.92
CA GLU B 50 -21.33 -1.09 -24.75
C GLU B 50 -20.44 -1.14 -23.50
N HIS B 51 -19.45 -0.24 -23.45
CA HIS B 51 -18.56 -0.16 -22.30
C HIS B 51 -17.91 1.20 -22.17
N SER B 52 -17.59 1.56 -20.93
CA SER B 52 -16.85 2.77 -20.60
C SER B 52 -15.38 2.49 -20.87
N ASP B 53 -14.53 3.53 -20.90
CA ASP B 53 -13.09 3.34 -21.06
C ASP B 53 -12.52 2.91 -19.73
N LEU B 54 -11.27 2.37 -19.71
CA LEU B 54 -10.60 2.03 -18.45
C LEU B 54 -10.62 3.29 -17.54
N SER B 55 -10.95 3.11 -16.25
CA SER B 55 -11.05 4.25 -15.36
C SER B 55 -10.12 4.11 -14.18
N PHE B 56 -9.72 5.25 -13.59
CA PHE B 56 -8.74 5.23 -12.52
C PHE B 56 -9.30 5.56 -11.15
N SER B 57 -8.89 4.79 -10.15
CA SER B 57 -9.21 5.02 -8.74
C SER B 57 -7.99 5.59 -8.04
N LYS B 58 -8.23 6.40 -7.00
CA LYS B 58 -7.21 7.05 -6.17
C LYS B 58 -6.31 6.02 -5.43
N ASP B 59 -6.73 4.74 -5.31
CA ASP B 59 -5.94 3.67 -4.66
C ASP B 59 -5.04 2.93 -5.69
N TRP B 60 -4.97 3.46 -6.91
CA TRP B 60 -4.17 3.07 -8.08
C TRP B 60 -4.74 1.89 -8.85
N SER B 61 -5.93 1.39 -8.48
CA SER B 61 -6.60 0.30 -9.17
C SER B 61 -7.47 0.88 -10.27
N PHE B 62 -8.01 0.00 -11.11
CA PHE B 62 -8.84 0.39 -12.24
C PHE B 62 -10.22 -0.21 -12.13
N TYR B 63 -11.16 0.35 -12.91
CA TYR B 63 -12.55 -0.08 -13.01
C TYR B 63 -13.09 0.17 -14.41
N LEU B 64 -14.16 -0.55 -14.77
CA LEU B 64 -14.85 -0.48 -16.06
C LEU B 64 -16.32 -0.85 -15.90
N LEU B 65 -17.17 -0.35 -16.77
CA LEU B 65 -18.57 -0.72 -16.78
C LEU B 65 -18.92 -1.23 -18.17
N TYR B 66 -19.48 -2.46 -18.22
CA TYR B 66 -19.94 -3.16 -19.41
C TYR B 66 -21.43 -3.32 -19.33
N TYR B 67 -22.16 -2.96 -20.40
CA TYR B 67 -23.62 -3.05 -20.33
C TYR B 67 -24.28 -3.31 -21.68
N THR B 68 -25.46 -3.93 -21.63
CA THR B 68 -26.25 -4.23 -22.82
C THR B 68 -27.75 -4.20 -22.49
N GLU B 69 -28.54 -3.64 -23.43
CA GLU B 69 -30.00 -3.57 -23.34
C GLU B 69 -30.56 -4.99 -23.48
N PHE B 70 -31.47 -5.36 -22.60
CA PHE B 70 -32.06 -6.71 -22.62
C PHE B 70 -33.45 -6.71 -22.01
N THR B 71 -34.22 -7.76 -22.31
CA THR B 71 -35.54 -7.98 -21.72
C THR B 71 -35.40 -9.29 -20.97
N PRO B 72 -35.37 -9.26 -19.62
CA PRO B 72 -35.20 -10.51 -18.86
C PRO B 72 -36.43 -11.43 -18.95
N THR B 73 -36.18 -12.75 -19.06
CA THR B 73 -37.20 -13.81 -19.07
C THR B 73 -36.79 -14.83 -18.01
N GLU B 74 -37.76 -15.56 -17.42
CA GLU B 74 -37.51 -16.58 -16.38
C GLU B 74 -36.55 -17.71 -16.85
N LYS B 75 -36.54 -18.00 -18.17
CA LYS B 75 -35.74 -19.05 -18.80
C LYS B 75 -34.35 -18.58 -19.29
N ASP B 76 -34.14 -17.25 -19.48
CA ASP B 76 -32.85 -16.73 -19.96
C ASP B 76 -31.88 -16.51 -18.80
N GLU B 77 -30.65 -16.98 -18.98
CA GLU B 77 -29.56 -16.90 -17.99
C GLU B 77 -28.50 -15.92 -18.47
N TYR B 78 -28.12 -14.98 -17.60
CA TYR B 78 -27.14 -13.96 -17.93
C TYR B 78 -25.90 -14.02 -17.05
N ALA B 79 -24.75 -13.74 -17.65
CA ALA B 79 -23.47 -13.76 -16.96
C ALA B 79 -22.48 -12.74 -17.51
N CYS B 80 -21.44 -12.49 -16.72
CA CYS B 80 -20.31 -11.63 -17.08
C CYS B 80 -19.06 -12.47 -16.98
N ARG B 81 -18.28 -12.58 -18.08
CA ARG B 81 -17.08 -13.40 -18.14
C ARG B 81 -15.86 -12.50 -18.19
N VAL B 82 -14.99 -12.64 -17.19
CA VAL B 82 -13.86 -11.76 -17.04
C VAL B 82 -12.53 -12.53 -17.01
N ASN B 83 -11.52 -11.96 -17.68
CA ASN B 83 -10.15 -12.49 -17.65
C ASN B 83 -9.17 -11.39 -17.27
N HIS B 84 -8.21 -11.75 -16.43
CA HIS B 84 -7.17 -10.88 -15.86
C HIS B 84 -5.94 -11.76 -15.55
N VAL B 85 -4.75 -11.16 -15.43
CA VAL B 85 -3.50 -11.89 -15.19
C VAL B 85 -3.55 -12.69 -13.88
N THR B 86 -4.31 -12.21 -12.86
CA THR B 86 -4.47 -12.89 -11.56
C THR B 86 -5.30 -14.19 -11.65
N LEU B 87 -6.06 -14.37 -12.76
CA LEU B 87 -6.96 -15.51 -13.00
C LEU B 87 -6.35 -16.53 -13.95
N SER B 88 -6.31 -17.84 -13.55
CA SER B 88 -5.77 -18.94 -14.39
C SER B 88 -6.65 -19.13 -15.59
N GLN B 89 -7.97 -19.03 -15.38
CA GLN B 89 -8.98 -19.18 -16.41
C GLN B 89 -10.02 -18.08 -16.29
N PRO B 90 -10.72 -17.69 -17.39
CA PRO B 90 -11.77 -16.67 -17.27
C PRO B 90 -12.82 -17.06 -16.23
N LYS B 91 -13.28 -16.06 -15.49
CA LYS B 91 -14.29 -16.20 -14.45
C LYS B 91 -15.66 -15.85 -15.01
N ILE B 92 -16.63 -16.76 -14.85
CA ILE B 92 -18.01 -16.55 -15.30
C ILE B 92 -18.82 -16.24 -14.08
N VAL B 93 -19.36 -14.99 -14.02
CA VAL B 93 -20.12 -14.50 -12.87
C VAL B 93 -21.58 -14.35 -13.31
N LYS B 94 -22.48 -15.17 -12.73
CA LYS B 94 -23.90 -15.20 -13.09
C LYS B 94 -24.64 -13.99 -12.58
N TRP B 95 -25.68 -13.55 -13.31
CA TRP B 95 -26.56 -12.48 -12.84
C TRP B 95 -27.54 -13.18 -11.87
N ASP B 96 -27.63 -12.72 -10.61
CA ASP B 96 -28.44 -13.34 -9.54
C ASP B 96 -29.95 -13.43 -9.85
N MET C 1 3.07 -47.95 -5.53
CA MET C 1 1.72 -48.50 -5.72
C MET C 1 0.91 -47.65 -6.73
N ARG C 2 -0.39 -47.97 -6.92
CA ARG C 2 -1.32 -47.22 -7.77
C ARG C 2 -1.63 -45.85 -7.15
N THR C 3 -2.31 -44.93 -7.90
CA THR C 3 -2.77 -43.64 -7.35
C THR C 3 -3.84 -43.92 -6.28
N HIS C 4 -3.73 -43.23 -5.14
CA HIS C 4 -4.72 -43.34 -4.07
C HIS C 4 -5.08 -41.92 -3.57
N SER C 5 -6.28 -41.77 -2.98
CA SER C 5 -6.70 -40.49 -2.46
C SER C 5 -7.46 -40.62 -1.14
N LEU C 6 -7.43 -39.56 -0.35
CA LEU C 6 -8.20 -39.45 0.88
C LEU C 6 -9.00 -38.14 0.78
N ARG C 7 -10.30 -38.21 1.03
CA ARG C 7 -11.09 -37.00 1.03
CA ARG C 7 -11.13 -37.01 1.01
C ARG C 7 -12.21 -37.09 2.06
N TYR C 8 -12.61 -35.91 2.57
CA TYR C 8 -13.68 -35.75 3.55
C TYR C 8 -14.62 -34.73 3.00
N PHE C 9 -15.91 -35.02 3.10
CA PHE C 9 -17.02 -34.17 2.68
C PHE C 9 -17.81 -33.74 3.86
N ARG C 10 -18.40 -32.54 3.78
CA ARG C 10 -19.32 -32.00 4.76
C ARG C 10 -20.55 -31.53 3.99
N LEU C 11 -21.71 -31.82 4.50
CA LEU C 11 -22.96 -31.39 3.90
C LEU C 11 -23.78 -30.70 4.96
N GLY C 12 -24.22 -29.49 4.65
CA GLY C 12 -25.09 -28.67 5.51
C GLY C 12 -26.39 -28.33 4.80
N VAL C 13 -27.54 -28.47 5.49
CA VAL C 13 -28.89 -28.18 4.94
C VAL C 13 -29.59 -27.21 5.90
N SER C 14 -30.02 -26.05 5.40
CA SER C 14 -30.58 -24.97 6.25
C SER C 14 -31.98 -25.25 6.80
N ASP C 15 -32.86 -25.83 5.98
CA ASP C 15 -34.20 -26.13 6.47
C ASP C 15 -34.58 -27.57 6.05
N PRO C 16 -33.99 -28.62 6.69
CA PRO C 16 -34.31 -30.00 6.26
C PRO C 16 -35.74 -30.45 6.62
N ILE C 17 -36.31 -31.38 5.81
CA ILE C 17 -37.66 -31.96 6.02
C ILE C 17 -37.67 -32.92 7.24
N VAL C 20 -34.42 -36.09 8.92
CA VAL C 20 -33.41 -35.73 7.93
C VAL C 20 -32.33 -34.84 8.61
N PRO C 21 -31.02 -35.19 8.53
CA PRO C 21 -30.01 -34.40 9.25
C PRO C 21 -29.64 -33.08 8.58
N GLU C 22 -29.47 -32.05 9.41
CA GLU C 22 -29.03 -30.74 8.94
C GLU C 22 -27.53 -30.78 8.62
N PHE C 23 -26.78 -31.78 9.14
CA PHE C 23 -25.34 -31.89 8.88
C PHE C 23 -24.87 -33.33 8.71
N ILE C 24 -24.02 -33.60 7.71
CA ILE C 24 -23.44 -34.92 7.47
C ILE C 24 -21.98 -34.77 7.09
N SER C 25 -21.07 -35.64 7.59
CA SER C 25 -19.67 -35.61 7.14
C SER C 25 -19.17 -37.02 6.93
N VAL C 26 -18.66 -37.32 5.72
CA VAL C 26 -18.21 -38.66 5.35
C VAL C 26 -16.80 -38.58 4.75
N GLY C 27 -15.91 -39.49 5.17
CA GLY C 27 -14.58 -39.62 4.61
C GLY C 27 -14.51 -40.81 3.65
N TYR C 28 -13.64 -40.72 2.66
CA TYR C 28 -13.41 -41.82 1.69
C TYR C 28 -11.94 -42.05 1.49
N VAL C 29 -11.56 -43.29 1.18
CA VAL C 29 -10.24 -43.66 0.69
C VAL C 29 -10.55 -44.24 -0.70
N ASP C 30 -10.17 -43.54 -1.76
CA ASP C 30 -10.56 -43.85 -3.15
C ASP C 30 -12.09 -43.91 -3.20
N SER C 31 -12.71 -45.03 -3.65
CA SER C 31 -14.19 -45.10 -3.66
C SER C 31 -14.78 -45.66 -2.34
N HIS C 32 -13.93 -46.00 -1.37
CA HIS C 32 -14.43 -46.64 -0.14
C HIS C 32 -14.82 -45.68 0.99
N PRO C 33 -16.10 -45.69 1.44
CA PRO C 33 -16.43 -44.89 2.64
C PRO C 33 -15.61 -45.41 3.83
N ILE C 34 -15.04 -44.53 4.66
CA ILE C 34 -14.22 -44.97 5.79
C ILE C 34 -14.78 -44.50 7.13
N THR C 35 -15.47 -43.34 7.13
CA THR C 35 -16.01 -42.74 8.34
C THR C 35 -17.27 -42.04 8.03
N THR C 36 -18.14 -41.90 9.03
CA THR C 36 -19.37 -41.15 8.88
C THR C 36 -19.75 -40.46 10.19
N TYR C 37 -20.43 -39.33 10.05
CA TYR C 37 -20.93 -38.57 11.19
C TYR C 37 -22.16 -37.81 10.73
N ASP C 38 -23.17 -37.69 11.59
CA ASP C 38 -24.26 -36.80 11.24
C ASP C 38 -24.84 -36.17 12.50
N SER C 39 -25.66 -35.11 12.32
CA SER C 39 -26.29 -34.36 13.40
C SER C 39 -27.33 -35.17 14.17
N VAL C 40 -27.75 -36.36 13.67
CA VAL C 40 -28.72 -37.24 14.34
C VAL C 40 -27.95 -38.16 15.32
N THR C 41 -26.94 -38.90 14.84
CA THR C 41 -26.18 -39.80 15.74
C THR C 41 -25.25 -39.02 16.66
N ARG C 42 -24.63 -37.89 16.13
CA ARG C 42 -23.67 -37.02 16.82
C ARG C 42 -22.43 -37.85 17.23
N GLN C 43 -22.14 -38.92 16.47
CA GLN C 43 -21.03 -39.83 16.72
C GLN C 43 -20.27 -40.10 15.46
N LYS C 44 -18.94 -40.13 15.55
CA LYS C 44 -18.13 -40.51 14.40
C LYS C 44 -18.00 -42.04 14.46
N GLU C 45 -18.32 -42.71 13.35
CA GLU C 45 -18.31 -44.16 13.29
C GLU C 45 -17.55 -44.69 12.06
N PRO C 46 -16.88 -45.87 12.16
CA PRO C 46 -16.21 -46.43 10.97
C PRO C 46 -17.24 -46.89 9.91
N ARG C 47 -16.86 -46.87 8.63
CA ARG C 47 -17.70 -47.29 7.54
C ARG C 47 -16.98 -48.37 6.71
N ALA C 48 -15.83 -48.84 7.24
CA ALA C 48 -15.00 -49.91 6.72
C ALA C 48 -14.51 -50.75 7.91
N PRO C 49 -14.58 -52.10 7.81
CA PRO C 49 -14.15 -52.94 8.96
C PRO C 49 -12.69 -52.73 9.32
N TRP C 50 -11.83 -52.40 8.33
CA TRP C 50 -10.41 -52.19 8.54
C TRP C 50 -10.10 -50.83 9.19
N MET C 51 -11.10 -49.95 9.35
CA MET C 51 -10.97 -48.67 10.08
C MET C 51 -11.28 -48.93 11.57
N ALA C 52 -12.34 -49.72 11.83
CA ALA C 52 -12.81 -50.12 13.17
C ALA C 52 -11.73 -50.91 13.90
N GLU C 53 -11.04 -51.79 13.16
CA GLU C 53 -10.02 -52.70 13.64
C GLU C 53 -8.65 -52.07 13.82
N ASN C 54 -8.45 -50.79 13.47
CA ASN C 54 -7.10 -50.24 13.54
C ASN C 54 -6.98 -48.91 14.26
N LEU C 55 -8.12 -48.27 14.52
CA LEU C 55 -8.18 -47.02 15.25
C LEU C 55 -8.86 -47.32 16.56
N ALA C 56 -8.11 -47.08 17.68
CA ALA C 56 -8.57 -47.31 19.06
C ALA C 56 -9.74 -46.37 19.40
N PRO C 57 -10.55 -46.65 20.46
CA PRO C 57 -11.71 -45.77 20.74
C PRO C 57 -11.38 -44.30 20.97
N ASP C 58 -10.14 -43.96 21.41
CA ASP C 58 -9.68 -42.59 21.66
C ASP C 58 -9.80 -41.73 20.37
N HIS C 59 -9.54 -42.36 19.19
CA HIS C 59 -9.65 -41.71 17.89
C HIS C 59 -11.07 -41.28 17.63
N TRP C 60 -12.02 -42.24 17.70
CA TRP C 60 -13.45 -41.94 17.47
C TRP C 60 -14.03 -40.97 18.51
N GLU C 61 -13.57 -41.04 19.75
CA GLU C 61 -14.03 -40.15 20.84
C GLU C 61 -13.63 -38.71 20.59
N ARG C 62 -12.36 -38.49 20.21
CA ARG C 62 -11.80 -37.18 19.94
C ARG C 62 -12.42 -36.54 18.67
N TYR C 63 -12.52 -37.28 17.54
CA TYR C 63 -13.10 -36.70 16.31
C TYR C 63 -14.61 -36.53 16.41
N THR C 64 -15.27 -37.28 17.31
CA THR C 64 -16.69 -37.05 17.60
C THR C 64 -16.86 -35.61 18.19
N GLN C 65 -16.00 -35.23 19.15
CA GLN C 65 -16.01 -33.86 19.74
C GLN C 65 -15.71 -32.79 18.68
N LEU C 66 -14.69 -33.02 17.83
CA LEU C 66 -14.30 -32.04 16.79
C LEU C 66 -15.42 -31.87 15.77
N LEU C 67 -16.11 -32.98 15.43
CA LEU C 67 -17.22 -32.98 14.46
C LEU C 67 -18.44 -32.29 15.01
N ARG C 68 -18.62 -32.36 16.33
CA ARG C 68 -19.72 -31.63 16.99
C ARG C 68 -19.49 -30.12 16.85
N GLY C 69 -18.23 -29.68 16.92
CA GLY C 69 -17.86 -28.27 16.74
C GLY C 69 -17.92 -27.86 15.28
N TRP C 70 -17.45 -28.76 14.38
CA TRP C 70 -17.47 -28.51 12.94
C TRP C 70 -18.89 -28.38 12.43
N GLN C 71 -19.82 -29.16 13.01
CA GLN C 71 -21.25 -29.11 12.68
C GLN C 71 -21.82 -27.71 12.98
N GLN C 72 -21.54 -27.17 14.19
CA GLN C 72 -22.00 -25.85 14.61
C GLN C 72 -21.41 -24.77 13.71
N MET C 73 -20.11 -24.88 13.41
CA MET C 73 -19.45 -23.92 12.53
C MET C 73 -20.10 -23.93 11.15
N PHE C 74 -20.45 -25.15 10.63
CA PHE C 74 -21.08 -25.28 9.33
C PHE C 74 -22.42 -24.57 9.27
N LYS C 75 -23.23 -24.72 10.30
CA LYS C 75 -24.53 -24.09 10.44
C LYS C 75 -24.42 -22.54 10.41
N VAL C 76 -23.49 -21.98 11.23
CA VAL C 76 -23.22 -20.54 11.34
C VAL C 76 -22.77 -19.98 9.96
N GLU C 77 -21.92 -20.72 9.25
CA GLU C 77 -21.45 -20.31 7.92
C GLU C 77 -22.56 -20.38 6.85
N LEU C 78 -23.49 -21.37 6.96
CA LEU C 78 -24.63 -21.50 6.01
C LEU C 78 -25.61 -20.35 6.22
N LYS C 79 -25.94 -20.06 7.47
CA LYS C 79 -26.81 -18.96 7.88
C LYS C 79 -26.30 -17.61 7.30
N ARG C 80 -24.97 -17.36 7.34
CA ARG C 80 -24.32 -16.16 6.83
C ARG C 80 -24.48 -16.02 5.32
N LEU C 81 -24.22 -17.10 4.57
CA LEU C 81 -24.33 -17.15 3.10
C LEU C 81 -25.74 -16.86 2.65
N GLN C 82 -26.73 -17.43 3.34
CA GLN C 82 -28.14 -17.20 3.05
C GLN C 82 -28.56 -15.76 3.37
N ARG C 83 -27.86 -15.09 4.32
CA ARG C 83 -28.09 -13.68 4.61
C ARG C 83 -27.47 -12.82 3.46
N HIS C 84 -26.22 -13.10 3.04
CA HIS C 84 -25.57 -12.35 1.96
C HIS C 84 -26.31 -12.54 0.65
N TYR C 85 -26.83 -13.76 0.40
CA TYR C 85 -27.59 -14.04 -0.83
C TYR C 85 -29.02 -13.53 -0.75
N ASN C 86 -29.51 -13.30 0.50
CA ASN C 86 -30.87 -12.90 0.87
C ASN C 86 -31.84 -13.99 0.33
N HIS C 87 -31.56 -15.24 0.71
CA HIS C 87 -32.29 -16.41 0.24
C HIS C 87 -33.21 -16.98 1.27
N SER C 88 -34.43 -17.30 0.86
CA SER C 88 -35.41 -17.95 1.73
C SER C 88 -35.44 -19.45 1.38
N GLY C 89 -35.97 -20.26 2.29
CA GLY C 89 -36.10 -21.70 2.10
C GLY C 89 -34.91 -22.52 2.54
N SER C 90 -34.80 -23.74 1.99
CA SER C 90 -33.72 -24.67 2.30
C SER C 90 -32.64 -24.60 1.25
N HIS C 91 -31.41 -24.34 1.72
CA HIS C 91 -30.23 -24.24 0.88
C HIS C 91 -29.14 -25.19 1.40
N THR C 92 -28.16 -25.53 0.55
CA THR C 92 -27.10 -26.44 0.95
C THR C 92 -25.75 -25.78 0.84
N TYR C 93 -24.89 -26.20 1.76
CA TYR C 93 -23.51 -25.82 1.87
C TYR C 93 -22.71 -27.11 1.92
N GLN C 94 -21.63 -27.19 1.14
CA GLN C 94 -20.77 -28.37 1.06
C GLN C 94 -19.32 -27.98 1.09
N ARG C 95 -18.52 -28.87 1.62
CA ARG C 95 -17.07 -28.77 1.69
C ARG C 95 -16.47 -30.07 1.24
N MET C 96 -15.36 -30.01 0.52
CA MET C 96 -14.57 -31.18 0.19
C MET C 96 -13.12 -30.85 0.44
N ILE C 97 -12.44 -31.71 1.21
CA ILE C 97 -11.00 -31.57 1.48
C ILE C 97 -10.34 -32.89 1.18
N GLY C 98 -9.10 -32.86 0.71
CA GLY C 98 -8.41 -34.10 0.43
C GLY C 98 -7.08 -33.97 -0.24
N CYS C 99 -6.49 -35.13 -0.52
CA CYS C 99 -5.18 -35.23 -1.12
C CYS C 99 -5.07 -36.52 -1.94
N GLU C 100 -4.11 -36.56 -2.87
CA GLU C 100 -3.80 -37.75 -3.65
C GLU C 100 -2.30 -38.07 -3.54
N LEU C 101 -2.00 -39.35 -3.49
CA LEU C 101 -0.64 -39.86 -3.51
C LEU C 101 -0.54 -40.54 -4.88
N LEU C 102 0.09 -39.89 -5.85
CA LEU C 102 0.18 -40.43 -7.23
C LEU C 102 1.21 -41.55 -7.31
N GLU C 103 1.03 -42.48 -8.29
CA GLU C 103 1.92 -43.63 -8.50
C GLU C 103 3.42 -43.23 -8.56
N ASP C 104 3.76 -42.09 -9.22
CA ASP C 104 5.15 -41.62 -9.35
C ASP C 104 5.76 -41.09 -8.02
N GLY C 105 4.91 -40.91 -6.99
CA GLY C 105 5.34 -40.42 -5.68
C GLY C 105 5.03 -38.95 -5.39
N SER C 106 4.53 -38.22 -6.42
CA SER C 106 4.12 -36.81 -6.26
C SER C 106 2.75 -36.74 -5.53
N THR C 107 2.37 -35.58 -5.01
CA THR C 107 1.10 -35.46 -4.31
C THR C 107 0.27 -34.24 -4.80
N THR C 108 -1.03 -34.27 -4.54
CA THR C 108 -1.97 -33.16 -4.79
C THR C 108 -2.75 -32.96 -3.49
N GLY C 109 -3.26 -31.74 -3.30
CA GLY C 109 -4.03 -31.34 -2.13
C GLY C 109 -5.08 -30.34 -2.55
N PHE C 110 -6.30 -30.49 -2.06
CA PHE C 110 -7.40 -29.61 -2.49
C PHE C 110 -8.39 -29.37 -1.35
N LEU C 111 -9.04 -28.20 -1.37
CA LEU C 111 -10.06 -27.74 -0.44
C LEU C 111 -10.98 -26.81 -1.24
N GLN C 112 -12.26 -27.10 -1.18
CA GLN C 112 -13.32 -26.46 -1.97
C GLN C 112 -14.57 -26.37 -1.19
N TYR C 113 -15.40 -25.36 -1.46
CA TYR C 113 -16.72 -25.17 -0.86
C TYR C 113 -17.74 -24.98 -1.98
N ALA C 114 -19.00 -25.33 -1.70
CA ALA C 114 -20.05 -25.15 -2.68
C ALA C 114 -21.30 -24.64 -2.02
N TYR C 115 -22.05 -23.79 -2.74
CA TYR C 115 -23.35 -23.29 -2.30
C TYR C 115 -24.43 -23.80 -3.29
N ASP C 116 -25.47 -24.49 -2.80
CA ASP C 116 -26.54 -25.07 -3.66
C ASP C 116 -25.97 -25.95 -4.79
N GLY C 117 -24.94 -26.72 -4.45
CA GLY C 117 -24.27 -27.66 -5.34
C GLY C 117 -23.37 -27.06 -6.37
N GLN C 118 -23.11 -25.74 -6.29
CA GLN C 118 -22.21 -25.10 -7.27
C GLN C 118 -20.97 -24.57 -6.56
N ASP C 119 -19.81 -24.58 -7.27
CA ASP C 119 -18.55 -24.06 -6.73
C ASP C 119 -18.78 -22.69 -6.15
N PHE C 120 -18.21 -22.43 -4.97
CA PHE C 120 -18.38 -21.17 -4.27
C PHE C 120 -17.00 -20.58 -3.96
N LEU C 121 -16.13 -21.35 -3.28
CA LEU C 121 -14.77 -20.92 -2.94
C LEU C 121 -13.81 -22.06 -3.14
N ILE C 122 -12.69 -21.84 -3.83
CA ILE C 122 -11.73 -22.92 -4.09
C ILE C 122 -10.37 -22.46 -3.57
N PHE C 123 -9.71 -23.28 -2.76
CA PHE C 123 -8.43 -22.89 -2.18
C PHE C 123 -7.26 -23.15 -3.11
N ASN C 124 -6.32 -22.21 -3.17
CA ASN C 124 -5.09 -22.42 -3.92
C ASN C 124 -3.98 -22.44 -2.87
N LYS C 125 -3.42 -23.65 -2.52
CA LYS C 125 -2.42 -23.80 -1.46
C LYS C 125 -0.99 -23.34 -1.90
N ASP C 126 -0.83 -23.00 -3.18
CA ASP C 126 0.46 -22.53 -3.66
C ASP C 126 0.55 -21.02 -3.53
N THR C 127 -0.50 -20.30 -3.94
CA THR C 127 -0.54 -18.84 -3.86
C THR C 127 -1.18 -18.42 -2.54
N LEU C 128 -1.59 -19.42 -1.70
CA LEU C 128 -2.26 -19.24 -0.40
C LEU C 128 -3.37 -18.19 -0.50
N SER C 129 -4.40 -18.50 -1.30
CA SER C 129 -5.53 -17.60 -1.54
C SER C 129 -6.77 -18.38 -1.91
N TRP C 130 -7.92 -17.69 -1.86
CA TRP C 130 -9.21 -18.27 -2.19
C TRP C 130 -9.77 -17.69 -3.45
N LEU C 131 -10.21 -18.56 -4.38
CA LEU C 131 -10.87 -18.14 -5.58
C LEU C 131 -12.37 -18.05 -5.31
N ALA C 132 -12.95 -16.84 -5.48
CA ALA C 132 -14.37 -16.58 -5.28
C ALA C 132 -15.10 -16.62 -6.63
N VAL C 133 -16.31 -17.21 -6.70
CA VAL C 133 -17.07 -17.35 -7.96
C VAL C 133 -17.98 -16.16 -8.20
N ASP C 134 -18.35 -15.49 -7.13
CA ASP C 134 -19.23 -14.32 -7.18
C ASP C 134 -18.89 -13.35 -6.06
N ASN C 135 -19.71 -12.30 -5.93
CA ASN C 135 -19.50 -11.25 -4.97
C ASN C 135 -19.83 -11.64 -3.52
N VAL C 136 -20.68 -12.66 -3.30
CA VAL C 136 -20.95 -13.14 -1.93
C VAL C 136 -19.69 -13.89 -1.45
N ALA C 137 -19.12 -14.71 -2.33
CA ALA C 137 -17.91 -15.48 -2.11
C ALA C 137 -16.70 -14.55 -1.93
N HIS C 138 -16.67 -13.42 -2.68
CA HIS C 138 -15.63 -12.38 -2.62
C HIS C 138 -15.60 -11.78 -1.22
N THR C 139 -16.78 -11.56 -0.64
CA THR C 139 -16.92 -11.07 0.72
C THR C 139 -16.33 -12.09 1.75
N ILE C 140 -16.56 -13.42 1.55
CA ILE C 140 -16.03 -14.45 2.48
C ILE C 140 -14.53 -14.58 2.28
N LYS C 141 -14.07 -14.51 1.02
CA LYS C 141 -12.67 -14.55 0.65
C LYS C 141 -11.87 -13.48 1.43
N GLN C 142 -12.39 -12.24 1.57
CA GLN C 142 -11.68 -11.15 2.29
C GLN C 142 -11.54 -11.49 3.76
N ALA C 143 -12.60 -11.98 4.43
CA ALA C 143 -12.53 -12.34 5.85
C ALA C 143 -11.60 -13.54 6.08
N TRP C 144 -11.61 -14.54 5.18
CA TRP C 144 -10.75 -15.74 5.33
C TRP C 144 -9.29 -15.43 5.02
N GLU C 145 -9.03 -14.59 4.02
CA GLU C 145 -7.67 -14.22 3.67
C GLU C 145 -7.07 -13.26 4.72
N ALA C 146 -7.92 -12.57 5.51
CA ALA C 146 -7.48 -11.70 6.60
C ALA C 146 -6.69 -12.50 7.66
N ASN C 147 -7.03 -13.80 7.83
CA ASN C 147 -6.42 -14.73 8.78
C ASN C 147 -5.37 -15.55 8.05
N GLN C 148 -4.20 -14.95 7.83
CA GLN C 148 -3.10 -15.57 7.12
C GLN C 148 -2.59 -16.90 7.79
N HIS C 149 -2.60 -17.01 9.13
CA HIS C 149 -2.15 -18.23 9.83
C HIS C 149 -3.03 -19.45 9.56
N GLU C 150 -4.32 -19.23 9.31
CA GLU C 150 -5.27 -20.29 8.98
C GLU C 150 -4.98 -20.84 7.59
N LEU C 151 -4.57 -19.97 6.63
CA LEU C 151 -4.25 -20.46 5.28
C LEU C 151 -2.99 -21.32 5.31
N LEU C 152 -1.95 -20.89 6.07
CA LEU C 152 -0.68 -21.60 6.26
C LEU C 152 -0.95 -22.92 6.93
N TYR C 153 -1.87 -22.97 7.93
CA TYR C 153 -2.25 -24.21 8.60
C TYR C 153 -2.82 -25.22 7.57
N GLN C 154 -3.72 -24.75 6.69
CA GLN C 154 -4.42 -25.53 5.66
C GLN C 154 -3.43 -26.08 4.67
N LYS C 155 -2.46 -25.24 4.24
CA LYS C 155 -1.42 -25.70 3.33
C LYS C 155 -0.65 -26.89 3.97
N ASN C 156 -0.19 -26.74 5.23
CA ASN C 156 0.53 -27.82 5.93
C ASN C 156 -0.35 -29.05 6.09
N TRP C 157 -1.65 -28.86 6.34
CA TRP C 157 -2.55 -30.00 6.54
C TRP C 157 -2.65 -30.81 5.24
N LEU C 158 -2.87 -30.13 4.12
CA LEU C 158 -3.03 -30.78 2.83
C LEU C 158 -1.75 -31.45 2.35
N GLU C 159 -0.59 -30.78 2.50
CA GLU C 159 0.67 -31.30 1.99
C GLU C 159 1.30 -32.34 2.90
N GLU C 160 1.09 -32.24 4.22
CA GLU C 160 1.76 -33.14 5.15
C GLU C 160 0.83 -34.06 5.92
N GLU C 161 -0.11 -33.49 6.67
CA GLU C 161 -1.03 -34.27 7.51
C GLU C 161 -1.91 -35.21 6.69
N CYS C 162 -2.55 -34.69 5.65
CA CYS C 162 -3.42 -35.49 4.79
C CYS C 162 -2.68 -36.70 4.20
N ILE C 163 -1.48 -36.49 3.64
CA ILE C 163 -0.67 -37.55 3.02
C ILE C 163 -0.29 -38.60 4.11
N ALA C 164 0.06 -38.17 5.33
CA ALA C 164 0.41 -39.11 6.41
C ALA C 164 -0.83 -39.94 6.81
N TRP C 165 -2.01 -39.33 6.84
CA TRP C 165 -3.25 -40.04 7.15
C TRP C 165 -3.53 -41.09 6.06
N LEU C 166 -3.38 -40.69 4.78
CA LEU C 166 -3.63 -41.55 3.62
C LEU C 166 -2.70 -42.76 3.64
N LYS C 167 -1.39 -42.59 3.90
CA LYS C 167 -0.45 -43.72 3.99
C LYS C 167 -0.81 -44.65 5.15
N ARG C 168 -1.38 -44.13 6.27
CA ARG C 168 -1.82 -44.93 7.43
C ARG C 168 -3.01 -45.79 7.03
N PHE C 169 -4.03 -45.18 6.43
CA PHE C 169 -5.26 -45.86 6.05
C PHE C 169 -5.03 -46.89 4.91
N LEU C 170 -4.09 -46.61 3.99
CA LEU C 170 -3.69 -47.45 2.86
C LEU C 170 -3.12 -48.77 3.39
N GLU C 171 -2.31 -48.70 4.46
CA GLU C 171 -1.73 -49.85 5.11
C GLU C 171 -2.84 -50.63 5.89
N TYR C 172 -3.75 -49.93 6.63
CA TYR C 172 -4.85 -50.58 7.37
C TYR C 172 -5.72 -51.41 6.43
N GLY C 173 -6.08 -50.86 5.27
CA GLY C 173 -6.92 -51.53 4.28
C GLY C 173 -6.19 -52.10 3.07
N LYS C 174 -4.91 -52.47 3.22
CA LYS C 174 -4.06 -52.97 2.13
C LYS C 174 -4.71 -54.14 1.38
N ASP C 175 -5.39 -55.07 2.11
CA ASP C 175 -6.05 -56.25 1.53
C ASP C 175 -7.22 -55.89 0.62
N THR C 176 -7.90 -54.77 0.90
CA THR C 176 -9.01 -54.32 0.10
C THR C 176 -8.51 -53.38 -1.03
N LEU C 177 -7.75 -52.34 -0.67
CA LEU C 177 -7.32 -51.25 -1.52
C LEU C 177 -6.18 -51.54 -2.49
N GLN C 178 -5.29 -52.49 -2.14
CA GLN C 178 -4.10 -52.76 -2.94
C GLN C 178 -4.20 -54.04 -3.80
N ARG C 179 -5.35 -54.73 -3.75
CA ARG C 179 -5.62 -55.95 -4.51
C ARG C 179 -6.01 -55.62 -5.97
N THR C 180 -5.98 -56.64 -6.86
CA THR C 180 -6.47 -56.47 -8.23
C THR C 180 -7.22 -57.74 -8.65
N GLU C 181 -8.49 -57.53 -9.05
CA GLU C 181 -9.41 -58.54 -9.59
C GLU C 181 -9.58 -58.22 -11.08
N PRO C 182 -9.07 -59.06 -12.02
CA PRO C 182 -9.10 -58.68 -13.45
C PRO C 182 -10.50 -58.67 -14.07
N PRO C 183 -10.77 -57.85 -15.10
CA PRO C 183 -12.13 -57.85 -15.68
C PRO C 183 -12.44 -59.15 -16.44
N LEU C 184 -13.72 -59.51 -16.45
CA LEU C 184 -14.25 -60.61 -17.24
C LEU C 184 -15.00 -59.93 -18.34
N VAL C 185 -14.43 -59.90 -19.57
CA VAL C 185 -14.96 -59.12 -20.71
C VAL C 185 -15.60 -60.03 -21.80
N ARG C 186 -16.75 -59.59 -22.35
CA ARG C 186 -17.50 -60.27 -23.40
C ARG C 186 -18.12 -59.24 -24.39
N VAL C 187 -18.48 -59.68 -25.63
CA VAL C 187 -19.06 -58.87 -26.71
C VAL C 187 -20.46 -59.43 -27.11
N ASN C 188 -21.43 -58.52 -27.30
CA ASN C 188 -22.83 -58.78 -27.67
C ASN C 188 -23.24 -57.97 -28.88
N ARG C 189 -24.37 -58.35 -29.52
CA ARG C 189 -24.93 -57.67 -30.68
C ARG C 189 -26.36 -57.24 -30.38
N ALA C 198 -25.70 -52.87 -33.26
CA ALA C 198 -24.73 -52.25 -32.35
C ALA C 198 -23.96 -53.28 -31.49
N LEU C 199 -22.62 -53.18 -31.51
CA LEU C 199 -21.75 -54.09 -30.76
C LEU C 199 -21.55 -53.58 -29.33
N PHE C 200 -21.96 -54.39 -28.34
CA PHE C 200 -21.81 -54.04 -26.94
C PHE C 200 -20.62 -54.75 -26.31
N CYS C 201 -19.65 -53.98 -25.80
CA CYS C 201 -18.51 -54.55 -25.09
C CYS C 201 -18.80 -54.45 -23.58
N LYS C 202 -18.80 -55.60 -22.85
CA LYS C 202 -19.17 -55.63 -21.42
C LYS C 202 -18.13 -56.33 -20.55
N ALA C 203 -17.68 -55.61 -19.48
CA ALA C 203 -16.73 -56.10 -18.45
C ALA C 203 -17.38 -56.07 -17.08
N HIS C 204 -17.07 -57.04 -16.23
CA HIS C 204 -17.59 -57.13 -14.86
C HIS C 204 -16.57 -57.86 -13.97
N GLY C 205 -16.79 -57.79 -12.66
CA GLY C 205 -15.98 -58.46 -11.64
C GLY C 205 -14.58 -57.93 -11.42
N PHE C 206 -14.31 -56.67 -11.80
CA PHE C 206 -12.96 -56.13 -11.64
C PHE C 206 -12.83 -55.13 -10.48
N TYR C 207 -11.60 -54.99 -10.02
CA TYR C 207 -11.17 -54.10 -8.96
C TYR C 207 -9.72 -53.82 -9.19
N PRO C 208 -9.24 -52.55 -9.12
CA PRO C 208 -9.95 -51.29 -8.78
C PRO C 208 -11.01 -50.88 -9.81
N PRO C 209 -11.89 -49.88 -9.51
CA PRO C 209 -12.91 -49.49 -10.51
C PRO C 209 -12.35 -48.76 -11.76
N GLU C 210 -11.11 -48.27 -11.72
CA GLU C 210 -10.48 -47.57 -12.86
C GLU C 210 -10.22 -48.53 -14.03
N ILE C 211 -10.97 -48.30 -15.12
CA ILE C 211 -10.88 -49.09 -16.35
C ILE C 211 -11.07 -48.20 -17.60
N TYR C 212 -10.39 -48.58 -18.70
CA TYR C 212 -10.52 -47.92 -20.00
C TYR C 212 -11.02 -48.95 -21.04
N MET C 213 -12.27 -48.80 -21.45
CA MET C 213 -12.91 -49.62 -22.48
C MET C 213 -13.25 -48.75 -23.69
N THR C 214 -12.73 -49.14 -24.87
CA THR C 214 -13.01 -48.42 -26.10
C THR C 214 -13.20 -49.42 -27.28
N TRP C 215 -13.75 -48.90 -28.39
CA TRP C 215 -13.91 -49.65 -29.61
C TRP C 215 -12.94 -49.13 -30.68
N MET C 216 -12.45 -50.02 -31.53
CA MET C 216 -11.55 -49.64 -32.61
C MET C 216 -12.05 -50.26 -33.91
N LYS C 217 -12.04 -49.47 -35.01
CA LYS C 217 -12.47 -49.89 -36.35
C LYS C 217 -11.28 -49.84 -37.29
N ASN C 218 -10.77 -51.04 -37.68
CA ASN C 218 -9.61 -51.25 -38.58
C ASN C 218 -8.35 -50.54 -38.01
N GLY C 219 -8.19 -50.60 -36.68
CA GLY C 219 -7.06 -50.00 -35.95
C GLY C 219 -7.20 -48.57 -35.47
N GLU C 220 -8.43 -48.01 -35.46
CA GLU C 220 -8.71 -46.64 -35.01
C GLU C 220 -10.15 -46.50 -34.50
N ILE C 226 -18.51 -43.69 -30.43
CA ILE C 226 -18.52 -44.63 -29.31
C ILE C 226 -19.39 -44.09 -28.17
N ASP C 227 -20.21 -44.99 -27.58
CA ASP C 227 -21.06 -44.70 -26.44
C ASP C 227 -20.45 -45.36 -25.20
N TYR C 228 -19.97 -44.55 -24.25
CA TYR C 228 -19.32 -45.06 -23.04
C TYR C 228 -20.32 -45.15 -21.88
N GLY C 229 -20.35 -46.31 -21.25
CA GLY C 229 -21.17 -46.56 -20.08
C GLY C 229 -20.37 -46.28 -18.82
N ASP C 230 -21.04 -45.91 -17.73
CA ASP C 230 -20.33 -45.61 -16.47
C ASP C 230 -19.80 -46.87 -15.82
N ILE C 231 -18.74 -46.73 -15.02
CA ILE C 231 -18.21 -47.78 -14.16
C ILE C 231 -19.21 -47.83 -13.00
N LEU C 232 -19.88 -48.98 -12.84
CA LEU C 232 -20.92 -49.11 -11.84
C LEU C 232 -20.57 -50.17 -10.79
N PRO C 233 -20.88 -49.92 -9.49
CA PRO C 233 -20.59 -50.92 -8.46
C PRO C 233 -21.50 -52.12 -8.60
N SER C 234 -20.93 -53.33 -8.61
CA SER C 234 -21.76 -54.54 -8.72
C SER C 234 -22.47 -54.87 -7.38
N GLY C 235 -21.93 -54.39 -6.26
CA GLY C 235 -22.51 -54.59 -4.94
C GLY C 235 -21.72 -55.53 -4.04
N ASP C 236 -20.72 -56.23 -4.60
CA ASP C 236 -19.87 -57.20 -3.88
C ASP C 236 -18.43 -56.67 -3.71
N GLY C 237 -18.22 -55.37 -3.98
CA GLY C 237 -16.90 -54.75 -3.92
C GLY C 237 -16.18 -54.74 -5.26
N THR C 238 -16.86 -55.22 -6.33
CA THR C 238 -16.28 -55.25 -7.67
C THR C 238 -17.16 -54.42 -8.54
N TYR C 239 -16.66 -54.10 -9.75
CA TYR C 239 -17.36 -53.17 -10.64
C TYR C 239 -17.62 -53.78 -12.02
N GLN C 240 -18.51 -53.11 -12.77
CA GLN C 240 -18.87 -53.48 -14.12
C GLN C 240 -18.95 -52.21 -15.01
N ALA C 241 -18.64 -52.36 -16.29
CA ALA C 241 -18.69 -51.27 -17.25
C ALA C 241 -18.97 -51.78 -18.66
N TRP C 242 -19.30 -50.87 -19.57
CA TRP C 242 -19.55 -51.19 -20.96
C TRP C 242 -19.18 -50.02 -21.88
N ALA C 243 -19.20 -50.29 -23.19
CA ALA C 243 -18.93 -49.40 -24.30
C ALA C 243 -19.58 -50.01 -25.55
N SER C 244 -20.47 -49.24 -26.22
CA SER C 244 -21.15 -49.70 -27.44
C SER C 244 -20.75 -48.89 -28.68
N ILE C 245 -20.80 -49.52 -29.87
CA ILE C 245 -20.51 -48.93 -31.18
C ILE C 245 -21.47 -49.51 -32.24
N SER C 252 -18.02 -53.39 -44.76
CA SER C 252 -17.48 -54.28 -43.75
C SER C 252 -16.22 -53.69 -43.10
N ASN C 253 -16.07 -53.88 -41.77
CA ASN C 253 -14.93 -53.40 -40.99
C ASN C 253 -14.55 -54.37 -39.88
N LEU C 254 -13.27 -54.38 -39.53
CA LEU C 254 -12.72 -55.21 -38.47
C LEU C 254 -12.87 -54.45 -37.13
N TYR C 255 -13.91 -54.80 -36.35
CA TYR C 255 -14.15 -54.17 -35.04
C TYR C 255 -13.48 -54.94 -33.92
N SER C 256 -12.86 -54.21 -32.98
CA SER C 256 -12.22 -54.81 -31.80
C SER C 256 -12.51 -53.99 -30.53
N CYS C 257 -12.77 -54.68 -29.38
CA CYS C 257 -12.95 -54.01 -28.10
C CYS C 257 -11.64 -54.03 -27.36
N HIS C 258 -11.17 -52.84 -26.93
CA HIS C 258 -9.92 -52.66 -26.19
C HIS C 258 -10.23 -52.32 -24.72
N VAL C 259 -9.64 -53.08 -23.79
CA VAL C 259 -9.88 -52.93 -22.34
C VAL C 259 -8.52 -52.82 -21.63
N GLU C 260 -8.31 -51.74 -20.86
CA GLU C 260 -7.09 -51.59 -20.09
C GLU C 260 -7.47 -51.50 -18.63
N HIS C 261 -6.86 -52.33 -17.80
CA HIS C 261 -7.10 -52.41 -16.36
C HIS C 261 -5.83 -52.86 -15.66
N SER C 262 -5.38 -52.08 -14.65
CA SER C 262 -4.18 -52.29 -13.80
C SER C 262 -2.94 -52.72 -14.58
N GLY C 263 -2.64 -52.02 -15.67
CA GLY C 263 -1.46 -52.30 -16.48
C GLY C 263 -1.57 -53.56 -17.34
N VAL C 264 -2.80 -53.99 -17.66
CA VAL C 264 -3.01 -55.14 -18.51
C VAL C 264 -3.97 -54.71 -19.62
N HIS C 265 -3.58 -54.94 -20.90
CA HIS C 265 -4.42 -54.58 -22.06
C HIS C 265 -5.05 -55.83 -22.62
N MET C 266 -6.31 -55.72 -23.04
CA MET C 266 -7.11 -56.81 -23.60
C MET C 266 -7.75 -56.39 -24.90
N VAL C 267 -7.72 -57.27 -25.92
CA VAL C 267 -8.33 -57.02 -27.22
C VAL C 267 -9.28 -58.16 -27.54
N LEU C 268 -10.55 -57.85 -27.79
CA LEU C 268 -11.55 -58.82 -28.23
C LEU C 268 -11.96 -58.49 -29.69
N GLN C 269 -11.54 -59.32 -30.66
CA GLN C 269 -11.88 -59.14 -32.09
C GLN C 269 -13.27 -59.65 -32.42
N VAL C 270 -14.01 -58.92 -33.27
CA VAL C 270 -15.37 -59.29 -33.69
C VAL C 270 -15.31 -59.88 -35.10
N GLY D 1 0.44 -36.48 20.93
CA GLY D 1 1.86 -36.50 20.64
C GLY D 1 2.64 -37.35 21.63
N GLN D 2 3.73 -36.77 22.23
CA GLN D 2 4.58 -37.50 23.18
C GLN D 2 5.34 -36.52 24.07
N ASN D 3 6.35 -35.78 23.54
CA ASN D 3 7.09 -34.87 24.41
C ASN D 3 7.57 -33.58 23.74
N ILE D 4 7.69 -32.56 24.56
CA ILE D 4 8.14 -31.22 24.24
C ILE D 4 9.20 -30.88 25.26
N ASP D 5 10.36 -30.41 24.81
CA ASP D 5 11.42 -30.07 25.75
C ASP D 5 11.92 -28.65 25.56
N GLN D 6 12.12 -27.94 26.66
CA GLN D 6 12.64 -26.60 26.59
C GLN D 6 13.47 -26.35 27.85
N PRO D 7 14.56 -25.53 27.80
CA PRO D 7 15.35 -25.27 29.02
C PRO D 7 14.49 -24.76 30.17
N THR D 8 14.80 -25.16 31.41
CA THR D 8 14.03 -24.72 32.59
C THR D 8 14.18 -23.21 32.83
N GLU D 9 15.40 -22.69 32.71
CA GLU D 9 15.67 -21.30 33.01
C GLU D 9 16.76 -20.72 32.13
N MET D 10 16.66 -19.44 31.82
CA MET D 10 17.69 -18.71 31.08
C MET D 10 17.88 -17.36 31.72
N THR D 11 19.13 -16.86 31.72
CA THR D 11 19.49 -15.57 32.28
C THR D 11 20.28 -14.83 31.21
N ALA D 12 19.87 -13.58 30.92
CA ALA D 12 20.52 -12.72 29.94
C ALA D 12 20.52 -11.28 30.45
N THR D 13 21.30 -10.39 29.81
CA THR D 13 21.40 -9.03 30.30
C THR D 13 20.46 -8.09 29.54
N GLU D 14 19.95 -7.07 30.23
CA GLU D 14 19.14 -6.04 29.64
C GLU D 14 19.85 -5.48 28.40
N GLY D 15 19.12 -5.37 27.29
CA GLY D 15 19.61 -4.82 26.03
C GLY D 15 20.15 -5.86 25.07
N ALA D 16 20.42 -7.08 25.59
CA ALA D 16 20.99 -8.13 24.77
C ALA D 16 19.90 -8.96 24.07
N ILE D 17 20.30 -10.03 23.38
CA ILE D 17 19.46 -10.95 22.61
C ILE D 17 19.45 -12.30 23.32
N VAL D 18 18.30 -12.99 23.35
CA VAL D 18 18.16 -14.30 23.98
C VAL D 18 17.35 -15.21 23.01
N GLN D 19 17.77 -16.49 22.88
CA GLN D 19 17.10 -17.47 22.01
C GLN D 19 16.57 -18.56 22.87
N ILE D 20 15.25 -18.76 22.89
CA ILE D 20 14.63 -19.80 23.72
C ILE D 20 14.24 -20.92 22.81
N ASN D 21 14.82 -22.10 23.04
CA ASN D 21 14.64 -23.29 22.22
C ASN D 21 13.57 -24.22 22.69
N CYS D 22 12.97 -24.93 21.76
CA CYS D 22 11.89 -25.87 22.01
C CYS D 22 11.99 -26.99 21.00
N THR D 23 12.15 -28.23 21.45
CA THR D 23 12.19 -29.40 20.54
C THR D 23 11.00 -30.22 20.85
N TYR D 24 10.40 -30.86 19.85
CA TYR D 24 9.19 -31.63 20.09
C TYR D 24 9.20 -32.92 19.29
N GLN D 25 8.57 -33.96 19.84
CA GLN D 25 8.37 -35.26 19.20
C GLN D 25 6.92 -35.56 19.42
N THR D 26 6.12 -35.43 18.37
CA THR D 26 4.67 -35.58 18.50
C THR D 26 4.12 -36.50 17.44
N SER D 27 2.88 -36.94 17.65
CA SER D 27 2.17 -37.79 16.70
C SER D 27 1.46 -36.85 15.75
N GLY D 28 2.21 -36.39 14.75
CA GLY D 28 1.72 -35.45 13.76
C GLY D 28 1.94 -34.02 14.19
N PHE D 29 1.65 -33.06 13.30
CA PHE D 29 1.93 -31.67 13.57
C PHE D 29 0.96 -30.76 12.86
N ASN D 30 0.27 -29.87 13.63
CA ASN D 30 -0.70 -28.89 13.12
C ASN D 30 -0.34 -27.47 13.57
N GLY D 31 0.89 -27.29 14.05
CA GLY D 31 1.39 -25.97 14.44
C GLY D 31 2.08 -25.88 15.78
N LEU D 32 2.93 -24.86 15.93
CA LEU D 32 3.67 -24.65 17.18
C LEU D 32 3.39 -23.23 17.70
N PHE D 33 3.00 -23.14 18.98
CA PHE D 33 2.66 -21.88 19.62
C PHE D 33 3.69 -21.47 20.67
N TRP D 34 3.84 -20.15 20.87
CA TRP D 34 4.60 -19.62 21.99
C TRP D 34 3.64 -18.77 22.81
N TYR D 35 3.71 -18.90 24.14
CA TYR D 35 2.93 -18.09 25.07
C TYR D 35 3.87 -17.46 26.06
N GLN D 36 3.54 -16.21 26.50
CA GLN D 36 4.22 -15.49 27.55
C GLN D 36 3.40 -15.61 28.83
N GLN D 37 4.04 -15.91 29.93
CA GLN D 37 3.36 -15.93 31.20
C GLN D 37 4.18 -15.23 32.24
N HIS D 38 3.71 -14.06 32.68
CA HIS D 38 4.35 -13.31 33.78
C HIS D 38 4.02 -14.01 35.07
N ALA D 39 4.96 -14.00 36.04
CA ALA D 39 4.77 -14.69 37.33
C ALA D 39 3.42 -14.29 37.97
N GLY D 40 2.65 -15.29 38.39
CA GLY D 40 1.33 -15.13 38.99
C GLY D 40 0.24 -14.63 38.03
N GLU D 41 0.49 -14.69 36.71
CA GLU D 41 -0.48 -14.19 35.71
C GLU D 41 -0.85 -15.29 34.75
N ALA D 42 -1.79 -14.98 33.88
CA ALA D 42 -2.30 -15.86 32.83
C ALA D 42 -1.36 -15.90 31.63
N PRO D 43 -1.23 -17.06 30.94
CA PRO D 43 -0.45 -17.08 29.69
C PRO D 43 -1.13 -16.23 28.61
N THR D 44 -0.34 -15.59 27.74
CA THR D 44 -0.90 -14.83 26.62
C THR D 44 -0.16 -15.22 25.39
N PHE D 45 -0.89 -15.30 24.30
CA PHE D 45 -0.44 -15.73 22.99
C PHE D 45 0.64 -14.79 22.44
N LEU D 46 1.74 -15.38 21.95
CA LEU D 46 2.81 -14.62 21.32
C LEU D 46 2.89 -14.89 19.85
N SER D 47 2.91 -16.18 19.46
CA SER D 47 3.09 -16.49 18.06
C SER D 47 2.64 -17.90 17.69
N TYR D 48 2.52 -18.13 16.40
CA TYR D 48 2.16 -19.40 15.81
C TYR D 48 3.02 -19.64 14.59
N ASN D 49 3.65 -20.84 14.47
CA ASN D 49 4.38 -21.24 13.25
C ASN D 49 3.87 -22.61 12.83
N VAL D 50 3.69 -22.80 11.52
CA VAL D 50 3.24 -24.10 11.01
C VAL D 50 4.11 -24.49 9.83
N LEU D 51 4.55 -23.49 9.04
CA LEU D 51 5.48 -23.75 7.93
C LEU D 51 6.90 -23.40 8.38
N ASP D 52 7.92 -23.81 7.63
CA ASP D 52 9.32 -23.57 7.97
C ASP D 52 9.71 -22.10 7.80
N GLY D 53 10.63 -21.62 8.64
CA GLY D 53 11.12 -20.26 8.56
C GLY D 53 10.91 -19.39 9.78
N LEU D 54 11.25 -18.12 9.63
CA LEU D 54 11.24 -17.08 10.65
C LEU D 54 10.09 -16.08 10.45
N GLU D 55 9.31 -15.82 11.51
CA GLU D 55 8.24 -14.83 11.53
C GLU D 55 8.55 -13.76 12.58
N GLU D 56 8.49 -12.49 12.19
CA GLU D 56 8.78 -11.34 13.07
C GLU D 56 7.51 -10.64 13.51
N LYS D 57 7.52 -10.22 14.79
CA LYS D 57 6.44 -9.50 15.48
C LYS D 57 7.05 -8.62 16.59
N GLY D 58 7.42 -7.39 16.22
CA GLY D 58 8.05 -6.42 17.13
C GLY D 58 9.47 -6.83 17.42
N ARG D 59 9.84 -6.88 18.73
CA ARG D 59 11.17 -7.31 19.21
C ARG D 59 11.25 -8.84 19.30
N PHE D 60 10.14 -9.55 19.04
CA PHE D 60 10.07 -11.01 19.10
C PHE D 60 9.97 -11.61 17.71
N SER D 61 10.70 -12.68 17.51
CA SER D 61 10.71 -13.51 16.31
C SER D 61 10.53 -14.95 16.69
N SER D 62 9.85 -15.71 15.85
CA SER D 62 9.58 -17.12 16.00
C SER D 62 10.08 -17.87 14.79
N PHE D 63 10.91 -18.89 15.03
CA PHE D 63 11.43 -19.73 13.97
C PHE D 63 10.93 -21.18 14.09
N LEU D 64 10.67 -21.82 12.93
CA LEU D 64 10.30 -23.23 12.92
C LEU D 64 11.09 -24.04 11.89
N SER D 65 11.56 -25.21 12.29
CA SER D 65 12.12 -26.22 11.39
C SER D 65 11.30 -27.49 11.62
N ARG D 66 10.38 -27.81 10.69
CA ARG D 66 9.55 -29.03 10.82
C ARG D 66 10.42 -30.31 10.73
N SER D 67 11.42 -30.33 9.84
CA SER D 67 12.29 -31.51 9.66
C SER D 67 13.12 -31.82 10.93
N LYS D 68 13.57 -30.77 11.63
CA LYS D 68 14.36 -30.95 12.84
C LYS D 68 13.48 -31.04 14.10
N GLY D 69 12.17 -30.74 13.96
CA GLY D 69 11.23 -30.72 15.07
C GLY D 69 11.71 -29.71 16.08
N TYR D 70 11.98 -28.51 15.61
CA TYR D 70 12.59 -27.52 16.47
C TYR D 70 12.04 -26.12 16.22
N SER D 71 11.90 -25.38 17.29
CA SER D 71 11.52 -24.00 17.24
C SER D 71 12.39 -23.15 18.17
N TYR D 72 12.52 -21.83 17.90
CA TYR D 72 13.07 -20.91 18.87
C TYR D 72 12.23 -19.67 18.89
N LEU D 73 12.16 -19.06 20.06
CA LEU D 73 11.56 -17.76 20.25
C LEU D 73 12.75 -16.83 20.46
N LEU D 74 12.90 -15.82 19.62
CA LEU D 74 14.03 -14.91 19.71
C LEU D 74 13.61 -13.53 20.24
N LEU D 75 14.17 -13.09 21.38
CA LEU D 75 13.85 -11.78 21.96
C LEU D 75 15.04 -10.88 21.79
N LYS D 76 14.88 -9.75 21.07
CA LYS D 76 15.93 -8.73 20.85
C LYS D 76 15.73 -7.56 21.83
N GLU D 77 16.80 -6.77 22.09
CA GLU D 77 16.79 -5.57 22.93
C GLU D 77 15.99 -5.81 24.21
N LEU D 78 16.40 -6.83 24.96
CA LEU D 78 15.79 -7.27 26.19
C LEU D 78 15.50 -6.12 27.15
N GLN D 79 14.32 -6.16 27.75
CA GLN D 79 13.93 -5.19 28.75
C GLN D 79 13.51 -5.95 29.97
N MET D 80 13.47 -5.27 31.12
CA MET D 80 13.06 -5.87 32.39
C MET D 80 11.68 -6.50 32.28
N LYS D 81 10.77 -5.86 31.54
CA LYS D 81 9.39 -6.33 31.35
C LYS D 81 9.33 -7.69 30.61
N ASP D 82 10.46 -8.14 30.01
CA ASP D 82 10.55 -9.43 29.32
C ASP D 82 10.74 -10.60 30.28
N SER D 83 11.01 -10.31 31.57
CA SER D 83 11.16 -11.34 32.61
C SER D 83 9.84 -12.02 32.79
N ALA D 84 9.75 -13.28 32.38
CA ALA D 84 8.53 -14.08 32.37
C ALA D 84 8.91 -15.49 32.04
N SER D 85 7.95 -16.40 32.09
CA SER D 85 8.15 -17.76 31.61
C SER D 85 7.60 -17.80 30.20
N TYR D 86 8.22 -18.58 29.34
CA TYR D 86 7.84 -18.69 27.92
C TYR D 86 7.49 -20.15 27.67
N LEU D 87 6.23 -20.38 27.28
CA LEU D 87 5.69 -21.70 27.10
C LEU D 87 5.59 -22.06 25.64
N CYS D 88 6.13 -23.22 25.29
CA CYS D 88 6.05 -23.74 23.94
C CYS D 88 4.91 -24.74 23.89
N ALA D 89 4.12 -24.80 22.80
CA ALA D 89 3.03 -25.79 22.73
C ALA D 89 2.81 -26.26 21.29
N VAL D 90 2.57 -27.56 21.07
CA VAL D 90 2.42 -28.11 19.71
C VAL D 90 1.05 -28.77 19.54
N LYS D 91 0.38 -28.52 18.39
CA LYS D 91 -0.87 -29.20 18.07
C LYS D 91 -0.49 -30.46 17.33
N ASP D 92 -0.86 -31.63 17.88
CA ASP D 92 -0.56 -32.93 17.26
C ASP D 92 -1.62 -33.23 16.17
N SER D 93 -1.65 -34.47 15.64
CA SER D 93 -2.56 -34.92 14.57
C SER D 93 -4.04 -34.77 14.87
N ASN D 94 -4.40 -34.94 16.14
CA ASN D 94 -5.77 -34.85 16.60
C ASN D 94 -6.07 -33.48 17.18
N TYR D 95 -5.25 -32.47 16.82
CA TYR D 95 -5.41 -31.06 17.25
C TYR D 95 -5.30 -30.92 18.78
N GLN D 96 -4.61 -31.86 19.45
CA GLN D 96 -4.44 -31.80 20.90
C GLN D 96 -3.18 -31.04 21.18
N LEU D 97 -3.27 -30.08 22.09
CA LEU D 97 -2.13 -29.25 22.45
C LEU D 97 -1.26 -29.97 23.46
N ILE D 98 0.01 -30.13 23.14
CA ILE D 98 0.98 -30.71 24.06
C ILE D 98 1.85 -29.53 24.52
N TRP D 99 1.93 -29.29 25.83
CA TRP D 99 2.64 -28.16 26.41
C TRP D 99 3.99 -28.51 26.98
N GLY D 100 4.96 -27.64 26.71
CA GLY D 100 6.29 -27.72 27.32
C GLY D 100 6.19 -27.19 28.75
N ALA D 101 7.15 -27.56 29.62
CA ALA D 101 7.15 -27.16 31.03
C ALA D 101 7.41 -25.68 31.26
N GLY D 102 7.86 -24.97 30.23
CA GLY D 102 8.15 -23.55 30.26
C GLY D 102 9.59 -23.20 30.52
N THR D 103 10.00 -22.02 30.05
CA THR D 103 11.34 -21.48 30.32
C THR D 103 11.18 -20.23 31.08
N LYS D 104 11.77 -20.17 32.27
CA LYS D 104 11.75 -18.92 33.01
C LYS D 104 12.94 -18.03 32.51
N LEU D 105 12.63 -16.84 32.01
CA LEU D 105 13.64 -15.89 31.57
C LEU D 105 13.88 -14.84 32.65
N ILE D 106 15.12 -14.78 33.16
CA ILE D 106 15.60 -13.79 34.15
C ILE D 106 16.41 -12.77 33.40
N ILE D 107 16.14 -11.48 33.65
CA ILE D 107 16.86 -10.40 32.97
C ILE D 107 17.73 -9.69 34.01
N LYS D 108 19.05 -9.54 33.72
CA LYS D 108 19.95 -8.79 34.60
C LYS D 108 19.89 -7.31 34.21
N PRO D 109 19.54 -6.38 35.12
CA PRO D 109 19.54 -4.96 34.72
C PRO D 109 20.97 -4.44 34.49
N ASP D 110 21.09 -3.38 33.68
CA ASP D 110 22.38 -2.75 33.48
C ASP D 110 22.58 -1.73 34.58
N ILE D 111 23.39 -2.04 35.61
CA ILE D 111 23.67 -1.11 36.72
C ILE D 111 24.86 -0.28 36.30
N GLN D 112 24.57 0.98 35.93
CA GLN D 112 25.53 1.97 35.42
C GLN D 112 26.53 2.40 36.47
N ASN D 113 26.04 2.76 37.68
CA ASN D 113 26.86 3.23 38.79
C ASN D 113 26.69 2.33 40.03
N PRO D 114 27.35 1.14 40.09
CA PRO D 114 27.21 0.28 41.28
C PRO D 114 27.77 0.93 42.55
N ASP D 115 26.98 0.87 43.62
CA ASP D 115 27.34 1.42 44.92
C ASP D 115 27.00 0.36 45.99
N PRO D 116 27.66 -0.85 45.99
CA PRO D 116 27.24 -1.92 46.93
C PRO D 116 27.34 -1.51 48.39
N ALA D 117 26.24 -1.78 49.14
CA ALA D 117 26.16 -1.43 50.56
C ALA D 117 25.19 -2.30 51.33
N VAL D 118 25.50 -2.52 52.62
CA VAL D 118 24.67 -3.26 53.55
C VAL D 118 24.23 -2.26 54.63
N TYR D 119 22.93 -1.94 54.64
CA TYR D 119 22.30 -1.00 55.56
C TYR D 119 21.44 -1.65 56.59
N GLN D 120 21.49 -1.09 57.80
CA GLN D 120 20.71 -1.54 58.92
C GLN D 120 19.39 -0.75 58.90
N LEU D 121 18.27 -1.41 58.70
CA LEU D 121 17.00 -0.67 58.73
C LEU D 121 16.59 -0.33 60.16
N ARG D 122 15.75 0.69 60.32
CA ARG D 122 15.24 1.07 61.62
C ARG D 122 14.33 -0.01 62.17
N ASP D 123 14.54 -0.35 63.44
CA ASP D 123 13.69 -1.28 64.16
C ASP D 123 12.25 -0.82 64.18
N SER D 124 11.31 -1.76 64.07
CA SER D 124 9.89 -1.49 64.22
C SER D 124 9.54 -1.69 65.70
N LYS D 125 8.77 -0.80 66.32
CA LYS D 125 8.39 -0.99 67.73
C LYS D 125 7.45 -2.22 67.91
N SER D 126 6.84 -2.69 66.82
CA SER D 126 5.90 -3.80 66.82
C SER D 126 6.53 -5.11 66.34
N SER D 127 7.88 -5.17 66.24
CA SER D 127 8.57 -6.37 65.78
C SER D 127 9.87 -6.58 66.54
N ASP D 128 10.25 -7.83 66.73
CA ASP D 128 11.50 -8.24 67.43
C ASP D 128 12.62 -8.48 66.39
N LYS D 129 12.31 -8.34 65.10
CA LYS D 129 13.25 -8.55 64.00
C LYS D 129 14.20 -7.39 63.82
N SER D 130 15.43 -7.73 63.44
CA SER D 130 16.45 -6.76 63.02
C SER D 130 16.57 -7.01 61.53
N VAL D 131 16.54 -5.94 60.69
CA VAL D 131 16.49 -6.08 59.24
C VAL D 131 17.66 -5.36 58.55
N CYS D 132 18.29 -6.06 57.61
CA CYS D 132 19.45 -5.58 56.84
C CYS D 132 19.14 -5.54 55.34
N LEU D 133 19.59 -4.50 54.67
CA LEU D 133 19.36 -4.40 53.24
C LEU D 133 20.68 -4.36 52.49
N PHE D 134 20.90 -5.35 51.63
CA PHE D 134 22.03 -5.40 50.72
C PHE D 134 21.52 -4.77 49.43
N THR D 135 22.05 -3.61 49.01
CA THR D 135 21.55 -2.92 47.83
C THR D 135 22.67 -2.27 46.97
N ASP D 136 22.27 -1.83 45.77
CA ASP D 136 23.01 -1.04 44.78
C ASP D 136 24.25 -1.78 44.23
N PHE D 137 24.21 -3.10 44.27
CA PHE D 137 25.25 -3.96 43.75
C PHE D 137 24.99 -4.27 42.26
N ASP D 138 26.08 -4.60 41.55
CA ASP D 138 26.08 -5.01 40.13
C ASP D 138 25.35 -6.32 39.97
N SER D 139 24.68 -6.50 38.82
CA SER D 139 23.88 -7.70 38.49
C SER D 139 24.69 -9.02 38.43
N GLN D 140 26.03 -8.98 38.50
CA GLN D 140 26.81 -10.23 38.44
C GLN D 140 26.85 -10.90 39.80
N THR D 141 26.62 -10.11 40.89
CA THR D 141 26.55 -10.57 42.27
C THR D 141 25.34 -11.49 42.45
N ASN D 142 25.55 -12.61 43.18
CA ASN D 142 24.52 -13.57 43.55
C ASN D 142 24.33 -13.55 45.03
N VAL D 143 23.07 -13.64 45.45
CA VAL D 143 22.72 -13.66 46.86
C VAL D 143 22.43 -15.10 47.25
N SER D 144 23.16 -15.59 48.23
CA SER D 144 23.00 -16.97 48.70
C SER D 144 22.03 -16.97 49.86
N GLN D 145 21.29 -18.10 50.02
CA GLN D 145 20.37 -18.34 51.13
C GLN D 145 21.18 -18.46 52.42
N SER D 146 20.54 -18.25 53.56
CA SER D 146 21.23 -18.31 54.87
C SER D 146 21.67 -19.73 55.25
N LYS D 147 22.77 -19.83 56.02
CA LYS D 147 23.30 -21.09 56.56
C LYS D 147 22.75 -21.30 57.98
N ASP D 148 22.32 -20.20 58.66
CA ASP D 148 21.69 -20.21 59.99
C ASP D 148 20.18 -20.29 59.80
N SER D 149 19.54 -21.30 60.40
CA SER D 149 18.10 -21.59 60.31
C SER D 149 17.23 -20.44 60.90
N ASP D 150 17.81 -19.59 61.77
CA ASP D 150 17.05 -18.47 62.35
C ASP D 150 17.37 -17.13 61.65
N VAL D 151 17.99 -17.21 60.46
CA VAL D 151 18.32 -16.05 59.64
C VAL D 151 17.59 -16.26 58.32
N TYR D 152 16.89 -15.24 57.86
CA TYR D 152 16.13 -15.33 56.61
C TYR D 152 16.67 -14.35 55.63
N ILE D 153 17.03 -14.84 54.45
CA ILE D 153 17.61 -14.08 53.35
C ILE D 153 16.77 -14.25 52.07
N THR D 154 16.27 -13.16 51.53
CA THR D 154 15.47 -13.20 50.29
C THR D 154 16.40 -13.16 49.09
N ASP D 155 15.92 -13.52 47.90
CA ASP D 155 16.74 -13.43 46.71
C ASP D 155 16.72 -11.97 46.19
N LYS D 156 17.58 -11.64 45.21
CA LYS D 156 17.66 -10.29 44.70
C LYS D 156 16.41 -9.93 43.89
N CYS D 157 15.97 -8.69 44.06
CA CYS D 157 14.80 -8.03 43.50
C CYS D 157 15.27 -6.82 42.70
N VAL D 158 14.69 -6.57 41.54
CA VAL D 158 15.05 -5.40 40.76
C VAL D 158 13.95 -4.36 40.94
N LEU D 159 14.32 -3.20 41.47
CA LEU D 159 13.45 -2.06 41.72
C LEU D 159 13.70 -0.98 40.66
N ASP D 160 12.63 -0.36 40.11
CA ASP D 160 12.74 0.71 39.11
C ASP D 160 12.09 2.01 39.61
N MET D 161 12.92 3.02 39.83
CA MET D 161 12.51 4.38 40.21
C MET D 161 12.36 5.12 38.89
N ARG D 162 11.15 5.01 38.28
CA ARG D 162 10.80 5.47 36.94
C ARG D 162 11.10 6.97 36.74
N SER D 163 10.74 7.82 37.73
CA SER D 163 10.99 9.26 37.70
C SER D 163 12.48 9.60 37.48
N MET D 164 13.39 8.80 38.04
CA MET D 164 14.83 9.06 37.95
C MET D 164 15.53 8.11 36.98
N ASP D 165 14.76 7.25 36.26
CA ASP D 165 15.25 6.22 35.34
C ASP D 165 16.38 5.46 36.03
N PHE D 166 16.09 4.99 37.25
CA PHE D 166 17.09 4.36 38.07
C PHE D 166 16.64 2.98 38.50
N LYS D 167 17.47 2.00 38.22
CA LYS D 167 17.22 0.62 38.59
C LYS D 167 18.19 0.23 39.67
N SER D 168 17.79 -0.66 40.57
CA SER D 168 18.72 -1.15 41.59
C SER D 168 18.37 -2.55 42.05
N ASN D 169 19.42 -3.34 42.32
CA ASN D 169 19.27 -4.67 42.90
C ASN D 169 19.27 -4.56 44.40
N SER D 170 18.54 -5.44 45.07
CA SER D 170 18.56 -5.51 46.51
C SER D 170 18.10 -6.88 46.98
N ALA D 171 18.58 -7.25 48.16
CA ALA D 171 18.23 -8.46 48.89
C ALA D 171 18.00 -8.07 50.33
N VAL D 172 17.10 -8.77 51.04
CA VAL D 172 16.76 -8.45 52.43
C VAL D 172 17.17 -9.60 53.33
N ALA D 173 17.73 -9.30 54.52
CA ALA D 173 18.06 -10.29 55.54
C ALA D 173 17.48 -9.86 56.88
N TRP D 174 16.91 -10.82 57.62
CA TRP D 174 16.36 -10.48 58.94
C TRP D 174 16.51 -11.64 59.91
N SER D 175 16.41 -11.32 61.20
CA SER D 175 16.50 -12.30 62.28
C SER D 175 16.09 -11.68 63.58
N ASN D 176 15.68 -12.50 64.58
CA ASN D 176 15.42 -12.00 65.93
C ASN D 176 16.56 -12.44 66.91
N LYS D 177 17.58 -13.19 66.40
CA LYS D 177 18.76 -13.66 67.17
C LYS D 177 19.58 -12.48 67.69
N SER D 178 20.08 -12.60 68.94
CA SER D 178 20.88 -11.55 69.62
C SER D 178 22.23 -11.30 68.93
N ASP D 179 22.82 -12.33 68.31
CA ASP D 179 24.12 -12.25 67.66
C ASP D 179 24.03 -11.64 66.25
N PHE D 180 22.84 -11.68 65.60
CA PHE D 180 22.59 -11.15 64.24
C PHE D 180 23.08 -9.70 64.12
N ALA D 181 23.82 -9.43 63.04
CA ALA D 181 24.41 -8.14 62.70
C ALA D 181 24.52 -8.02 61.19
N CYS D 182 24.28 -6.81 60.66
CA CYS D 182 24.37 -6.54 59.23
C CYS D 182 25.77 -6.82 58.69
N ALA D 183 26.81 -6.52 59.50
CA ALA D 183 28.21 -6.81 59.16
C ALA D 183 28.42 -8.27 58.80
N ASN D 184 27.61 -9.19 59.36
CA ASN D 184 27.75 -10.63 59.09
C ASN D 184 26.52 -11.28 58.40
N ALA D 185 25.44 -10.52 58.16
CA ALA D 185 24.19 -11.03 57.57
C ALA D 185 24.39 -11.76 56.24
N PHE D 186 25.19 -11.19 55.31
CA PHE D 186 25.41 -11.74 53.99
C PHE D 186 26.80 -12.43 53.84
N ASN D 187 27.33 -12.98 54.95
CA ASN D 187 28.62 -13.69 55.01
C ASN D 187 28.72 -14.93 54.13
N ASN D 188 27.56 -15.55 53.83
CA ASN D 188 27.48 -16.74 53.01
C ASN D 188 27.41 -16.40 51.52
N SER D 189 27.39 -15.11 51.17
CA SER D 189 27.37 -14.69 49.78
C SER D 189 28.76 -14.18 49.38
N ILE D 190 29.09 -14.21 48.08
CA ILE D 190 30.33 -13.59 47.60
C ILE D 190 29.89 -12.18 47.23
N ILE D 191 30.18 -11.21 48.09
CA ILE D 191 29.76 -9.84 47.88
C ILE D 191 30.94 -8.99 47.34
N PRO D 192 30.67 -7.87 46.63
CA PRO D 192 31.77 -7.03 46.12
C PRO D 192 32.73 -6.56 47.22
N GLU D 193 34.05 -6.55 46.90
CA GLU D 193 35.12 -6.13 47.81
C GLU D 193 34.90 -4.74 48.37
N ASP D 194 34.34 -3.83 47.54
CA ASP D 194 34.16 -2.43 47.94
C ASP D 194 32.78 -2.17 48.60
N THR D 195 32.07 -3.22 49.08
CA THR D 195 30.78 -3.07 49.79
C THR D 195 30.98 -2.15 50.99
N PHE D 196 30.13 -1.15 51.09
CA PHE D 196 30.11 -0.19 52.16
C PHE D 196 29.28 -0.73 53.32
N PHE D 197 29.91 -0.78 54.51
CA PHE D 197 29.27 -1.18 55.75
C PHE D 197 29.32 0.00 56.69
N PRO D 198 28.29 0.89 56.69
CA PRO D 198 28.34 2.05 57.60
C PRO D 198 28.47 1.63 59.06
N SER D 199 29.19 2.44 59.84
CA SER D 199 29.46 2.21 61.27
C SER D 199 28.16 2.09 62.10
N PRO D 200 28.08 1.14 63.07
CA PRO D 200 26.84 1.01 63.86
C PRO D 200 26.65 2.12 64.90
N ALA E 2 -13.96 -7.58 28.35
CA ALA E 2 -13.57 -8.28 29.58
C ALA E 2 -12.79 -9.62 29.35
N GLY E 3 -13.07 -10.33 28.24
CA GLY E 3 -12.42 -11.59 27.89
C GLY E 3 -12.85 -12.77 28.72
N VAL E 4 -11.92 -13.39 29.46
CA VAL E 4 -12.20 -14.58 30.25
C VAL E 4 -12.13 -14.23 31.72
N THR E 5 -13.26 -14.40 32.42
CA THR E 5 -13.46 -14.13 33.84
C THR E 5 -13.68 -15.43 34.58
N GLN E 6 -12.77 -15.77 35.50
CA GLN E 6 -12.87 -16.98 36.33
C GLN E 6 -12.74 -16.58 37.82
N THR E 7 -13.44 -17.31 38.70
CA THR E 7 -13.46 -17.11 40.15
C THR E 7 -13.46 -18.44 40.84
N PRO E 8 -12.94 -18.56 42.09
CA PRO E 8 -12.26 -17.53 42.90
C PRO E 8 -10.78 -17.45 42.55
N LYS E 9 -10.12 -16.38 42.95
CA LYS E 9 -8.69 -16.17 42.71
C LYS E 9 -7.88 -17.17 43.57
N PHE E 10 -8.33 -17.39 44.82
CA PHE E 10 -7.72 -18.25 45.84
C PHE E 10 -8.75 -19.01 46.58
N GLN E 11 -8.40 -20.22 47.06
CA GLN E 11 -9.28 -21.06 47.85
C GLN E 11 -8.49 -22.10 48.65
N VAL E 12 -8.80 -22.19 49.96
CA VAL E 12 -8.29 -23.20 50.87
C VAL E 12 -9.42 -24.22 51.05
N LEU E 13 -9.12 -25.51 50.91
CA LEU E 13 -10.09 -26.57 51.13
C LEU E 13 -9.57 -27.57 52.08
N LYS E 14 -10.50 -28.19 52.81
CA LYS E 14 -10.16 -29.34 53.63
C LYS E 14 -10.34 -30.55 52.74
N THR E 15 -9.53 -31.60 52.90
CA THR E 15 -9.76 -32.88 52.20
C THR E 15 -11.24 -33.31 52.36
N GLY E 16 -11.91 -33.62 51.26
CA GLY E 16 -13.31 -34.07 51.27
C GLY E 16 -14.32 -33.01 50.89
N GLN E 17 -13.94 -31.74 51.02
CA GLN E 17 -14.77 -30.60 50.69
C GLN E 17 -15.03 -30.51 49.16
N SER E 18 -16.20 -29.98 48.81
CA SER E 18 -16.68 -29.69 47.48
C SER E 18 -16.29 -28.30 47.09
N MET E 19 -16.04 -28.08 45.79
CA MET E 19 -15.67 -26.75 45.28
C MET E 19 -16.12 -26.63 43.84
N THR E 20 -16.64 -25.47 43.47
CA THR E 20 -16.96 -25.21 42.09
C THR E 20 -16.20 -23.98 41.63
N LEU E 21 -15.44 -24.10 40.53
CA LEU E 21 -14.76 -22.98 39.92
C LEU E 21 -15.60 -22.55 38.75
N GLN E 22 -15.83 -21.27 38.64
CA GLN E 22 -16.66 -20.67 37.61
C GLN E 22 -15.83 -20.06 36.54
N CYS E 23 -16.31 -20.12 35.30
CA CYS E 23 -15.64 -19.44 34.22
C CYS E 23 -16.67 -18.96 33.20
N ALA E 24 -16.56 -17.69 32.79
CA ALA E 24 -17.40 -17.12 31.72
C ALA E 24 -16.53 -16.33 30.72
N GLN E 25 -16.86 -16.39 29.44
CA GLN E 25 -16.19 -15.59 28.44
C GLN E 25 -17.23 -14.76 27.67
N ASP E 26 -16.87 -13.51 27.29
CA ASP E 26 -17.79 -12.62 26.57
C ASP E 26 -17.23 -12.29 25.19
N MET E 27 -16.52 -13.25 24.61
CA MET E 27 -15.90 -13.02 23.32
C MET E 27 -16.65 -13.77 22.22
N ASN E 28 -17.79 -14.40 22.56
CA ASN E 28 -18.63 -15.20 21.66
C ASN E 28 -17.83 -16.39 21.08
N HIS E 29 -17.00 -17.00 21.95
CA HIS E 29 -16.15 -18.14 21.63
C HIS E 29 -16.98 -19.39 21.74
N ASN E 30 -16.61 -20.43 20.99
CA ASN E 30 -17.37 -21.67 21.00
C ASN E 30 -16.69 -22.73 21.84
N SER E 31 -15.32 -22.70 21.94
CA SER E 31 -14.57 -23.75 22.67
C SER E 31 -14.06 -23.26 23.99
N MET E 32 -14.17 -24.11 25.05
CA MET E 32 -13.74 -23.76 26.40
C MET E 32 -12.98 -24.93 27.03
N TYR E 33 -12.04 -24.61 27.93
CA TYR E 33 -11.13 -25.58 28.53
C TYR E 33 -10.82 -25.28 29.96
N TRP E 34 -10.54 -26.34 30.75
CA TRP E 34 -10.07 -26.23 32.13
C TRP E 34 -8.71 -26.90 32.21
N TYR E 35 -7.67 -26.14 32.60
CA TYR E 35 -6.30 -26.66 32.73
C TYR E 35 -5.84 -26.59 34.14
N ARG E 36 -4.90 -27.45 34.51
CA ARG E 36 -4.19 -27.29 35.76
C ARG E 36 -2.68 -27.06 35.45
N GLN E 37 -2.06 -26.18 36.21
CA GLN E 37 -0.63 -25.85 36.07
C GLN E 37 0.11 -26.19 37.37
N ASP E 38 1.12 -27.05 37.27
CA ASP E 38 1.91 -27.52 38.41
C ASP E 38 3.40 -27.32 38.15
N PRO E 39 4.20 -27.05 39.19
CA PRO E 39 5.66 -26.85 38.98
C PRO E 39 6.35 -28.04 38.32
N GLY E 40 7.22 -27.74 37.38
CA GLY E 40 8.01 -28.76 36.72
C GLY E 40 7.37 -29.49 35.56
N MET E 41 6.16 -29.06 35.17
CA MET E 41 5.49 -29.72 34.06
C MET E 41 4.67 -28.75 33.21
N GLY E 42 4.31 -29.21 32.02
CA GLY E 42 3.47 -28.42 31.14
C GLY E 42 2.02 -28.47 31.57
N LEU E 43 1.22 -27.45 31.17
CA LEU E 43 -0.22 -27.39 31.42
C LEU E 43 -0.87 -28.70 31.05
N ARG E 44 -1.76 -29.20 31.92
CA ARG E 44 -2.45 -30.45 31.64
C ARG E 44 -3.94 -30.18 31.55
N LEU E 45 -4.55 -30.70 30.50
CA LEU E 45 -5.97 -30.52 30.27
C LEU E 45 -6.78 -31.48 31.12
N ILE E 46 -7.77 -30.93 31.83
CA ILE E 46 -8.66 -31.66 32.75
C ILE E 46 -9.92 -32.09 31.96
N TYR E 47 -10.67 -31.13 31.41
CA TYR E 47 -11.88 -31.29 30.59
C TYR E 47 -11.96 -30.17 29.59
N TYR E 48 -12.73 -30.37 28.51
CA TYR E 48 -12.90 -29.30 27.52
C TYR E 48 -14.29 -29.37 26.94
N SER E 49 -14.68 -28.33 26.24
CA SER E 49 -15.99 -28.28 25.63
C SER E 49 -15.80 -27.72 24.24
N ALA E 50 -15.83 -28.57 23.18
CA ALA E 50 -15.53 -28.12 21.78
C ALA E 50 -16.49 -27.07 21.26
N SER E 51 -17.77 -27.15 21.65
CA SER E 51 -18.85 -26.19 21.35
C SER E 51 -19.93 -26.34 22.41
N GLU E 52 -20.93 -25.41 22.42
CA GLU E 52 -22.01 -25.53 23.41
C GLU E 52 -22.74 -26.87 23.17
N GLY E 53 -23.21 -27.50 24.22
CA GLY E 53 -23.90 -28.78 24.11
C GLY E 53 -23.02 -30.02 24.13
N THR E 54 -21.68 -29.87 24.24
CA THR E 54 -20.78 -31.03 24.33
C THR E 54 -19.58 -30.72 25.19
N THR E 55 -19.11 -31.75 25.94
CA THR E 55 -17.94 -31.70 26.82
C THR E 55 -17.25 -33.05 26.73
N ASP E 56 -15.93 -33.10 27.06
CA ASP E 56 -15.24 -34.37 27.08
C ASP E 56 -14.05 -34.24 27.96
N LYS E 57 -13.58 -35.39 28.46
CA LYS E 57 -12.40 -35.57 29.29
C LYS E 57 -11.13 -35.14 28.60
N GLY E 58 -10.20 -34.59 29.38
CA GLY E 58 -8.89 -34.23 28.87
C GLY E 58 -7.92 -35.32 29.29
N GLU E 59 -6.69 -34.92 29.69
CA GLU E 59 -5.62 -35.80 30.18
C GLU E 59 -5.79 -36.18 31.69
N VAL E 60 -6.23 -35.25 32.55
CA VAL E 60 -6.34 -35.55 33.99
C VAL E 60 -7.79 -35.30 34.51
N PRO E 61 -8.81 -36.00 33.96
CA PRO E 61 -10.19 -35.75 34.43
C PRO E 61 -10.56 -36.35 35.78
N ASN E 62 -9.75 -37.28 36.33
CA ASN E 62 -10.14 -37.96 37.57
C ASN E 62 -10.18 -37.05 38.80
N GLY E 63 -11.36 -37.00 39.43
CA GLY E 63 -11.62 -36.19 40.62
C GLY E 63 -12.35 -34.91 40.29
N TYR E 64 -12.63 -34.73 39.00
CA TYR E 64 -13.28 -33.55 38.45
C TYR E 64 -14.48 -33.88 37.60
N ASN E 65 -15.33 -32.90 37.42
CA ASN E 65 -16.48 -32.90 36.51
C ASN E 65 -16.68 -31.50 36.02
N VAL E 66 -17.31 -31.33 34.87
CA VAL E 66 -17.59 -30.00 34.34
C VAL E 66 -19.00 -29.85 33.86
N SER E 67 -19.41 -28.58 33.65
CA SER E 67 -20.70 -28.27 33.09
CA SER E 67 -20.71 -28.26 33.08
C SER E 67 -20.60 -27.06 32.13
N ARG E 68 -20.95 -27.26 30.86
CA ARG E 68 -21.02 -26.20 29.86
C ARG E 68 -22.47 -25.72 29.97
N LEU E 69 -22.70 -24.78 30.90
CA LEU E 69 -24.03 -24.29 31.27
C LEU E 69 -24.71 -23.63 30.06
N ASN E 70 -23.94 -22.86 29.28
CA ASN E 70 -24.41 -22.21 28.06
C ASN E 70 -23.20 -21.93 27.20
N LYS E 71 -23.33 -21.03 26.20
CA LYS E 71 -22.23 -20.70 25.29
C LYS E 71 -21.10 -19.93 26.01
N ARG E 72 -21.46 -19.16 27.06
CA ARG E 72 -20.50 -18.34 27.78
C ARG E 72 -19.82 -19.00 28.96
N GLU E 73 -20.50 -19.90 29.68
CA GLU E 73 -20.03 -20.45 30.95
C GLU E 73 -19.67 -21.88 30.92
N PHE E 74 -18.57 -22.24 31.64
CA PHE E 74 -18.02 -23.60 31.76
C PHE E 74 -17.49 -23.77 33.17
N SER E 75 -18.23 -24.44 34.02
CA SER E 75 -17.83 -24.56 35.42
C SER E 75 -17.05 -25.86 35.65
N LEU E 76 -16.20 -25.85 36.69
CA LEU E 76 -15.36 -27.00 37.07
C LEU E 76 -15.69 -27.36 38.49
N ARG E 77 -16.01 -28.62 38.70
CA ARG E 77 -16.44 -29.13 40.00
C ARG E 77 -15.44 -30.13 40.54
N LEU E 78 -15.09 -29.97 41.84
CA LEU E 78 -14.26 -30.87 42.67
C LEU E 78 -15.21 -31.37 43.73
N GLU E 79 -15.74 -32.58 43.54
CA GLU E 79 -16.74 -33.12 44.44
C GLU E 79 -16.19 -33.42 45.84
N SER E 80 -14.98 -34.00 45.92
CA SER E 80 -14.34 -34.36 47.18
C SER E 80 -12.83 -34.07 47.04
N ALA E 81 -12.42 -32.83 47.34
CA ALA E 81 -11.06 -32.33 47.17
C ALA E 81 -10.02 -33.23 47.82
N ALA E 82 -8.97 -33.51 47.05
CA ALA E 82 -7.84 -34.32 47.52
C ALA E 82 -6.57 -33.44 47.55
N PRO E 83 -5.60 -33.70 48.44
CA PRO E 83 -4.37 -32.88 48.47
C PRO E 83 -3.62 -32.79 47.14
N SER E 84 -3.77 -33.80 46.26
CA SER E 84 -3.15 -33.86 44.94
C SER E 84 -3.73 -32.80 44.00
N GLN E 85 -4.93 -32.25 44.34
CA GLN E 85 -5.62 -31.23 43.56
C GLN E 85 -5.18 -29.80 43.93
N THR E 86 -4.19 -29.68 44.84
CA THR E 86 -3.53 -28.41 45.16
C THR E 86 -2.86 -28.00 43.86
N SER E 87 -3.24 -26.86 43.29
CA SER E 87 -2.73 -26.48 41.97
C SER E 87 -3.21 -25.11 41.60
N VAL E 88 -2.82 -24.65 40.41
CA VAL E 88 -3.30 -23.41 39.83
C VAL E 88 -4.15 -23.85 38.65
N TYR E 89 -5.40 -23.40 38.62
CA TYR E 89 -6.36 -23.80 37.59
C TYR E 89 -6.60 -22.68 36.65
N PHE E 90 -6.52 -22.95 35.35
CA PHE E 90 -6.77 -21.90 34.38
C PHE E 90 -7.89 -22.30 33.47
N CYS E 91 -8.83 -21.38 33.30
CA CYS E 91 -9.87 -21.54 32.32
C CYS E 91 -9.36 -20.86 31.04
N ALA E 92 -9.65 -21.44 29.86
CA ALA E 92 -9.24 -20.85 28.60
C ALA E 92 -10.36 -20.98 27.56
N SER E 93 -10.34 -20.14 26.52
CA SER E 93 -11.33 -20.25 25.45
C SER E 93 -10.66 -19.93 24.12
N SER E 94 -11.22 -20.44 23.01
CA SER E 94 -10.78 -20.22 21.63
C SER E 94 -12.01 -20.11 20.75
N VAL E 95 -11.91 -19.41 19.61
CA VAL E 95 -13.05 -19.16 18.72
C VAL E 95 -13.72 -20.49 18.36
N TRP E 96 -12.93 -21.48 17.87
CA TRP E 96 -13.32 -22.83 17.47
C TRP E 96 -12.22 -23.83 17.93
N THR E 97 -12.41 -25.14 17.71
CA THR E 97 -11.40 -26.20 17.92
C THR E 97 -11.29 -27.00 16.64
N GLY E 98 -10.24 -27.78 16.47
CA GLY E 98 -10.05 -28.57 15.27
C GLY E 98 -9.68 -27.69 14.10
N GLU E 99 -8.86 -26.68 14.40
CA GLU E 99 -8.26 -25.65 13.52
C GLU E 99 -6.91 -25.42 14.14
N GLY E 100 -5.89 -25.36 13.31
CA GLY E 100 -4.53 -25.31 13.80
C GLY E 100 -4.05 -24.02 14.41
N SER E 101 -4.36 -22.87 13.76
CA SER E 101 -3.84 -21.57 14.12
C SER E 101 -4.54 -20.85 15.26
N GLY E 102 -5.72 -21.28 15.66
CA GLY E 102 -6.50 -20.60 16.69
C GLY E 102 -5.89 -20.65 18.08
N GLU E 103 -5.57 -19.48 18.62
CA GLU E 103 -4.97 -19.37 19.96
C GLU E 103 -6.00 -19.46 21.09
N LEU E 104 -5.47 -19.64 22.29
CA LEU E 104 -6.22 -19.71 23.52
C LEU E 104 -6.17 -18.38 24.21
N PHE E 105 -7.26 -18.04 24.93
CA PHE E 105 -7.42 -16.83 25.72
C PHE E 105 -7.63 -17.33 27.12
N PHE E 106 -6.69 -17.01 28.03
CA PHE E 106 -6.72 -17.54 29.38
C PHE E 106 -7.39 -16.60 30.39
N GLY E 107 -8.00 -17.22 31.43
CA GLY E 107 -8.53 -16.53 32.61
C GLY E 107 -7.38 -16.21 33.57
N GLU E 108 -7.67 -15.53 34.69
CA GLU E 108 -6.62 -15.08 35.61
C GLU E 108 -6.01 -16.18 36.46
N GLY E 109 -6.67 -17.31 36.55
CA GLY E 109 -6.19 -18.43 37.34
C GLY E 109 -6.85 -18.50 38.69
N SER E 110 -6.99 -19.70 39.23
CA SER E 110 -7.56 -19.95 40.55
C SER E 110 -6.56 -20.80 41.31
N ARG E 111 -5.99 -20.25 42.40
CA ARG E 111 -5.03 -20.99 43.21
C ARG E 111 -5.77 -21.74 44.30
N LEU E 112 -5.68 -23.07 44.28
CA LEU E 112 -6.34 -23.94 45.24
C LEU E 112 -5.34 -24.69 46.07
N THR E 113 -5.55 -24.72 47.39
CA THR E 113 -4.70 -25.48 48.29
C THR E 113 -5.64 -26.39 49.06
N VAL E 114 -5.43 -27.69 48.92
CA VAL E 114 -6.25 -28.66 49.63
C VAL E 114 -5.42 -29.24 50.77
N LEU E 115 -5.94 -29.13 52.03
CA LEU E 115 -5.22 -29.61 53.22
C LEU E 115 -5.99 -30.68 54.01
N GLU E 116 -5.25 -31.60 54.63
CA GLU E 116 -5.82 -32.65 55.47
C GLU E 116 -6.46 -32.06 56.74
N ASP E 117 -5.81 -31.04 57.31
CA ASP E 117 -6.21 -30.35 58.51
C ASP E 117 -6.02 -28.85 58.30
N LEU E 118 -7.02 -28.05 58.70
CA LEU E 118 -6.92 -26.60 58.56
C LEU E 118 -6.08 -25.94 59.67
N LYS E 119 -5.52 -26.75 60.62
CA LYS E 119 -4.65 -26.33 61.74
C LYS E 119 -3.34 -25.71 61.25
N ASN E 120 -2.99 -25.92 59.98
CA ASN E 120 -1.75 -25.37 59.41
C ASN E 120 -1.98 -23.97 58.75
N VAL E 121 -3.22 -23.45 58.76
CA VAL E 121 -3.52 -22.16 58.13
C VAL E 121 -3.20 -21.02 59.10
N PHE E 122 -2.36 -20.09 58.65
CA PHE E 122 -1.94 -18.92 59.43
C PHE E 122 -2.00 -17.63 58.61
N PRO E 123 -2.54 -16.51 59.16
CA PRO E 123 -2.43 -15.25 58.43
C PRO E 123 -1.01 -14.67 58.56
N PRO E 124 -0.62 -13.65 57.78
CA PRO E 124 0.72 -13.10 58.01
C PRO E 124 0.75 -12.09 59.15
N GLU E 125 1.95 -11.94 59.72
CA GLU E 125 2.32 -10.88 60.63
C GLU E 125 2.98 -9.83 59.70
N VAL E 126 2.57 -8.56 59.74
CA VAL E 126 3.10 -7.56 58.84
C VAL E 126 3.81 -6.50 59.65
N ALA E 127 5.05 -6.14 59.24
CA ALA E 127 5.82 -5.05 59.90
C ALA E 127 6.57 -4.25 58.86
N VAL E 128 6.71 -2.93 59.10
CA VAL E 128 7.41 -2.01 58.22
C VAL E 128 8.65 -1.50 58.95
N PHE E 129 9.77 -1.47 58.22
CA PHE E 129 11.07 -1.01 58.71
C PHE E 129 11.45 0.25 57.93
N GLU E 130 11.65 1.34 58.68
CA GLU E 130 12.01 2.65 58.17
C GLU E 130 13.44 2.67 57.60
N PRO E 131 13.71 3.61 56.67
CA PRO E 131 15.04 3.61 56.02
C PRO E 131 16.21 3.89 56.94
N SER E 132 17.36 3.32 56.56
CA SER E 132 18.63 3.57 57.20
C SER E 132 19.05 5.04 56.96
N GLU E 133 19.48 5.75 58.02
CA GLU E 133 19.94 7.14 57.92
C GLU E 133 21.26 7.17 57.14
N ALA E 134 22.05 6.08 57.21
CA ALA E 134 23.30 5.92 56.44
C ALA E 134 23.03 5.87 54.92
N GLU E 135 21.92 5.16 54.52
CA GLU E 135 21.50 5.06 53.12
C GLU E 135 21.10 6.45 52.59
N ILE E 136 20.33 7.18 53.37
CA ILE E 136 19.85 8.52 52.97
C ILE E 136 21.05 9.46 52.70
N SER E 137 22.05 9.46 53.59
CA SER E 137 23.18 10.37 53.46
C SER E 137 24.15 9.94 52.35
N HIS E 138 24.27 8.63 52.12
CA HIS E 138 25.15 8.10 51.09
C HIS E 138 24.53 8.13 49.69
N THR E 139 23.18 7.98 49.54
CA THR E 139 22.60 7.83 48.20
C THR E 139 21.53 8.84 47.83
N GLN E 140 21.06 9.63 48.80
CA GLN E 140 19.97 10.61 48.65
C GLN E 140 18.66 9.87 48.31
N LYS E 141 18.59 8.59 48.68
CA LYS E 141 17.42 7.74 48.50
C LYS E 141 17.07 7.06 49.84
N ALA E 142 15.86 6.53 49.95
CA ALA E 142 15.38 5.92 51.19
C ALA E 142 14.55 4.70 50.89
N THR E 143 15.02 3.54 51.35
CA THR E 143 14.34 2.27 51.15
C THR E 143 13.61 1.82 52.42
N LEU E 144 12.28 1.66 52.31
CA LEU E 144 11.41 1.10 53.36
C LEU E 144 11.29 -0.38 53.08
N VAL E 145 11.20 -1.22 54.12
CA VAL E 145 11.06 -2.65 53.89
C VAL E 145 9.80 -3.13 54.61
N CYS E 146 9.00 -3.92 53.90
CA CYS E 146 7.83 -4.57 54.45
C CYS E 146 8.10 -6.06 54.55
N LEU E 147 7.84 -6.66 55.71
CA LEU E 147 7.98 -8.12 55.92
C LEU E 147 6.64 -8.72 56.33
N ALA E 148 6.16 -9.66 55.53
CA ALA E 148 4.94 -10.43 55.79
C ALA E 148 5.41 -11.84 56.10
N THR E 149 5.27 -12.28 57.36
CA THR E 149 5.90 -13.54 57.80
C THR E 149 4.98 -14.51 58.51
N GLY E 150 5.35 -15.79 58.47
CA GLY E 150 4.65 -16.88 59.13
C GLY E 150 3.28 -17.23 58.59
N PHE E 151 2.98 -16.87 57.34
CA PHE E 151 1.67 -17.19 56.75
C PHE E 151 1.69 -18.56 56.02
N TYR E 152 0.54 -19.19 55.92
CA TYR E 152 0.28 -20.46 55.22
C TYR E 152 -1.22 -20.58 54.90
N PRO E 153 -1.62 -20.95 53.67
CA PRO E 153 -0.78 -21.18 52.48
C PRO E 153 -0.36 -19.86 51.83
N ASP E 154 0.37 -19.96 50.72
CA ASP E 154 0.83 -18.80 49.96
C ASP E 154 -0.31 -18.17 49.14
N HIS E 155 -1.29 -17.54 49.85
CA HIS E 155 -2.45 -16.89 49.23
C HIS E 155 -2.47 -15.45 49.74
N VAL E 156 -1.52 -14.61 49.26
CA VAL E 156 -1.38 -13.22 49.72
C VAL E 156 -1.25 -12.22 48.57
N GLU E 157 -1.67 -10.98 48.81
CA GLU E 157 -1.47 -9.85 47.88
C GLU E 157 -0.93 -8.70 48.70
N LEU E 158 0.35 -8.34 48.47
CA LEU E 158 1.01 -7.25 49.19
C LEU E 158 0.94 -5.99 48.36
N SER E 159 0.58 -4.88 48.99
CA SER E 159 0.55 -3.58 48.30
C SER E 159 1.02 -2.47 49.23
N TRP E 160 1.59 -1.41 48.64
CA TRP E 160 2.05 -0.21 49.31
C TRP E 160 1.09 0.92 49.03
N TRP E 161 0.87 1.75 50.02
CA TRP E 161 -0.04 2.88 50.01
C TRP E 161 0.68 4.10 50.46
N VAL E 162 0.76 5.09 49.60
CA VAL E 162 1.47 6.32 49.95
C VAL E 162 0.46 7.45 49.90
N ASN E 163 0.34 8.16 51.02
CA ASN E 163 -0.57 9.29 51.16
C ASN E 163 -2.03 8.91 50.72
N GLY E 164 -2.44 7.69 51.07
CA GLY E 164 -3.77 7.14 50.83
C GLY E 164 -4.00 6.52 49.46
N LYS E 165 -3.02 6.64 48.55
CA LYS E 165 -3.13 6.08 47.20
C LYS E 165 -2.14 4.93 47.02
N GLU E 166 -2.59 3.84 46.35
CA GLU E 166 -1.73 2.68 46.10
C GLU E 166 -0.66 3.03 45.06
N VAL E 167 0.60 2.67 45.33
CA VAL E 167 1.71 2.95 44.43
C VAL E 167 2.33 1.66 43.94
N HIS E 168 3.00 1.75 42.75
CA HIS E 168 3.67 0.61 42.11
CA HIS E 168 3.67 0.62 42.09
C HIS E 168 5.06 1.04 41.66
N SER E 169 5.28 2.35 41.43
CA SER E 169 6.62 2.84 41.04
C SER E 169 7.55 2.82 42.26
N GLY E 170 8.77 2.31 42.07
CA GLY E 170 9.78 2.23 43.12
C GLY E 170 9.52 1.11 44.11
N VAL E 171 8.62 0.20 43.75
CA VAL E 171 8.25 -0.98 44.54
C VAL E 171 8.89 -2.25 43.95
N CYS E 172 9.42 -3.13 44.81
CA CYS E 172 9.86 -4.46 44.42
C CYS E 172 9.44 -5.44 45.47
N THR E 173 8.60 -6.38 45.11
CA THR E 173 8.10 -7.43 45.98
C THR E 173 8.67 -8.71 45.48
N ASP E 174 9.12 -9.57 46.38
CA ASP E 174 9.68 -10.86 45.99
C ASP E 174 8.68 -11.65 45.13
N PRO E 175 9.09 -12.12 43.93
CA PRO E 175 8.16 -12.91 43.09
C PRO E 175 7.69 -14.22 43.74
N GLN E 176 8.56 -14.83 44.54
CA GLN E 176 8.22 -16.07 45.23
C GLN E 176 8.41 -15.91 46.75
N PRO E 177 7.54 -16.53 47.58
CA PRO E 177 7.74 -16.45 49.04
C PRO E 177 8.90 -17.34 49.46
N LEU E 178 9.40 -17.10 50.65
CA LEU E 178 10.49 -17.83 51.22
C LEU E 178 9.96 -18.85 52.26
N LYS E 179 10.41 -20.11 52.19
CA LYS E 179 10.05 -21.12 53.17
C LYS E 179 10.82 -20.89 54.43
N GLU E 180 10.10 -20.60 55.53
CA GLU E 180 10.70 -20.33 56.82
C GLU E 180 11.43 -21.57 57.36
N GLN E 181 10.93 -22.78 57.05
CA GLN E 181 11.56 -24.06 57.40
C GLN E 181 11.66 -24.88 56.12
N PRO E 182 12.72 -24.65 55.29
CA PRO E 182 12.82 -25.34 53.98
C PRO E 182 12.62 -26.88 53.99
N ALA E 183 12.86 -27.55 55.14
CA ALA E 183 12.72 -29.01 55.30
C ALA E 183 11.25 -29.48 55.24
N LEU E 184 10.36 -28.84 56.03
CA LEU E 184 8.93 -29.20 56.14
C LEU E 184 8.13 -28.85 54.88
N ASN E 185 7.23 -29.75 54.46
CA ASN E 185 6.39 -29.62 53.27
C ASN E 185 5.30 -28.53 53.46
N ASP E 186 4.78 -28.42 54.70
CA ASP E 186 3.74 -27.47 55.08
C ASP E 186 4.35 -26.23 55.81
N SER E 187 5.62 -25.89 55.48
CA SER E 187 6.33 -24.74 56.05
C SER E 187 5.57 -23.46 55.84
N ARG E 188 5.51 -22.65 56.88
CA ARG E 188 4.94 -21.31 56.79
C ARG E 188 5.88 -20.44 55.94
N TYR E 189 5.36 -19.33 55.38
CA TYR E 189 6.14 -18.51 54.46
C TYR E 189 6.47 -17.13 54.93
N ALA E 190 7.40 -16.52 54.21
CA ALA E 190 7.79 -15.14 54.45
C ALA E 190 7.92 -14.45 53.12
N LEU E 191 7.57 -13.18 53.08
CA LEU E 191 7.59 -12.37 51.87
C LEU E 191 8.05 -10.97 52.18
N SER E 192 9.01 -10.45 51.38
CA SER E 192 9.47 -9.09 51.62
C SER E 192 9.17 -8.24 50.43
N SER E 193 9.06 -6.95 50.67
CA SER E 193 8.90 -5.95 49.64
C SER E 193 9.68 -4.76 50.02
N ARG E 194 10.11 -4.00 49.02
CA ARG E 194 10.81 -2.75 49.25
C ARG E 194 10.07 -1.64 48.51
N LEU E 195 10.10 -0.46 49.10
CA LEU E 195 9.61 0.78 48.54
C LEU E 195 10.75 1.78 48.60
N ARG E 196 11.27 2.19 47.46
CA ARG E 196 12.35 3.18 47.48
C ARG E 196 11.89 4.51 46.97
N VAL E 197 12.16 5.57 47.73
CA VAL E 197 11.73 6.93 47.40
C VAL E 197 12.95 7.84 47.55
N SER E 198 12.86 9.07 47.05
CA SER E 198 13.93 10.05 47.20
C SER E 198 14.04 10.45 48.68
N ALA E 199 15.22 10.92 49.10
CA ALA E 199 15.43 11.37 50.46
C ALA E 199 14.48 12.53 50.81
N THR E 200 14.28 13.52 49.90
CA THR E 200 13.39 14.68 50.12
C THR E 200 11.91 14.25 50.33
N PHE E 201 11.46 13.19 49.62
CA PHE E 201 10.11 12.65 49.79
C PHE E 201 9.98 12.02 51.18
N TRP E 202 11.00 11.23 51.61
CA TRP E 202 11.01 10.60 52.93
C TRP E 202 11.10 11.67 54.03
N GLN E 203 11.87 12.71 53.80
CA GLN E 203 12.08 13.75 54.78
C GLN E 203 10.89 14.71 54.96
N ASN E 204 9.82 14.57 54.13
CA ASN E 204 8.60 15.37 54.26
C ASN E 204 7.75 14.75 55.37
N PRO E 205 7.58 15.43 56.52
CA PRO E 205 6.81 14.86 57.65
C PRO E 205 5.32 14.67 57.38
N ARG E 206 4.77 15.32 56.33
CA ARG E 206 3.36 15.11 55.96
C ARG E 206 3.15 13.74 55.26
N ASN E 207 4.20 13.20 54.62
CA ASN E 207 4.12 11.95 53.85
C ASN E 207 3.88 10.70 54.73
N HIS E 208 2.94 9.83 54.29
CA HIS E 208 2.51 8.65 55.03
C HIS E 208 2.68 7.41 54.17
N PHE E 209 3.22 6.32 54.77
CA PHE E 209 3.54 5.07 54.08
C PHE E 209 2.88 3.89 54.73
N ARG E 210 2.24 3.04 53.95
CA ARG E 210 1.60 1.86 54.53
C ARG E 210 1.81 0.64 53.65
N CYS E 211 2.15 -0.47 54.27
CA CYS E 211 2.24 -1.74 53.62
C CYS E 211 1.00 -2.56 54.03
N GLN E 212 0.31 -3.14 53.06
CA GLN E 212 -0.94 -3.83 53.28
C GLN E 212 -0.94 -5.22 52.64
N VAL E 213 -1.31 -6.24 53.43
CA VAL E 213 -1.32 -7.59 52.91
C VAL E 213 -2.73 -8.17 53.03
N GLN E 214 -3.32 -8.51 51.87
CA GLN E 214 -4.60 -9.21 51.79
C GLN E 214 -4.29 -10.72 51.84
N PHE E 215 -4.83 -11.41 52.86
CA PHE E 215 -4.69 -12.85 53.04
C PHE E 215 -6.00 -13.53 52.75
N TYR E 216 -5.96 -14.67 52.07
CA TYR E 216 -7.13 -15.48 51.71
C TYR E 216 -7.04 -16.73 52.48
N GLY E 217 -7.98 -16.90 53.36
CA GLY E 217 -7.98 -18.06 54.25
C GLY E 217 -9.34 -18.70 54.38
N LEU E 218 -9.75 -18.92 55.64
CA LEU E 218 -11.01 -19.58 55.97
C LEU E 218 -12.20 -18.66 55.89
N SER E 219 -13.37 -19.27 55.82
CA SER E 219 -14.66 -18.58 55.80
C SER E 219 -15.52 -19.14 56.94
N GLU E 220 -16.72 -18.57 57.11
CA GLU E 220 -17.71 -18.92 58.13
C GLU E 220 -17.96 -20.44 58.24
N ASN E 221 -18.17 -21.12 57.09
CA ASN E 221 -18.51 -22.54 57.01
C ASN E 221 -17.36 -23.46 57.42
N ASP E 222 -16.08 -23.02 57.32
CA ASP E 222 -14.92 -23.82 57.73
C ASP E 222 -14.97 -24.01 59.22
N GLU E 223 -14.74 -25.24 59.67
CA GLU E 223 -14.80 -25.55 61.08
C GLU E 223 -13.46 -25.26 61.73
N TRP E 224 -13.50 -24.56 62.87
CA TRP E 224 -12.31 -24.22 63.63
C TRP E 224 -12.43 -24.79 65.05
N THR E 225 -11.36 -25.48 65.51
CA THR E 225 -11.27 -26.19 66.80
C THR E 225 -9.96 -25.89 67.58
N GLN E 226 -9.06 -25.05 67.03
CA GLN E 226 -7.79 -24.68 67.67
C GLN E 226 -8.00 -23.56 68.71
N ASP E 227 -7.04 -23.44 69.63
CA ASP E 227 -7.03 -22.46 70.70
C ASP E 227 -6.73 -21.06 70.20
N ARG E 228 -6.04 -20.93 69.06
CA ARG E 228 -5.72 -19.64 68.49
C ARG E 228 -6.92 -19.13 67.66
N ALA E 229 -6.83 -17.89 67.18
CA ALA E 229 -7.90 -17.26 66.40
C ALA E 229 -8.05 -17.94 65.02
N LYS E 230 -9.31 -17.97 64.53
CA LYS E 230 -9.64 -18.56 63.25
C LYS E 230 -8.94 -17.74 62.12
N PRO E 231 -8.08 -18.38 61.29
CA PRO E 231 -7.33 -17.64 60.25
C PRO E 231 -8.20 -17.36 59.01
N VAL E 232 -9.21 -16.49 59.21
CA VAL E 232 -10.14 -16.08 58.16
C VAL E 232 -9.44 -15.15 57.18
N THR E 233 -10.09 -14.91 56.05
CA THR E 233 -9.67 -13.97 55.03
C THR E 233 -9.65 -12.61 55.71
N GLN E 234 -8.59 -11.86 55.51
CA GLN E 234 -8.38 -10.56 56.16
C GLN E 234 -7.22 -9.80 55.57
N ILE E 235 -7.17 -8.51 55.90
CA ILE E 235 -6.13 -7.58 55.57
C ILE E 235 -5.34 -7.31 56.85
N VAL E 236 -3.99 -7.37 56.77
CA VAL E 236 -3.03 -7.11 57.85
C VAL E 236 -2.12 -6.01 57.32
N SER E 237 -1.94 -4.92 58.05
CA SER E 237 -1.13 -3.85 57.51
C SER E 237 -0.21 -3.24 58.58
N ALA E 238 0.72 -2.38 58.16
CA ALA E 238 1.66 -1.65 59.04
C ALA E 238 2.00 -0.39 58.35
N GLU E 239 2.23 0.67 59.09
CA GLU E 239 2.54 1.95 58.49
C GLU E 239 3.78 2.61 59.08
N ALA E 240 4.20 3.71 58.43
CA ALA E 240 5.30 4.63 58.77
C ALA E 240 5.00 6.03 58.23
N TRP E 241 5.61 7.04 58.86
CA TRP E 241 5.50 8.44 58.48
C TRP E 241 6.87 8.96 58.16
N GLY E 242 6.93 9.96 57.27
CA GLY E 242 8.17 10.64 56.88
C GLY E 242 8.86 11.26 58.08
N ARG E 243 10.17 11.44 58.00
CA ARG E 243 10.96 11.98 59.11
C ARG E 243 11.78 13.18 58.70
N ALA E 244 11.50 14.35 59.31
CA ALA E 244 12.24 15.59 59.05
C ALA E 244 13.47 15.70 59.95
N ILE F 1 -29.83 -24.13 -9.34
CA ILE F 1 -29.65 -25.26 -10.24
C ILE F 1 -29.86 -26.57 -9.47
N GLN F 2 -30.90 -27.31 -9.87
CA GLN F 2 -31.24 -28.62 -9.32
C GLN F 2 -30.92 -29.64 -10.40
N ARG F 3 -30.23 -30.74 -10.03
CA ARG F 3 -29.80 -31.75 -10.99
C ARG F 3 -30.68 -33.00 -10.87
N THR F 4 -31.22 -33.47 -11.99
CA THR F 4 -32.11 -34.62 -11.96
C THR F 4 -31.26 -35.93 -11.87
N PRO F 5 -31.76 -36.97 -11.15
CA PRO F 5 -30.97 -38.21 -11.06
C PRO F 5 -30.92 -39.07 -12.35
N LYS F 6 -29.72 -39.63 -12.61
CA LYS F 6 -29.45 -40.63 -13.66
C LYS F 6 -29.77 -41.99 -13.00
N ILE F 7 -30.61 -42.81 -13.66
CA ILE F 7 -31.07 -44.08 -13.11
C ILE F 7 -30.62 -45.22 -14.02
N GLN F 8 -29.89 -46.18 -13.44
CA GLN F 8 -29.36 -47.33 -14.13
C GLN F 8 -29.74 -48.60 -13.33
N VAL F 9 -30.54 -49.48 -13.98
CA VAL F 9 -31.06 -50.74 -13.43
C VAL F 9 -30.30 -51.88 -14.07
N TYR F 10 -29.60 -52.65 -13.25
CA TYR F 10 -28.74 -53.74 -13.73
C TYR F 10 -28.62 -54.85 -12.70
N SER F 11 -27.91 -55.94 -13.06
CA SER F 11 -27.71 -57.07 -12.17
C SER F 11 -26.25 -57.19 -11.85
N ARG F 12 -25.94 -57.72 -10.66
CA ARG F 12 -24.55 -57.93 -10.22
C ARG F 12 -23.75 -58.74 -11.22
N HIS F 13 -24.30 -59.91 -11.58
CA HIS F 13 -23.68 -60.88 -12.50
C HIS F 13 -24.47 -60.92 -13.80
N PRO F 14 -23.89 -61.35 -14.95
CA PRO F 14 -24.72 -61.50 -16.16
C PRO F 14 -25.83 -62.51 -15.85
N ALA F 15 -27.10 -62.09 -15.97
CA ALA F 15 -28.26 -62.89 -15.57
C ALA F 15 -28.42 -64.18 -16.38
N GLU F 16 -28.76 -65.25 -15.66
CA GLU F 16 -29.06 -66.60 -16.12
C GLU F 16 -30.36 -67.00 -15.43
N ASN F 17 -31.45 -67.24 -16.21
CA ASN F 17 -32.78 -67.59 -15.69
C ASN F 17 -32.71 -68.80 -14.76
N GLY F 18 -33.32 -68.67 -13.57
CA GLY F 18 -33.32 -69.71 -12.56
C GLY F 18 -32.13 -69.67 -11.61
N LYS F 19 -31.06 -68.91 -11.96
CA LYS F 19 -29.87 -68.75 -11.11
C LYS F 19 -30.04 -67.54 -10.18
N SER F 20 -29.61 -67.68 -8.90
CA SER F 20 -29.73 -66.61 -7.91
C SER F 20 -28.74 -65.46 -8.22
N ASN F 21 -29.25 -64.20 -8.19
CA ASN F 21 -28.50 -62.97 -8.49
C ASN F 21 -28.94 -61.81 -7.56
N PHE F 22 -28.46 -60.58 -7.85
CA PHE F 22 -28.80 -59.33 -7.15
C PHE F 22 -29.21 -58.29 -8.18
N LEU F 23 -30.38 -57.66 -7.98
CA LEU F 23 -30.85 -56.59 -8.84
C LEU F 23 -30.39 -55.26 -8.23
N ASN F 24 -29.60 -54.48 -8.99
CA ASN F 24 -29.04 -53.19 -8.58
C ASN F 24 -29.68 -52.00 -9.28
N CYS F 25 -30.02 -50.96 -8.51
CA CYS F 25 -30.47 -49.68 -9.04
C CYS F 25 -29.57 -48.57 -8.48
N TYR F 26 -28.66 -48.06 -9.33
CA TYR F 26 -27.69 -47.01 -9.01
C TYR F 26 -28.21 -45.67 -9.48
N VAL F 27 -28.52 -44.80 -8.51
CA VAL F 27 -29.07 -43.47 -8.75
C VAL F 27 -27.93 -42.48 -8.50
N SER F 28 -27.67 -41.57 -9.44
CA SER F 28 -26.52 -40.68 -9.30
C SER F 28 -26.69 -39.31 -9.98
N GLY F 29 -25.70 -38.43 -9.77
CA GLY F 29 -25.63 -37.10 -10.36
C GLY F 29 -26.73 -36.15 -9.94
N PHE F 30 -27.46 -36.45 -8.85
CA PHE F 30 -28.58 -35.60 -8.40
C PHE F 30 -28.19 -34.60 -7.29
N HIS F 31 -28.95 -33.50 -7.20
CA HIS F 31 -28.83 -32.41 -6.24
C HIS F 31 -30.15 -31.62 -6.21
N PRO F 32 -30.77 -31.33 -5.04
CA PRO F 32 -30.38 -31.66 -3.65
C PRO F 32 -30.44 -33.17 -3.33
N SER F 33 -30.09 -33.54 -2.08
CA SER F 33 -29.92 -34.93 -1.63
C SER F 33 -31.19 -35.75 -1.36
N ASP F 34 -32.35 -35.13 -1.06
CA ASP F 34 -33.56 -35.90 -0.75
C ASP F 34 -34.05 -36.67 -1.98
N ILE F 35 -34.17 -37.98 -1.87
CA ILE F 35 -34.56 -38.85 -2.97
C ILE F 35 -35.38 -40.05 -2.45
N GLU F 36 -36.31 -40.51 -3.29
CA GLU F 36 -37.17 -41.68 -3.05
C GLU F 36 -36.80 -42.76 -4.04
N VAL F 37 -36.43 -43.95 -3.56
CA VAL F 37 -36.07 -45.02 -4.51
C VAL F 37 -36.85 -46.28 -4.14
N ASP F 38 -37.52 -46.87 -5.13
CA ASP F 38 -38.26 -48.13 -5.00
C ASP F 38 -37.92 -49.10 -6.11
N LEU F 39 -37.64 -50.35 -5.73
CA LEU F 39 -37.43 -51.42 -6.69
C LEU F 39 -38.79 -52.13 -6.92
N LEU F 40 -39.14 -52.46 -8.19
CA LEU F 40 -40.43 -53.07 -8.53
C LEU F 40 -40.30 -54.44 -9.23
N LYS F 41 -41.21 -55.37 -8.87
CA LYS F 41 -41.36 -56.71 -9.45
C LYS F 41 -42.78 -56.81 -10.02
N ASN F 42 -42.91 -56.69 -11.35
CA ASN F 42 -44.18 -56.71 -12.11
C ASN F 42 -45.08 -55.54 -11.66
N GLY F 43 -44.47 -54.36 -11.46
CA GLY F 43 -45.14 -53.15 -11.01
C GLY F 43 -45.49 -53.13 -9.53
N GLU F 44 -45.03 -54.14 -8.78
CA GLU F 44 -45.25 -54.25 -7.33
C GLU F 44 -43.95 -53.93 -6.60
N ARG F 45 -44.00 -53.03 -5.60
CA ARG F 45 -42.84 -52.61 -4.80
C ARG F 45 -42.25 -53.77 -3.98
N ILE F 46 -40.97 -54.12 -4.23
CA ILE F 46 -40.20 -55.15 -3.50
C ILE F 46 -39.96 -54.63 -2.06
N GLU F 47 -40.32 -55.43 -1.04
CA GLU F 47 -40.25 -55.03 0.36
C GLU F 47 -38.86 -55.20 0.98
N LYS F 48 -38.18 -56.35 0.78
CA LYS F 48 -36.85 -56.59 1.36
C LYS F 48 -35.74 -55.95 0.49
N VAL F 49 -35.76 -54.59 0.36
CA VAL F 49 -34.80 -53.82 -0.45
C VAL F 49 -33.76 -53.15 0.46
N GLU F 50 -32.48 -53.26 0.08
CA GLU F 50 -31.36 -52.67 0.82
C GLU F 50 -30.75 -51.51 0.04
N HIS F 51 -29.97 -50.66 0.75
CA HIS F 51 -29.33 -49.52 0.10
C HIS F 51 -28.08 -49.05 0.82
N SER F 52 -27.14 -48.52 0.04
CA SER F 52 -25.91 -47.93 0.56
C SER F 52 -26.25 -46.58 1.21
N ASP F 53 -25.36 -46.04 2.06
CA ASP F 53 -25.59 -44.70 2.60
C ASP F 53 -25.38 -43.67 1.49
N LEU F 54 -26.01 -42.48 1.64
CA LEU F 54 -25.80 -41.31 0.78
C LEU F 54 -24.31 -41.11 0.52
N SER F 55 -23.96 -40.97 -0.75
CA SER F 55 -22.57 -40.84 -1.14
C SER F 55 -22.34 -39.53 -1.86
N PHE F 56 -21.09 -38.99 -1.79
CA PHE F 56 -20.75 -37.67 -2.32
C PHE F 56 -19.78 -37.73 -3.47
N SER F 57 -20.05 -36.97 -4.52
CA SER F 57 -19.18 -36.85 -5.69
C SER F 57 -18.45 -35.53 -5.64
N LYS F 58 -17.31 -35.44 -6.31
CA LYS F 58 -16.49 -34.24 -6.30
C LYS F 58 -17.16 -33.07 -7.05
N ASP F 59 -18.22 -33.36 -7.87
CA ASP F 59 -18.94 -32.30 -8.60
C ASP F 59 -20.12 -31.79 -7.78
N TRP F 60 -20.19 -32.21 -6.50
CA TRP F 60 -21.14 -31.83 -5.47
C TRP F 60 -22.45 -32.56 -5.56
N SER F 61 -22.64 -33.43 -6.58
CA SER F 61 -23.89 -34.21 -6.66
C SER F 61 -23.77 -35.46 -5.76
N PHE F 62 -24.89 -36.18 -5.56
CA PHE F 62 -24.95 -37.35 -4.70
C PHE F 62 -25.24 -38.60 -5.47
N TYR F 63 -24.93 -39.76 -4.88
CA TYR F 63 -25.22 -41.04 -5.52
C TYR F 63 -25.60 -42.08 -4.45
N LEU F 64 -26.32 -43.13 -4.89
CA LEU F 64 -26.84 -44.20 -4.06
C LEU F 64 -27.02 -45.49 -4.84
N LEU F 65 -26.84 -46.63 -4.16
CA LEU F 65 -27.11 -47.95 -4.73
C LEU F 65 -28.19 -48.66 -3.89
N TYR F 66 -29.33 -48.93 -4.55
CA TYR F 66 -30.46 -49.68 -4.01
C TYR F 66 -30.39 -51.07 -4.62
N TYR F 67 -30.46 -52.11 -3.79
CA TYR F 67 -30.30 -53.47 -4.27
C TYR F 67 -31.11 -54.49 -3.50
N THR F 68 -31.47 -55.59 -4.18
CA THR F 68 -32.20 -56.71 -3.59
C THR F 68 -31.82 -58.02 -4.28
N GLU F 69 -31.79 -59.12 -3.50
CA GLU F 69 -31.51 -60.46 -4.00
C GLU F 69 -32.72 -60.97 -4.76
N PHE F 70 -32.49 -61.55 -5.97
CA PHE F 70 -33.57 -62.04 -6.83
C PHE F 70 -33.12 -63.21 -7.71
N THR F 71 -34.10 -64.00 -8.17
CA THR F 71 -33.89 -65.14 -9.08
C THR F 71 -34.62 -64.77 -10.38
N PRO F 72 -33.92 -64.29 -11.44
CA PRO F 72 -34.63 -63.88 -12.67
C PRO F 72 -35.31 -65.04 -13.40
N THR F 73 -36.55 -64.81 -13.87
CA THR F 73 -37.38 -65.74 -14.66
C THR F 73 -37.93 -64.96 -15.84
N GLU F 74 -37.93 -65.57 -17.06
CA GLU F 74 -38.37 -64.92 -18.32
C GLU F 74 -39.78 -64.28 -18.22
N LYS F 75 -40.60 -64.66 -17.21
CA LYS F 75 -41.96 -64.15 -16.95
C LYS F 75 -41.98 -62.79 -16.17
N ASP F 76 -41.20 -62.71 -15.07
CA ASP F 76 -41.11 -61.58 -14.15
C ASP F 76 -40.37 -60.37 -14.75
N GLU F 77 -41.05 -59.20 -14.70
CA GLU F 77 -40.53 -57.91 -15.19
C GLU F 77 -40.00 -57.08 -14.01
N TYR F 78 -38.78 -56.50 -14.15
CA TYR F 78 -38.15 -55.71 -13.07
C TYR F 78 -37.93 -54.25 -13.43
N ALA F 79 -38.16 -53.35 -12.46
CA ALA F 79 -38.00 -51.90 -12.65
C ALA F 79 -37.57 -51.15 -11.37
N CYS F 80 -37.12 -49.89 -11.55
CA CYS F 80 -36.70 -48.99 -10.48
C CYS F 80 -37.52 -47.71 -10.59
N ARG F 81 -38.18 -47.35 -9.49
CA ARG F 81 -39.01 -46.15 -9.40
C ARG F 81 -38.28 -45.12 -8.53
N VAL F 82 -38.01 -43.95 -9.09
CA VAL F 82 -37.30 -42.88 -8.39
C VAL F 82 -38.13 -41.57 -8.36
N ASN F 83 -38.24 -40.96 -7.16
CA ASN F 83 -38.87 -39.65 -7.01
C ASN F 83 -37.86 -38.65 -6.36
N HIS F 84 -37.77 -37.46 -6.96
CA HIS F 84 -36.89 -36.34 -6.62
C HIS F 84 -37.60 -35.00 -6.96
N VAL F 85 -37.24 -33.90 -6.26
CA VAL F 85 -37.80 -32.55 -6.45
C VAL F 85 -37.78 -32.10 -7.95
N THR F 86 -36.78 -32.55 -8.72
CA THR F 86 -36.65 -32.23 -10.15
C THR F 86 -37.68 -32.99 -11.02
N LEU F 87 -38.28 -34.06 -10.48
CA LEU F 87 -39.25 -34.91 -11.19
C LEU F 87 -40.68 -34.54 -10.81
N SER F 88 -41.52 -34.32 -11.85
CA SER F 88 -42.94 -33.98 -11.75
C SER F 88 -43.72 -35.21 -11.29
N GLN F 89 -43.36 -36.36 -11.82
CA GLN F 89 -43.95 -37.66 -11.49
C GLN F 89 -42.85 -38.70 -11.29
N PRO F 90 -43.03 -39.72 -10.40
CA PRO F 90 -41.98 -40.75 -10.24
C PRO F 90 -41.52 -41.32 -11.58
N LYS F 91 -40.20 -41.32 -11.82
CA LYS F 91 -39.60 -41.83 -13.05
C LYS F 91 -39.35 -43.31 -12.87
N ILE F 92 -39.78 -44.12 -13.87
CA ILE F 92 -39.63 -45.57 -13.85
C ILE F 92 -38.72 -46.00 -14.99
N VAL F 93 -37.65 -46.71 -14.61
CA VAL F 93 -36.65 -47.28 -15.51
C VAL F 93 -36.72 -48.79 -15.32
N LYS F 94 -37.06 -49.50 -16.39
CA LYS F 94 -37.23 -50.95 -16.35
C LYS F 94 -35.89 -51.65 -16.59
N TRP F 95 -35.67 -52.81 -15.92
CA TRP F 95 -34.47 -53.59 -16.11
C TRP F 95 -34.50 -54.24 -17.49
N ASP F 96 -33.42 -54.04 -18.27
CA ASP F 96 -33.22 -54.55 -19.62
C ASP F 96 -32.20 -55.71 -19.59
N ARG F 97 -32.69 -56.97 -19.61
CA ARG F 97 -31.83 -58.16 -19.59
C ARG F 97 -31.47 -58.59 -21.01
N GLY G 1 -3.02 33.91 -21.65
CA GLY G 1 -2.25 34.71 -22.59
C GLY G 1 -3.11 35.77 -23.25
N GLN G 2 -2.63 37.05 -23.26
CA GLN G 2 -3.29 38.20 -23.87
C GLN G 2 -2.30 39.39 -23.96
N ASN G 3 -1.94 40.08 -22.83
CA ASN G 3 -1.04 41.24 -22.87
C ASN G 3 0.00 41.35 -21.70
N ILE G 4 1.23 41.74 -22.04
CA ILE G 4 2.36 41.96 -21.16
C ILE G 4 2.95 43.35 -21.49
N ASP G 5 2.96 44.25 -20.50
CA ASP G 5 3.42 45.63 -20.68
C ASP G 5 4.58 45.96 -19.80
N GLN G 6 5.63 46.43 -20.42
CA GLN G 6 6.82 46.89 -19.74
C GLN G 6 7.29 48.16 -20.45
N PRO G 7 7.90 49.16 -19.73
CA PRO G 7 8.36 50.39 -20.43
C PRO G 7 9.34 50.09 -21.56
N THR G 8 9.25 50.84 -22.66
CA THR G 8 10.15 50.72 -23.82
C THR G 8 11.60 50.96 -23.42
N GLU G 9 11.83 52.03 -22.63
CA GLU G 9 13.19 52.36 -22.27
C GLU G 9 13.27 52.99 -20.88
N MET G 10 14.46 52.89 -20.25
CA MET G 10 14.70 53.44 -18.93
C MET G 10 16.13 53.92 -18.86
N THR G 11 16.31 55.08 -18.23
CA THR G 11 17.62 55.68 -17.99
C THR G 11 17.80 55.94 -16.50
N ALA G 12 18.96 55.55 -16.00
CA ALA G 12 19.37 55.69 -14.62
C ALA G 12 20.89 55.91 -14.55
N THR G 13 21.39 56.42 -13.42
CA THR G 13 22.79 56.72 -13.24
C THR G 13 23.50 55.54 -12.58
N GLU G 14 24.75 55.36 -12.98
CA GLU G 14 25.73 54.43 -12.46
C GLU G 14 25.85 54.57 -10.91
N GLY G 15 25.92 53.43 -10.20
CA GLY G 15 26.01 53.38 -8.74
C GLY G 15 24.67 53.49 -8.04
N ALA G 16 23.65 53.94 -8.80
CA ALA G 16 22.29 54.09 -8.32
C ALA G 16 21.48 52.78 -8.48
N ILE G 17 20.14 52.91 -8.45
CA ILE G 17 19.18 51.81 -8.47
C ILE G 17 18.12 52.04 -9.56
N VAL G 18 17.63 50.95 -10.17
CA VAL G 18 16.55 51.04 -11.13
C VAL G 18 15.59 49.85 -10.93
N GLN G 19 14.27 50.12 -11.06
CA GLN G 19 13.20 49.13 -10.98
C GLN G 19 12.46 49.09 -12.33
N ILE G 20 12.41 47.90 -12.96
CA ILE G 20 11.73 47.73 -14.26
C ILE G 20 10.41 47.01 -14.01
N ASN G 21 9.29 47.69 -14.27
CA ASN G 21 7.99 47.08 -14.04
C ASN G 21 7.55 46.19 -15.21
N CYS G 22 6.64 45.27 -14.93
CA CYS G 22 6.03 44.36 -15.88
C CYS G 22 4.64 44.02 -15.39
N THR G 23 3.62 44.44 -16.11
CA THR G 23 2.24 44.10 -15.79
C THR G 23 1.73 43.11 -16.85
N TYR G 24 1.00 42.10 -16.42
CA TYR G 24 0.50 41.09 -17.34
C TYR G 24 -0.98 40.88 -17.16
N GLN G 25 -1.65 40.59 -18.26
CA GLN G 25 -3.08 40.28 -18.32
C GLN G 25 -3.13 38.98 -19.12
N THR G 26 -3.22 37.82 -18.42
CA THR G 26 -3.15 36.54 -19.09
C THR G 26 -4.28 35.62 -18.68
N SER G 27 -4.54 34.60 -19.51
CA SER G 27 -5.51 33.55 -19.21
C SER G 27 -4.68 32.49 -18.50
N GLY G 28 -4.71 32.54 -17.18
CA GLY G 28 -3.92 31.65 -16.32
C GLY G 28 -2.51 32.12 -16.08
N PHE G 29 -1.88 31.56 -15.05
CA PHE G 29 -0.56 31.99 -14.69
C PHE G 29 0.26 30.83 -14.22
N ASN G 30 1.44 30.61 -14.83
CA ASN G 30 2.32 29.49 -14.44
C ASN G 30 3.76 29.94 -14.18
N GLY G 31 3.94 31.24 -13.94
CA GLY G 31 5.25 31.80 -13.64
C GLY G 31 5.60 32.97 -14.53
N LEU G 32 6.53 33.80 -14.06
CA LEU G 32 7.00 34.98 -14.77
C LEU G 32 8.49 34.94 -14.79
N PHE G 33 9.09 35.22 -15.97
CA PHE G 33 10.54 35.20 -16.15
C PHE G 33 11.09 36.56 -16.52
N TRP G 34 12.36 36.79 -16.16
CA TRP G 34 13.13 37.93 -16.59
C TRP G 34 14.36 37.36 -17.29
N TYR G 35 14.66 37.90 -18.47
CA TYR G 35 15.83 37.57 -19.31
C TYR G 35 16.61 38.80 -19.55
N GLN G 36 17.92 38.70 -19.58
CA GLN G 36 18.76 39.85 -19.92
C GLN G 36 19.24 39.65 -21.36
N GLN G 37 19.18 40.67 -22.21
CA GLN G 37 19.69 40.56 -23.58
C GLN G 37 20.60 41.77 -23.92
N HIS G 38 21.91 41.52 -23.93
CA HIS G 38 22.91 42.53 -24.32
C HIS G 38 22.80 42.78 -25.85
N ALA G 39 23.19 44.01 -26.28
CA ALA G 39 23.15 44.45 -27.68
C ALA G 39 23.84 43.44 -28.58
N GLY G 40 23.07 42.93 -29.55
CA GLY G 40 23.55 41.96 -30.52
C GLY G 40 23.91 40.59 -29.97
N GLU G 41 23.36 40.26 -28.77
CA GLU G 41 23.60 39.00 -28.08
C GLU G 41 22.28 38.21 -27.84
N ALA G 42 22.44 36.97 -27.38
CA ALA G 42 21.34 36.08 -27.03
C ALA G 42 20.74 36.45 -25.66
N PRO G 43 19.41 36.31 -25.46
CA PRO G 43 18.85 36.53 -24.11
C PRO G 43 19.34 35.45 -23.14
N THR G 44 19.59 35.81 -21.87
CA THR G 44 20.03 34.87 -20.83
C THR G 44 19.06 34.97 -19.66
N PHE G 45 18.67 33.82 -19.09
CA PHE G 45 17.71 33.77 -17.96
C PHE G 45 18.25 34.51 -16.74
N LEU G 46 17.43 35.37 -16.15
CA LEU G 46 17.81 36.07 -14.90
C LEU G 46 17.09 35.51 -13.70
N SER G 47 15.76 35.42 -13.79
CA SER G 47 14.95 35.00 -12.65
C SER G 47 13.63 34.35 -13.05
N TYR G 48 13.00 33.66 -12.09
CA TYR G 48 11.66 33.05 -12.21
C TYR G 48 10.89 33.30 -10.93
N ASN G 49 9.62 33.70 -11.04
CA ASN G 49 8.71 33.92 -9.91
C ASN G 49 7.33 33.38 -10.26
N VAL G 50 6.70 32.64 -9.33
CA VAL G 50 5.36 32.10 -9.51
C VAL G 50 4.49 32.32 -8.21
N LEU G 51 5.11 32.38 -7.03
CA LEU G 51 4.40 32.71 -5.78
C LEU G 51 4.83 34.12 -5.35
N ASP G 52 4.03 34.78 -4.50
CA ASP G 52 4.31 36.16 -4.09
C ASP G 52 5.56 36.27 -3.23
N GLY G 53 6.35 37.27 -3.53
CA GLY G 53 7.57 37.55 -2.77
C GLY G 53 8.66 38.16 -3.60
N LEU G 54 9.78 38.38 -2.95
CA LEU G 54 10.98 38.96 -3.51
C LEU G 54 12.13 37.97 -3.36
N GLU G 55 12.88 37.71 -4.46
CA GLU G 55 14.06 36.82 -4.42
C GLU G 55 15.29 37.59 -4.92
N GLU G 56 16.39 37.50 -4.19
CA GLU G 56 17.64 38.19 -4.50
C GLU G 56 18.71 37.27 -5.09
N LYS G 57 19.29 37.69 -6.23
CA LYS G 57 20.39 37.00 -6.94
C LYS G 57 21.47 38.05 -7.25
N GLY G 58 22.47 38.16 -6.36
CA GLY G 58 23.54 39.15 -6.48
C GLY G 58 22.95 40.54 -6.30
N ARG G 59 23.27 41.46 -7.22
CA ARG G 59 22.72 42.84 -7.22
C ARG G 59 21.30 42.89 -7.81
N PHE G 60 20.78 41.75 -8.33
CA PHE G 60 19.45 41.67 -8.96
C PHE G 60 18.42 40.98 -8.08
N SER G 61 17.25 41.59 -7.93
CA SER G 61 16.13 41.04 -7.18
C SER G 61 14.91 41.03 -8.07
N SER G 62 14.06 40.00 -7.95
CA SER G 62 12.82 39.92 -8.70
C SER G 62 11.64 39.78 -7.75
N PHE G 63 10.59 40.58 -7.98
CA PHE G 63 9.40 40.64 -7.17
C PHE G 63 8.21 40.22 -7.95
N LEU G 64 7.20 39.63 -7.30
CA LEU G 64 5.94 39.27 -7.94
C LEU G 64 4.76 39.49 -7.00
N SER G 65 3.67 40.05 -7.53
CA SER G 65 2.38 40.14 -6.88
C SER G 65 1.36 39.52 -7.83
N ARG G 66 0.90 38.30 -7.52
CA ARG G 66 -0.07 37.59 -8.37
C ARG G 66 -1.40 38.28 -8.50
N SER G 67 -1.92 38.85 -7.41
CA SER G 67 -3.23 39.51 -7.34
C SER G 67 -3.27 40.83 -8.13
N LYS G 68 -2.13 41.51 -8.25
CA LYS G 68 -1.99 42.77 -8.96
C LYS G 68 -1.46 42.52 -10.38
N GLY G 69 -1.11 41.25 -10.68
CA GLY G 69 -0.59 40.83 -11.98
C GLY G 69 0.57 41.73 -12.38
N TYR G 70 1.55 41.82 -11.47
CA TYR G 70 2.67 42.71 -11.61
C TYR G 70 3.95 42.11 -11.04
N SER G 71 5.07 42.43 -11.70
CA SER G 71 6.42 42.07 -11.29
C SER G 71 7.38 43.24 -11.52
N TYR G 72 8.49 43.23 -10.80
CA TYR G 72 9.53 44.20 -11.07
C TYR G 72 10.85 43.49 -10.98
N LEU G 73 11.81 43.98 -11.77
CA LEU G 73 13.21 43.59 -11.72
C LEU G 73 13.95 44.80 -11.16
N LEU G 74 14.64 44.60 -10.04
CA LEU G 74 15.36 45.67 -9.38
C LEU G 74 16.86 45.46 -9.50
N LEU G 75 17.59 46.47 -9.98
CA LEU G 75 19.05 46.29 -10.00
C LEU G 75 19.63 47.36 -9.10
N LYS G 76 20.58 46.94 -8.25
CA LYS G 76 21.27 47.79 -7.26
C LYS G 76 22.69 48.05 -7.74
N GLU G 77 23.34 49.12 -7.21
CA GLU G 77 24.72 49.56 -7.53
C GLU G 77 24.97 49.51 -9.05
N LEU G 78 24.03 50.08 -9.85
CA LEU G 78 24.03 50.12 -11.32
C LEU G 78 25.45 50.26 -11.88
N GLN G 79 25.85 49.31 -12.71
CA GLN G 79 27.14 49.29 -13.39
C GLN G 79 26.91 49.50 -14.86
N MET G 80 27.96 49.92 -15.60
CA MET G 80 27.85 50.19 -17.04
C MET G 80 27.46 48.94 -17.83
N LYS G 81 27.94 47.75 -17.36
CA LYS G 81 27.68 46.43 -17.95
C LYS G 81 26.17 46.02 -17.90
N ASP G 82 25.36 46.75 -17.10
CA ASP G 82 23.92 46.50 -16.95
C ASP G 82 23.13 47.11 -18.11
N SER G 83 23.80 47.93 -18.96
CA SER G 83 23.20 48.47 -20.17
C SER G 83 22.96 47.26 -21.03
N ALA G 84 21.69 47.00 -21.28
CA ALA G 84 21.15 45.82 -21.97
C ALA G 84 19.66 45.99 -22.04
N SER G 85 19.01 45.08 -22.72
CA SER G 85 17.56 45.02 -22.78
C SER G 85 17.12 43.96 -21.77
N TYR G 86 15.94 44.16 -21.16
CA TYR G 86 15.39 43.29 -20.11
C TYR G 86 14.04 42.85 -20.52
N LEU G 87 13.93 41.54 -20.72
CA LEU G 87 12.71 40.95 -21.24
C LEU G 87 11.94 40.24 -20.14
N CYS G 88 10.64 40.54 -20.08
CA CYS G 88 9.66 39.97 -19.20
C CYS G 88 8.78 39.00 -19.99
N ALA G 89 8.64 37.75 -19.52
CA ALA G 89 7.79 36.73 -20.16
C ALA G 89 6.91 35.97 -19.14
N VAL G 90 5.63 35.70 -19.46
CA VAL G 90 4.71 34.99 -18.57
C VAL G 90 4.20 33.70 -19.22
N LYS G 91 4.19 32.59 -18.45
CA LYS G 91 3.58 31.34 -18.90
C LYS G 91 2.11 31.37 -18.58
N ASP G 92 1.25 31.20 -19.59
CA ASP G 92 -0.19 31.20 -19.36
C ASP G 92 -0.71 29.79 -18.93
N SER G 93 -2.05 29.63 -18.83
CA SER G 93 -2.72 28.39 -18.42
CA SER G 93 -2.73 28.38 -18.43
C SER G 93 -2.36 27.19 -19.30
N ASN G 94 -1.95 27.45 -20.57
CA ASN G 94 -1.58 26.43 -21.54
C ASN G 94 -0.06 26.27 -21.67
N TYR G 95 0.71 26.86 -20.75
CA TYR G 95 2.19 26.83 -20.69
C TYR G 95 2.85 27.50 -21.90
N GLN G 96 2.10 28.35 -22.58
CA GLN G 96 2.62 29.15 -23.67
C GLN G 96 3.34 30.37 -23.06
N LEU G 97 4.55 30.66 -23.55
CA LEU G 97 5.32 31.80 -23.11
C LEU G 97 4.89 33.07 -23.87
N ILE G 98 4.39 34.09 -23.14
CA ILE G 98 3.99 35.38 -23.72
C ILE G 98 5.12 36.38 -23.41
N TRP G 99 5.69 36.96 -24.46
CA TRP G 99 6.80 37.86 -24.27
C TRP G 99 6.40 39.30 -24.32
N GLY G 100 7.05 40.09 -23.46
CA GLY G 100 6.93 41.53 -23.42
C GLY G 100 7.92 42.07 -24.45
N ALA G 101 7.66 43.27 -24.98
CA ALA G 101 8.47 43.90 -26.04
C ALA G 101 9.91 44.27 -25.58
N GLY G 102 10.22 44.12 -24.28
CA GLY G 102 11.53 44.44 -23.73
C GLY G 102 11.69 45.87 -23.28
N THR G 103 12.60 46.11 -22.35
CA THR G 103 12.96 47.43 -21.82
C THR G 103 14.40 47.63 -22.06
N LYS G 104 14.77 48.67 -22.84
CA LYS G 104 16.17 48.98 -23.06
C LYS G 104 16.64 49.80 -21.85
N LEU G 105 17.74 49.41 -21.21
CA LEU G 105 18.23 50.13 -20.06
C LEU G 105 19.52 50.81 -20.39
N ILE G 106 19.54 52.15 -20.21
CA ILE G 106 20.71 52.99 -20.45
C ILE G 106 21.26 53.49 -19.10
N ILE G 107 22.53 53.21 -18.84
CA ILE G 107 23.23 53.61 -17.64
C ILE G 107 24.10 54.84 -17.96
N LYS G 108 23.74 56.01 -17.37
CA LYS G 108 24.50 57.27 -17.47
C LYS G 108 25.75 57.17 -16.59
N PRO G 109 26.98 57.26 -17.15
CA PRO G 109 28.18 57.17 -16.29
C PRO G 109 28.31 58.34 -15.30
N ASP G 110 29.25 58.20 -14.34
CA ASP G 110 29.53 59.22 -13.32
C ASP G 110 30.72 60.06 -13.78
N ILE G 111 30.42 61.19 -14.46
CA ILE G 111 31.45 62.09 -15.00
C ILE G 111 31.92 63.00 -13.84
N GLN G 112 33.05 62.62 -13.23
CA GLN G 112 33.65 63.32 -12.09
C GLN G 112 34.24 64.67 -12.53
N ASN G 113 34.96 64.70 -13.68
CA ASN G 113 35.62 65.90 -14.21
C ASN G 113 35.14 66.24 -15.64
N PRO G 114 33.98 66.92 -15.81
CA PRO G 114 33.53 67.23 -17.18
C PRO G 114 34.37 68.31 -17.86
N ASP G 115 34.92 67.95 -19.04
CA ASP G 115 35.78 68.80 -19.89
C ASP G 115 35.18 68.85 -21.32
N PRO G 116 34.00 69.50 -21.55
CA PRO G 116 33.39 69.47 -22.91
C PRO G 116 34.29 70.08 -24.00
N ALA G 117 34.56 69.31 -25.08
CA ALA G 117 35.42 69.72 -26.20
C ALA G 117 35.08 69.01 -27.52
N VAL G 118 35.17 69.77 -28.64
CA VAL G 118 34.96 69.31 -30.03
C VAL G 118 36.31 69.36 -30.74
N TYR G 119 36.87 68.20 -31.12
CA TYR G 119 38.17 68.13 -31.81
C TYR G 119 38.03 67.69 -33.28
N GLN G 120 39.04 67.98 -34.11
CA GLN G 120 39.09 67.57 -35.52
C GLN G 120 40.18 66.54 -35.70
N LEU G 121 39.84 65.40 -36.33
CA LEU G 121 40.79 64.30 -36.54
C LEU G 121 41.19 64.18 -38.03
N ARG G 122 42.44 63.71 -38.28
CA ARG G 122 43.00 63.58 -39.63
C ARG G 122 42.78 62.16 -40.19
N SER G 130 37.32 64.51 -43.10
CA SER G 130 37.72 64.58 -41.69
C SER G 130 36.54 64.27 -40.74
N VAL G 131 36.83 64.09 -39.44
CA VAL G 131 35.82 63.76 -38.43
C VAL G 131 35.90 64.71 -37.21
N CYS G 132 34.73 65.17 -36.74
CA CYS G 132 34.58 66.01 -35.55
C CYS G 132 34.14 65.13 -34.38
N LEU G 133 34.95 65.07 -33.31
CA LEU G 133 34.64 64.29 -32.12
C LEU G 133 34.30 65.21 -30.96
N PHE G 134 33.05 65.12 -30.47
CA PHE G 134 32.57 65.82 -29.28
C PHE G 134 32.77 64.86 -28.13
N THR G 135 33.68 65.19 -27.19
CA THR G 135 34.00 64.29 -26.09
C THR G 135 34.02 65.00 -24.74
N ASP G 136 34.23 64.20 -23.68
CA ASP G 136 34.38 64.55 -22.26
C ASP G 136 33.24 65.41 -21.68
N PHE G 137 32.05 65.42 -22.31
CA PHE G 137 30.89 66.16 -21.78
C PHE G 137 30.21 65.36 -20.63
N ASP G 138 29.27 66.00 -19.90
CA ASP G 138 28.54 65.40 -18.77
C ASP G 138 27.29 64.65 -19.27
N SER G 139 27.01 63.48 -18.65
CA SER G 139 25.91 62.54 -18.96
C SER G 139 24.51 63.20 -19.16
N GLN G 140 24.31 64.41 -18.63
CA GLN G 140 23.03 65.12 -18.78
C GLN G 140 22.88 65.75 -20.19
N THR G 141 24.00 65.87 -20.95
CA THR G 141 24.06 66.40 -22.32
C THR G 141 23.47 65.37 -23.29
N ASN G 142 22.46 65.80 -24.08
CA ASN G 142 21.79 64.97 -25.07
C ASN G 142 22.21 65.42 -26.46
N VAL G 143 22.80 64.49 -27.24
CA VAL G 143 23.29 64.72 -28.59
C VAL G 143 22.14 64.59 -29.60
N SER G 144 21.83 65.68 -30.31
CA SER G 144 20.77 65.71 -31.32
C SER G 144 21.33 65.27 -32.67
N GLN G 145 20.49 64.62 -33.47
CA GLN G 145 20.82 64.12 -34.80
C GLN G 145 20.91 65.24 -35.82
N SER G 146 21.55 64.94 -36.98
CA SER G 146 21.74 65.87 -38.09
C SER G 146 20.42 66.17 -38.84
N LYS G 147 20.44 67.21 -39.69
CA LYS G 147 19.32 67.64 -40.54
C LYS G 147 19.77 67.75 -42.02
N ASP G 148 21.10 67.67 -42.27
CA ASP G 148 21.67 67.74 -43.61
C ASP G 148 21.81 66.34 -44.23
N SER G 149 21.79 66.28 -45.57
CA SER G 149 21.87 65.04 -46.35
C SER G 149 23.29 64.47 -46.39
N ASP G 150 24.32 65.34 -46.22
CA ASP G 150 25.73 64.94 -46.25
C ASP G 150 26.36 64.85 -44.84
N VAL G 151 25.77 65.50 -43.81
CA VAL G 151 26.30 65.49 -42.43
C VAL G 151 25.76 64.28 -41.65
N TYR G 152 26.68 63.49 -41.02
CA TYR G 152 26.31 62.32 -40.23
C TYR G 152 26.80 62.44 -38.78
N ILE G 153 25.86 62.50 -37.84
CA ILE G 153 26.11 62.60 -36.40
C ILE G 153 25.76 61.25 -35.76
N THR G 154 26.68 60.70 -34.94
CA THR G 154 26.42 59.43 -34.26
C THR G 154 25.76 59.68 -32.89
N ASP G 155 25.32 58.59 -32.26
CA ASP G 155 24.73 58.62 -30.94
C ASP G 155 25.83 58.69 -29.88
N LYS G 156 25.46 59.15 -28.66
CA LYS G 156 26.30 59.26 -27.47
C LYS G 156 26.86 57.86 -27.09
N CYS G 157 28.18 57.76 -26.95
CA CYS G 157 28.91 56.54 -26.65
C CYS G 157 29.71 56.70 -25.36
N VAL G 158 29.76 55.66 -24.51
CA VAL G 158 30.52 55.67 -23.26
C VAL G 158 31.67 54.68 -23.35
N LEU G 159 32.90 55.15 -23.17
CA LEU G 159 34.07 54.27 -23.21
C LEU G 159 34.75 54.26 -21.83
N ASP G 160 35.34 53.11 -21.45
CA ASP G 160 35.97 52.96 -20.14
C ASP G 160 37.41 52.50 -20.25
N MET G 161 38.30 53.31 -19.66
CA MET G 161 39.74 53.02 -19.52
C MET G 161 39.89 52.47 -18.09
N ARG G 162 39.74 51.14 -17.94
CA ARG G 162 39.76 50.44 -16.66
C ARG G 162 41.05 50.63 -15.85
N SER G 163 42.22 50.76 -16.54
CA SER G 163 43.54 50.96 -15.91
C SER G 163 43.64 52.30 -15.17
N MET G 164 42.97 53.34 -15.72
CA MET G 164 42.95 54.70 -15.18
C MET G 164 41.62 55.04 -14.47
N ASP G 165 40.69 54.03 -14.37
CA ASP G 165 39.35 54.13 -13.76
C ASP G 165 38.59 55.41 -14.22
N PHE G 166 38.78 55.75 -15.52
CA PHE G 166 38.24 56.92 -16.21
C PHE G 166 37.16 56.51 -17.22
N LYS G 167 35.99 57.16 -17.16
CA LYS G 167 34.89 56.95 -18.08
C LYS G 167 34.57 58.28 -18.79
N SER G 168 34.33 58.24 -20.12
CA SER G 168 34.01 59.45 -20.89
C SER G 168 32.89 59.23 -21.91
N ASN G 169 32.11 60.30 -22.15
CA ASN G 169 31.03 60.37 -23.14
C ASN G 169 31.58 60.97 -24.44
N SER G 170 31.10 60.47 -25.60
CA SER G 170 31.56 60.90 -26.93
C SER G 170 30.51 60.71 -28.02
N ALA G 171 30.59 61.59 -29.05
CA ALA G 171 29.77 61.59 -30.27
C ALA G 171 30.66 62.00 -31.44
N VAL G 172 30.47 61.36 -32.62
CA VAL G 172 31.25 61.62 -33.83
C VAL G 172 30.36 62.30 -34.91
N ALA G 173 30.98 63.12 -35.80
CA ALA G 173 30.35 63.87 -36.90
C ALA G 173 31.26 63.94 -38.11
N TRP G 174 30.69 63.77 -39.33
CA TRP G 174 31.43 63.86 -40.61
C TRP G 174 30.51 64.22 -41.77
N SER G 175 31.09 64.82 -42.85
CA SER G 175 30.40 65.30 -44.06
C SER G 175 31.35 65.68 -45.19
N ASN G 176 30.77 66.11 -46.35
CA ASN G 176 31.46 66.61 -47.55
C ASN G 176 31.02 68.04 -47.87
N ASP G 179 33.01 72.93 -46.56
CA ASP G 179 31.70 73.40 -46.13
C ASP G 179 31.41 73.03 -44.67
N PHE G 180 31.80 71.81 -44.25
CA PHE G 180 31.59 71.26 -42.91
C PHE G 180 32.69 71.70 -41.95
N ALA G 181 32.29 72.36 -40.84
CA ALA G 181 33.18 72.86 -39.80
C ALA G 181 32.78 72.34 -38.43
N CYS G 182 33.79 71.96 -37.60
CA CYS G 182 33.64 71.43 -36.23
C CYS G 182 32.84 72.37 -35.32
N ALA G 183 32.85 73.69 -35.62
CA ALA G 183 32.13 74.71 -34.86
C ALA G 183 30.61 74.61 -35.06
N ASN G 184 30.17 74.23 -36.27
CA ASN G 184 28.76 74.10 -36.63
C ASN G 184 28.25 72.65 -36.54
N ALA G 185 29.17 71.67 -36.43
CA ALA G 185 28.91 70.23 -36.40
C ALA G 185 27.83 69.80 -35.39
N PHE G 186 28.00 70.14 -34.10
CA PHE G 186 27.08 69.74 -33.04
C PHE G 186 26.13 70.90 -32.66
N ASN G 187 25.87 71.83 -33.61
CA ASN G 187 24.98 72.98 -33.40
C ASN G 187 23.51 72.56 -33.21
N ASN G 188 23.13 71.35 -33.73
CA ASN G 188 21.77 70.80 -33.59
C ASN G 188 21.47 70.42 -32.14
N SER G 189 22.51 70.05 -31.38
CA SER G 189 22.42 69.65 -29.98
C SER G 189 22.50 70.85 -29.04
N ILE G 190 22.11 70.64 -27.76
CA ILE G 190 22.18 71.66 -26.71
C ILE G 190 23.55 71.47 -26.02
N ILE G 191 24.58 72.02 -26.68
CA ILE G 191 26.00 71.97 -26.32
C ILE G 191 26.28 72.77 -25.01
N PRO G 192 27.16 72.29 -24.08
CA PRO G 192 27.46 73.10 -22.88
C PRO G 192 28.15 74.42 -23.25
N GLU G 193 27.86 75.50 -22.50
CA GLU G 193 28.39 76.86 -22.73
C GLU G 193 29.93 76.92 -22.73
N ASP G 194 30.59 76.16 -21.83
CA ASP G 194 32.05 76.13 -21.65
C ASP G 194 32.78 75.08 -22.53
N THR G 195 32.24 74.77 -23.73
CA THR G 195 32.84 73.78 -24.63
C THR G 195 34.07 74.37 -25.32
N PHE G 196 35.20 73.65 -25.21
CA PHE G 196 36.49 73.98 -25.78
C PHE G 196 36.48 73.75 -27.30
N PHE G 197 36.87 74.79 -28.06
CA PHE G 197 36.93 74.76 -29.52
C PHE G 197 38.32 75.19 -30.00
N PRO G 198 39.28 74.25 -30.10
CA PRO G 198 40.63 74.62 -30.56
C PRO G 198 40.68 75.12 -32.02
N GLY H 3 25.90 25.88 -24.81
CA GLY H 3 25.04 24.70 -24.86
C GLY H 3 24.26 24.55 -26.15
N VAL H 4 23.63 25.63 -26.62
CA VAL H 4 22.86 25.67 -27.86
C VAL H 4 23.74 26.32 -28.98
N THR H 5 24.01 25.55 -30.05
CA THR H 5 24.81 25.92 -31.22
C THR H 5 23.90 26.09 -32.47
N GLN H 6 23.73 27.33 -32.96
CA GLN H 6 22.95 27.57 -34.18
C GLN H 6 23.84 28.22 -35.28
N THR H 7 23.55 27.89 -36.55
CA THR H 7 24.26 28.37 -37.75
C THR H 7 23.26 28.63 -38.91
N PRO H 8 23.51 29.64 -39.79
CA PRO H 8 24.63 30.60 -39.79
C PRO H 8 24.37 31.87 -38.94
N LYS H 9 25.47 32.54 -38.51
CA LYS H 9 25.40 33.81 -37.77
C LYS H 9 24.76 34.89 -38.66
N PHE H 10 25.16 34.96 -39.95
CA PHE H 10 24.64 35.93 -40.93
C PHE H 10 24.33 35.30 -42.26
N GLN H 11 23.31 35.81 -42.96
CA GLN H 11 22.97 35.30 -44.28
C GLN H 11 22.23 36.33 -45.12
N VAL H 12 22.72 36.51 -46.37
CA VAL H 12 22.09 37.37 -47.37
C VAL H 12 21.30 36.45 -48.31
N LEU H 13 20.01 36.74 -48.54
CA LEU H 13 19.26 35.90 -49.45
C LEU H 13 18.54 36.74 -50.47
N LYS H 14 18.41 36.19 -51.69
CA LYS H 14 17.61 36.81 -52.75
C LYS H 14 16.18 36.30 -52.57
N THR H 15 15.15 37.13 -52.87
CA THR H 15 13.76 36.70 -52.79
C THR H 15 13.58 35.37 -53.59
N GLY H 16 12.73 34.47 -53.10
CA GLY H 16 12.46 33.19 -53.73
C GLY H 16 13.44 32.08 -53.38
N GLN H 17 14.65 32.46 -52.93
CA GLN H 17 15.70 31.52 -52.53
C GLN H 17 15.26 30.71 -51.31
N SER H 18 15.76 29.47 -51.22
CA SER H 18 15.51 28.57 -50.12
C SER H 18 16.70 28.67 -49.15
N MET H 19 16.47 28.33 -47.85
CA MET H 19 17.50 28.40 -46.82
C MET H 19 17.14 27.48 -45.60
N THR H 20 18.20 26.96 -44.91
CA THR H 20 18.03 26.15 -43.72
C THR H 20 18.97 26.63 -42.60
N LEU H 21 18.38 26.95 -41.45
CA LEU H 21 19.12 27.33 -40.25
C LEU H 21 19.22 26.10 -39.39
N GLN H 22 20.41 25.81 -38.88
CA GLN H 22 20.72 24.64 -38.06
C GLN H 22 20.81 25.02 -36.59
N CYS H 23 20.38 24.09 -35.73
CA CYS H 23 20.42 24.24 -34.29
C CYS H 23 20.58 22.91 -33.61
N ALA H 24 21.64 22.79 -32.83
CA ALA H 24 21.96 21.61 -32.07
C ALA H 24 22.19 21.98 -30.61
N GLN H 25 21.85 21.07 -29.68
CA GLN H 25 22.08 21.24 -28.24
C GLN H 25 22.55 19.91 -27.66
N ASP H 26 23.50 19.95 -26.74
CA ASP H 26 24.00 18.70 -26.16
C ASP H 26 23.78 18.73 -24.64
N MET H 27 22.60 19.23 -24.25
CA MET H 27 22.20 19.37 -22.84
C MET H 27 21.14 18.33 -22.45
N ASN H 28 20.77 17.43 -23.38
CA ASN H 28 19.74 16.38 -23.27
C ASN H 28 18.36 16.99 -23.03
N HIS H 29 18.12 18.14 -23.66
CA HIS H 29 16.87 18.85 -23.54
C HIS H 29 15.89 18.20 -24.46
N ASN H 30 14.62 18.16 -24.05
CA ASN H 30 13.61 17.52 -24.89
C ASN H 30 12.87 18.48 -25.78
N SER H 31 12.74 19.75 -25.34
CA SER H 31 11.94 20.76 -26.04
C SER H 31 12.80 21.72 -26.81
N MET H 32 12.41 22.03 -28.07
CA MET H 32 13.20 22.98 -28.88
C MET H 32 12.28 23.99 -29.57
N TYR H 33 12.77 25.23 -29.75
CA TYR H 33 11.98 26.36 -30.27
C TYR H 33 12.72 27.20 -31.31
N TRP H 34 11.97 27.79 -32.25
CA TRP H 34 12.50 28.78 -33.20
C TRP H 34 11.72 30.07 -33.04
N TYR H 35 12.41 31.13 -32.68
CA TYR H 35 11.83 32.45 -32.48
C TYR H 35 12.41 33.45 -33.50
N ARG H 36 11.64 34.49 -33.84
CA ARG H 36 12.22 35.60 -34.59
C ARG H 36 12.09 36.84 -33.69
N GLN H 37 13.15 37.65 -33.66
CA GLN H 37 13.16 38.92 -32.91
C GLN H 37 13.11 40.10 -33.90
N ASP H 38 12.05 40.90 -33.81
CA ASP H 38 11.81 42.10 -34.63
C ASP H 38 11.69 43.35 -33.74
N PRO H 39 12.26 44.51 -34.18
CA PRO H 39 12.16 45.74 -33.37
C PRO H 39 10.72 46.10 -32.93
N GLY H 40 10.58 46.52 -31.66
CA GLY H 40 9.34 46.98 -31.08
C GLY H 40 8.30 45.95 -30.68
N MET H 41 8.62 44.65 -30.78
CA MET H 41 7.66 43.64 -30.34
C MET H 41 8.35 42.52 -29.59
N GLY H 42 7.56 41.73 -28.89
CA GLY H 42 8.08 40.59 -28.15
C GLY H 42 8.48 39.48 -29.10
N LEU H 43 9.38 38.60 -28.66
CA LEU H 43 9.78 37.43 -29.42
C LEU H 43 8.54 36.69 -29.89
N ARG H 44 8.55 36.21 -31.15
CA ARG H 44 7.41 35.48 -31.71
C ARG H 44 7.87 34.11 -32.10
N LEU H 45 7.21 33.08 -31.54
CA LEU H 45 7.50 31.68 -31.77
C LEU H 45 7.06 31.30 -33.18
N ILE H 46 7.97 30.73 -33.97
CA ILE H 46 7.66 30.28 -35.36
C ILE H 46 7.07 28.88 -35.31
N TYR H 47 7.87 27.94 -34.78
CA TYR H 47 7.56 26.54 -34.58
C TYR H 47 8.23 26.07 -33.29
N TYR H 48 7.77 24.96 -32.72
CA TYR H 48 8.38 24.38 -31.53
C TYR H 48 8.28 22.86 -31.59
N SER H 49 9.11 22.20 -30.82
CA SER H 49 9.10 20.75 -30.74
C SER H 49 9.11 20.39 -29.24
N ALA H 50 7.92 20.03 -28.68
CA ALA H 50 7.75 19.72 -27.24
C ALA H 50 8.66 18.56 -26.77
N SER H 51 8.89 17.58 -27.65
CA SER H 51 9.83 16.47 -27.47
C SER H 51 10.17 15.88 -28.84
N GLU H 52 11.16 15.00 -28.92
CA GLU H 52 11.54 14.28 -30.15
C GLU H 52 10.35 13.54 -30.69
N GLY H 53 10.08 13.71 -31.97
CA GLY H 53 8.97 13.02 -32.61
C GLY H 53 7.69 13.81 -32.78
N THR H 54 7.72 15.10 -32.41
CA THR H 54 6.56 15.99 -32.55
C THR H 54 7.05 17.41 -32.72
N THR H 55 6.29 18.18 -33.48
CA THR H 55 6.54 19.59 -33.75
C THR H 55 5.18 20.23 -33.90
N ASP H 56 5.09 21.55 -33.75
CA ASP H 56 3.82 22.23 -34.00
C ASP H 56 4.08 23.68 -34.30
N LYS H 57 3.11 24.30 -34.97
CA LYS H 57 3.12 25.71 -35.33
C LYS H 57 3.12 26.60 -34.08
N GLY H 58 3.90 27.68 -34.14
CA GLY H 58 3.93 28.72 -33.13
C GLY H 58 2.96 29.82 -33.54
N GLU H 59 3.36 31.08 -33.33
CA GLU H 59 2.54 32.26 -33.65
C GLU H 59 2.67 32.64 -35.13
N VAL H 60 3.90 32.58 -35.69
CA VAL H 60 4.14 33.02 -37.08
C VAL H 60 4.72 31.87 -37.96
N PRO H 61 3.97 30.75 -38.19
CA PRO H 61 4.55 29.63 -38.95
C PRO H 61 4.60 29.79 -40.48
N ASN H 62 3.81 30.71 -41.08
CA ASN H 62 3.70 30.89 -42.54
C ASN H 62 4.98 31.36 -43.17
N GLY H 63 5.48 30.55 -44.11
CA GLY H 63 6.69 30.85 -44.86
C GLY H 63 7.85 30.05 -44.33
N TYR H 64 7.56 29.24 -43.31
CA TYR H 64 8.55 28.40 -42.65
C TYR H 64 8.07 26.99 -42.52
N ASN H 65 9.03 26.08 -42.24
CA ASN H 65 8.80 24.69 -41.91
C ASN H 65 9.93 24.24 -40.99
N VAL H 66 9.71 23.19 -40.18
CA VAL H 66 10.77 22.68 -39.29
C VAL H 66 10.90 21.17 -39.39
N SER H 67 12.03 20.66 -38.89
CA SER H 67 12.31 19.25 -38.80
C SER H 67 13.03 18.95 -37.49
N ARG H 68 12.39 18.14 -36.62
CA ARG H 68 13.05 17.64 -35.42
C ARG H 68 13.72 16.35 -35.88
N LEU H 69 15.01 16.44 -36.26
CA LEU H 69 15.79 15.36 -36.88
C LEU H 69 16.11 14.24 -35.90
N ASN H 70 16.34 14.62 -34.64
CA ASN H 70 16.65 13.77 -33.50
C ASN H 70 16.44 14.63 -32.24
N LYS H 71 16.81 14.12 -31.05
CA LYS H 71 16.66 14.83 -29.78
C LYS H 71 17.48 16.11 -29.73
N ARG H 72 18.67 16.10 -30.37
CA ARG H 72 19.61 17.22 -30.37
C ARG H 72 19.34 18.33 -31.39
N GLU H 73 18.76 18.02 -32.55
CA GLU H 73 18.68 18.95 -33.67
C GLU H 73 17.30 19.36 -34.09
N PHE H 74 17.14 20.67 -34.39
CA PHE H 74 15.86 21.29 -34.79
C PHE H 74 16.19 22.33 -35.83
N SER H 75 15.97 21.97 -37.09
CA SER H 75 16.34 22.88 -38.17
C SER H 75 15.13 23.61 -38.69
N LEU H 76 15.36 24.86 -39.06
CA LEU H 76 14.34 25.76 -39.56
C LEU H 76 14.57 26.00 -41.05
N ARG H 77 13.53 25.84 -41.86
CA ARG H 77 13.69 26.07 -43.28
C ARG H 77 12.77 27.17 -43.80
N LEU H 78 13.36 28.05 -44.63
CA LEU H 78 12.74 29.14 -45.40
C LEU H 78 12.63 28.58 -46.85
N GLU H 79 11.43 28.12 -47.29
CA GLU H 79 11.24 27.51 -48.60
C GLU H 79 11.46 28.50 -49.76
N SER H 80 10.74 29.64 -49.74
CA SER H 80 10.87 30.71 -50.75
C SER H 80 10.93 32.05 -50.03
N ALA H 81 12.17 32.48 -49.70
CA ALA H 81 12.44 33.70 -48.93
C ALA H 81 11.68 34.92 -49.45
N ALA H 82 11.06 35.66 -48.51
CA ALA H 82 10.30 36.90 -48.74
C ALA H 82 10.93 38.03 -47.93
N PRO H 83 10.87 39.31 -48.36
CA PRO H 83 11.54 40.39 -47.59
C PRO H 83 11.02 40.55 -46.15
N SER H 84 9.74 40.18 -45.88
CA SER H 84 9.12 40.22 -44.55
C SER H 84 9.83 39.30 -43.56
N GLN H 85 10.61 38.32 -44.08
CA GLN H 85 11.38 37.34 -43.31
C GLN H 85 12.76 37.89 -42.91
N THR H 86 13.05 39.17 -43.24
CA THR H 86 14.28 39.83 -42.79
C THR H 86 14.12 39.97 -41.25
N SER H 87 15.03 39.37 -40.47
CA SER H 87 14.93 39.33 -39.00
C SER H 87 16.15 38.73 -38.34
N VAL H 88 16.09 38.58 -37.00
CA VAL H 88 17.10 37.91 -36.17
C VAL H 88 16.42 36.64 -35.65
N TYR H 89 17.00 35.50 -35.95
CA TYR H 89 16.40 34.21 -35.62
C TYR H 89 17.08 33.58 -34.44
N PHE H 90 16.28 33.16 -33.47
CA PHE H 90 16.87 32.51 -32.29
C PHE H 90 16.35 31.09 -32.08
N CYS H 91 17.28 30.16 -31.90
CA CYS H 91 16.95 28.81 -31.50
C CYS H 91 17.10 28.77 -29.98
N ALA H 92 16.17 28.07 -29.30
CA ALA H 92 16.17 27.90 -27.84
C ALA H 92 15.78 26.48 -27.47
N SER H 93 16.24 26.03 -26.31
CA SER H 93 15.91 24.72 -25.79
C SER H 93 15.61 24.80 -24.29
N SER H 94 14.74 23.92 -23.82
CA SER H 94 14.39 23.75 -22.40
C SER H 94 14.27 22.26 -22.12
N VAL H 95 14.55 21.83 -20.87
CA VAL H 95 14.52 20.43 -20.40
C VAL H 95 13.19 19.76 -20.79
N TRP H 96 12.07 20.45 -20.62
CA TRP H 96 10.72 19.99 -20.98
C TRP H 96 9.85 21.22 -21.26
N THR H 97 8.63 21.00 -21.74
CA THR H 97 7.55 21.99 -21.87
C THR H 97 6.43 21.42 -20.99
N GLY H 98 5.47 22.24 -20.59
CA GLY H 98 4.41 21.78 -19.70
C GLY H 98 4.89 21.60 -18.28
N GLU H 99 5.86 22.44 -17.87
CA GLU H 99 6.49 22.60 -16.55
C GLU H 99 6.79 24.10 -16.42
N GLY H 100 6.20 24.74 -15.42
CA GLY H 100 6.29 26.18 -15.23
C GLY H 100 7.63 26.86 -15.09
N SER H 101 8.55 26.30 -14.29
CA SER H 101 9.81 26.94 -13.93
C SER H 101 10.98 26.75 -14.89
N GLY H 102 10.91 25.78 -15.79
CA GLY H 102 11.99 25.48 -16.73
C GLY H 102 12.31 26.64 -17.64
N GLU H 103 13.54 27.17 -17.57
CA GLU H 103 13.90 28.33 -18.42
C GLU H 103 14.40 27.92 -19.81
N LEU H 104 14.50 28.90 -20.71
CA LEU H 104 15.01 28.70 -22.06
C LEU H 104 16.50 28.99 -22.10
N PHE H 105 17.23 28.19 -22.91
CA PHE H 105 18.66 28.32 -23.20
C PHE H 105 18.76 28.75 -24.67
N PHE H 106 19.23 29.98 -24.94
CA PHE H 106 19.21 30.52 -26.32
C PHE H 106 20.48 30.31 -27.11
N GLY H 107 20.31 30.11 -28.41
CA GLY H 107 21.40 30.08 -29.39
C GLY H 107 21.90 31.52 -29.59
N GLU H 108 23.07 31.69 -30.24
CA GLU H 108 23.72 32.99 -30.46
C GLU H 108 22.98 33.96 -31.42
N GLY H 109 21.99 33.47 -32.15
CA GLY H 109 21.24 34.27 -33.11
C GLY H 109 21.70 34.11 -34.55
N SER H 110 20.75 34.26 -35.48
CA SER H 110 20.97 34.18 -36.94
C SER H 110 20.39 35.43 -37.58
N ARG H 111 21.25 36.30 -38.15
CA ARG H 111 20.72 37.50 -38.80
C ARG H 111 20.48 37.22 -40.27
N LEU H 112 19.22 37.35 -40.69
CA LEU H 112 18.83 37.10 -42.06
C LEU H 112 18.33 38.34 -42.75
N THR H 113 18.91 38.65 -43.93
CA THR H 113 18.49 39.78 -44.76
C THR H 113 18.01 39.23 -46.11
N VAL H 114 16.74 39.51 -46.45
CA VAL H 114 16.16 39.06 -47.71
C VAL H 114 16.03 40.28 -48.62
N LEU H 115 16.72 40.25 -49.79
CA LEU H 115 16.76 41.32 -50.80
C LEU H 115 16.16 40.88 -52.12
N GLU H 116 15.48 41.81 -52.84
CA GLU H 116 14.90 41.53 -54.17
C GLU H 116 16.01 41.08 -55.16
N ASP H 117 17.24 41.65 -55.02
CA ASP H 117 18.45 41.30 -55.78
C ASP H 117 19.70 41.69 -54.96
N LEU H 118 20.89 41.20 -55.33
CA LEU H 118 22.11 41.46 -54.57
C LEU H 118 22.98 42.62 -55.12
N LYS H 119 22.39 43.47 -55.97
CA LYS H 119 23.08 44.59 -56.64
C LYS H 119 23.49 45.73 -55.67
N ASN H 120 22.81 45.90 -54.51
CA ASN H 120 23.18 46.96 -53.56
C ASN H 120 24.14 46.47 -52.45
N VAL H 121 24.58 45.21 -52.50
CA VAL H 121 25.45 44.63 -51.49
C VAL H 121 26.85 45.20 -51.69
N PHE H 122 27.40 45.83 -50.64
CA PHE H 122 28.73 46.46 -50.67
C PHE H 122 29.49 46.23 -49.36
N PRO H 123 30.82 45.93 -49.41
CA PRO H 123 31.59 45.88 -48.16
C PRO H 123 31.87 47.31 -47.66
N PRO H 124 32.32 47.54 -46.41
CA PRO H 124 32.59 48.92 -45.99
C PRO H 124 33.95 49.44 -46.44
N GLU H 125 34.07 50.76 -46.47
CA GLU H 125 35.32 51.49 -46.64
C GLU H 125 35.75 51.82 -45.23
N VAL H 126 36.85 51.26 -44.77
CA VAL H 126 37.32 51.44 -43.41
C VAL H 126 38.51 52.42 -43.37
N ALA H 127 38.32 53.52 -42.62
CA ALA H 127 39.33 54.56 -42.43
C ALA H 127 39.52 54.92 -40.92
N VAL H 128 40.81 54.98 -40.48
CA VAL H 128 41.22 55.35 -39.12
C VAL H 128 41.64 56.84 -39.13
N PHE H 129 41.17 57.58 -38.12
CA PHE H 129 41.45 59.00 -37.94
C PHE H 129 42.35 59.19 -36.71
N GLU H 130 43.53 59.79 -36.94
CA GLU H 130 44.56 60.06 -35.95
C GLU H 130 44.09 61.11 -34.91
N PRO H 131 44.41 60.92 -33.61
CA PRO H 131 43.97 61.89 -32.58
C PRO H 131 44.55 63.28 -32.82
N SER H 132 43.75 64.33 -32.53
CA SER H 132 44.15 65.73 -32.70
C SER H 132 45.24 66.14 -31.69
N GLU H 133 46.12 67.07 -32.10
CA GLU H 133 47.20 67.62 -31.26
C GLU H 133 46.59 68.36 -30.05
N ALA H 134 45.39 68.96 -30.25
CA ALA H 134 44.63 69.71 -29.25
C ALA H 134 44.16 68.84 -28.07
N GLU H 135 43.70 67.61 -28.33
CA GLU H 135 43.24 66.66 -27.32
C GLU H 135 44.42 66.16 -26.46
N ILE H 136 45.59 66.00 -27.09
CA ILE H 136 46.82 65.52 -26.46
C ILE H 136 47.38 66.61 -25.48
N SER H 137 47.29 67.90 -25.87
CA SER H 137 47.79 69.04 -25.07
C SER H 137 46.74 69.58 -24.06
N HIS H 138 45.50 69.03 -24.04
CA HIS H 138 44.45 69.49 -23.13
C HIS H 138 44.04 68.43 -22.10
N THR H 139 44.05 67.14 -22.48
CA THR H 139 43.58 66.05 -21.60
C THR H 139 44.68 65.01 -21.34
N GLN H 140 45.77 65.04 -22.13
CA GLN H 140 46.91 64.10 -22.09
C GLN H 140 46.43 62.66 -22.44
N LYS H 141 45.27 62.58 -23.15
CA LYS H 141 44.63 61.36 -23.66
C LYS H 141 44.48 61.50 -25.17
N ALA H 142 44.46 60.37 -25.90
CA ALA H 142 44.36 60.35 -27.36
C ALA H 142 43.28 59.37 -27.84
N THR H 143 42.31 59.90 -28.60
CA THR H 143 41.19 59.13 -29.15
C THR H 143 41.39 58.88 -30.65
N LEU H 144 41.52 57.61 -31.03
CA LEU H 144 41.60 57.12 -32.41
C LEU H 144 40.17 56.80 -32.83
N VAL H 145 39.70 57.33 -33.97
CA VAL H 145 38.32 57.09 -34.43
C VAL H 145 38.35 56.21 -35.70
N CYS H 146 37.51 55.16 -35.77
CA CYS H 146 37.40 54.30 -36.95
C CYS H 146 36.04 54.49 -37.60
N LEU H 147 36.02 54.61 -38.94
CA LEU H 147 34.78 54.76 -39.70
C LEU H 147 34.64 53.69 -40.77
N ALA H 148 33.55 52.91 -40.68
CA ALA H 148 33.16 51.91 -41.67
C ALA H 148 32.00 52.54 -42.40
N THR H 149 32.17 52.80 -43.71
CA THR H 149 31.16 53.53 -44.47
C THR H 149 30.71 52.83 -45.75
N GLY H 150 29.48 53.13 -46.16
CA GLY H 150 28.84 52.62 -47.36
C GLY H 150 28.58 51.13 -47.47
N PHE H 151 28.48 50.41 -46.35
CA PHE H 151 28.25 48.96 -46.43
C PHE H 151 26.76 48.66 -46.48
N TYR H 152 26.43 47.51 -47.05
CA TYR H 152 25.08 47.02 -47.20
C TYR H 152 25.15 45.50 -47.44
N PRO H 153 24.37 44.69 -46.70
CA PRO H 153 23.39 45.09 -45.68
C PRO H 153 24.10 45.34 -44.36
N ASP H 154 23.34 45.64 -43.30
CA ASP H 154 23.95 45.91 -42.00
C ASP H 154 24.34 44.56 -41.35
N HIS H 155 25.53 44.04 -41.72
CA HIS H 155 26.12 42.78 -41.26
C HIS H 155 27.59 43.00 -40.94
N VAL H 156 27.89 43.77 -39.91
CA VAL H 156 29.31 44.04 -39.62
C VAL H 156 29.67 43.84 -38.17
N GLU H 157 30.93 43.49 -37.93
CA GLU H 157 31.48 43.36 -36.59
C GLU H 157 32.77 44.13 -36.56
N LEU H 158 32.76 45.31 -35.93
CA LEU H 158 33.94 46.16 -35.81
C LEU H 158 34.71 45.79 -34.53
N SER H 159 36.04 45.64 -34.65
CA SER H 159 36.94 45.33 -33.54
C SER H 159 38.27 46.06 -33.67
N TRP H 160 38.86 46.45 -32.53
CA TRP H 160 40.15 47.15 -32.46
C TRP H 160 41.29 46.18 -32.15
N TRP H 161 42.48 46.45 -32.71
CA TRP H 161 43.67 45.61 -32.52
C TRP H 161 44.92 46.47 -32.35
N VAL H 162 45.54 46.41 -31.14
CA VAL H 162 46.74 47.19 -30.82
C VAL H 162 47.93 46.24 -30.67
N ASN H 163 49.02 46.53 -31.41
CA ASN H 163 50.29 45.80 -31.46
C ASN H 163 50.08 44.26 -31.52
N GLY H 164 49.17 43.85 -32.41
CA GLY H 164 48.83 42.45 -32.66
C GLY H 164 47.75 41.83 -31.78
N LYS H 165 47.29 42.55 -30.73
CA LYS H 165 46.28 42.01 -29.81
C LYS H 165 45.01 42.87 -29.77
N GLU H 166 43.84 42.19 -29.70
CA GLU H 166 42.52 42.81 -29.61
C GLU H 166 42.37 43.51 -28.27
N VAL H 167 41.76 44.71 -28.27
CA VAL H 167 41.54 45.48 -27.05
C VAL H 167 40.03 45.68 -26.82
N HIS H 168 39.66 45.85 -25.55
CA HIS H 168 38.27 46.08 -25.12
C HIS H 168 38.19 47.33 -24.22
N SER H 169 39.33 47.72 -23.61
CA SER H 169 39.41 48.88 -22.72
C SER H 169 39.67 50.16 -23.52
N GLY H 170 38.84 51.17 -23.25
CA GLY H 170 38.90 52.47 -23.91
C GLY H 170 38.26 52.42 -25.28
N VAL H 171 37.41 51.41 -25.52
CA VAL H 171 36.73 51.17 -26.79
C VAL H 171 35.21 51.40 -26.66
N CYS H 172 34.62 52.10 -27.66
CA CYS H 172 33.18 52.32 -27.77
C CYS H 172 32.76 52.28 -29.23
N THR H 173 31.94 51.29 -29.60
CA THR H 173 31.40 51.17 -30.95
C THR H 173 29.92 51.49 -30.88
N ASP H 174 29.41 52.22 -31.88
CA ASP H 174 27.98 52.57 -31.97
C ASP H 174 27.13 51.32 -31.99
N PRO H 175 26.05 51.27 -31.17
CA PRO H 175 25.22 50.03 -31.13
C PRO H 175 24.56 49.74 -32.48
N GLN H 176 23.94 50.75 -33.08
CA GLN H 176 23.30 50.61 -34.38
C GLN H 176 23.93 51.58 -35.40
N PRO H 177 24.29 51.10 -36.61
CA PRO H 177 24.86 51.99 -37.63
C PRO H 177 23.83 53.01 -38.12
N LEU H 178 24.28 54.11 -38.72
CA LEU H 178 23.33 55.09 -39.23
C LEU H 178 23.15 54.88 -40.74
N LYS H 179 22.02 55.37 -41.27
CA LYS H 179 21.63 55.28 -42.67
C LYS H 179 22.16 56.49 -43.40
N GLU H 180 23.05 56.26 -44.39
CA GLU H 180 23.69 57.30 -45.19
C GLU H 180 22.72 58.06 -46.11
N GLN H 181 21.65 57.42 -46.54
CA GLN H 181 20.60 58.04 -47.36
C GLN H 181 19.27 57.72 -46.66
N PRO H 182 18.95 58.44 -45.54
CA PRO H 182 17.79 58.05 -44.72
C PRO H 182 16.43 57.96 -45.41
N ALA H 183 16.20 58.72 -46.49
CA ALA H 183 14.91 58.65 -47.19
C ALA H 183 14.84 57.44 -48.13
N LEU H 184 15.98 56.78 -48.40
CA LEU H 184 16.08 55.66 -49.33
C LEU H 184 15.85 54.32 -48.64
N ASN H 185 14.91 53.50 -49.17
CA ASN H 185 14.56 52.19 -48.60
C ASN H 185 15.76 51.22 -48.58
N ASP H 186 16.72 51.39 -49.51
CA ASP H 186 17.89 50.53 -49.55
C ASP H 186 19.18 51.33 -49.19
N SER H 187 19.05 52.31 -48.27
CA SER H 187 20.20 53.10 -47.81
C SER H 187 21.35 52.23 -47.38
N ARG H 188 22.58 52.69 -47.65
CA ARG H 188 23.80 52.03 -47.24
C ARG H 188 24.12 52.49 -45.80
N TYR H 189 25.08 51.82 -45.09
CA TYR H 189 25.27 52.16 -43.69
C TYR H 189 26.64 52.71 -43.34
N ALA H 190 26.70 53.38 -42.18
CA ALA H 190 27.93 53.91 -41.60
C ALA H 190 28.02 53.55 -40.12
N LEU H 191 29.19 53.05 -39.69
CA LEU H 191 29.44 52.68 -38.31
C LEU H 191 30.73 53.32 -37.80
N SER H 192 30.68 53.92 -36.61
CA SER H 192 31.86 54.50 -36.01
C SER H 192 32.20 53.80 -34.70
N SER H 193 33.45 53.94 -34.28
CA SER H 193 34.01 53.39 -33.05
C SER H 193 35.18 54.23 -32.62
N ARG H 194 35.43 54.29 -31.31
CA ARG H 194 36.56 55.05 -30.76
C ARG H 194 37.43 54.16 -29.92
N LEU H 195 38.73 54.48 -29.87
CA LEU H 195 39.75 53.83 -29.08
C LEU H 195 40.52 54.92 -28.35
N ARG H 196 40.48 54.92 -27.01
CA ARG H 196 41.20 55.95 -26.29
C ARG H 196 42.40 55.37 -25.56
N VAL H 197 43.53 56.05 -25.74
CA VAL H 197 44.83 55.73 -25.14
C VAL H 197 45.40 56.99 -24.47
N SER H 198 46.49 56.84 -23.71
CA SER H 198 47.20 57.95 -23.08
C SER H 198 48.15 58.58 -24.12
N ALA H 199 48.41 59.89 -24.01
CA ALA H 199 49.29 60.65 -24.93
C ALA H 199 50.68 60.01 -25.10
N THR H 200 51.18 59.33 -24.04
CA THR H 200 52.46 58.64 -24.02
C THR H 200 52.41 57.38 -24.90
N PHE H 201 51.25 56.68 -24.90
CA PHE H 201 51.02 55.46 -25.66
C PHE H 201 50.90 55.75 -27.17
N TRP H 202 50.25 56.86 -27.54
CA TRP H 202 50.08 57.27 -28.94
C TRP H 202 51.41 57.82 -29.49
N GLN H 203 52.19 58.52 -28.64
CA GLN H 203 53.50 59.09 -28.99
C GLN H 203 54.58 58.02 -28.95
N ARG H 210 45.38 49.43 -35.02
CA ARG H 210 44.68 49.24 -36.28
C ARG H 210 43.26 48.73 -36.05
N CYS H 211 42.30 49.29 -36.81
CA CYS H 211 40.87 48.97 -36.77
C CYS H 211 40.53 47.94 -37.85
N GLN H 212 39.63 47.00 -37.54
CA GLN H 212 39.22 46.01 -38.55
C GLN H 212 37.71 45.80 -38.51
N VAL H 213 37.12 45.60 -39.69
CA VAL H 213 35.68 45.39 -39.81
C VAL H 213 35.43 44.11 -40.58
N GLN H 214 34.72 43.18 -39.94
CA GLN H 214 34.34 41.94 -40.57
C GLN H 214 33.02 42.18 -41.24
N PHE H 215 32.98 42.01 -42.56
CA PHE H 215 31.76 42.19 -43.33
C PHE H 215 31.19 40.81 -43.69
N TYR H 216 29.87 40.64 -43.57
CA TYR H 216 29.18 39.41 -43.93
C TYR H 216 28.30 39.72 -45.13
N GLY H 217 28.67 39.16 -46.28
CA GLY H 217 27.99 39.40 -47.54
C GLY H 217 27.68 38.14 -48.31
N LEU H 218 28.09 38.10 -49.58
CA LEU H 218 27.81 36.99 -50.46
C LEU H 218 28.81 35.83 -50.28
N SER H 219 28.40 34.64 -50.77
CA SER H 219 29.18 33.40 -50.72
C SER H 219 29.60 33.00 -52.13
N GLU H 220 30.50 32.00 -52.23
CA GLU H 220 30.99 31.44 -53.50
C GLU H 220 29.85 31.00 -54.40
N ASN H 221 28.74 30.50 -53.79
CA ASN H 221 27.54 30.01 -54.48
C ASN H 221 26.73 31.12 -55.19
N ASP H 222 26.87 32.39 -54.75
CA ASP H 222 26.13 33.51 -55.33
C ASP H 222 26.67 33.90 -56.71
N GLU H 223 25.74 34.23 -57.64
CA GLU H 223 26.06 34.65 -59.01
C GLU H 223 26.32 36.14 -59.07
N TRP H 224 27.46 36.54 -59.66
CA TRP H 224 27.82 37.96 -59.79
C TRP H 224 28.09 38.35 -61.25
N THR H 225 27.20 39.20 -61.81
CA THR H 225 27.25 39.69 -63.20
C THR H 225 27.58 41.21 -63.29
N GLN H 226 28.40 41.74 -62.35
CA GLN H 226 28.76 43.16 -62.32
C GLN H 226 30.27 43.39 -62.52
N ASP H 227 30.62 44.65 -62.88
CA ASP H 227 31.97 45.12 -63.15
C ASP H 227 32.79 45.20 -61.87
N ARG H 228 32.18 45.71 -60.77
CA ARG H 228 32.82 45.83 -59.45
C ARG H 228 33.03 44.43 -58.83
N ALA H 229 34.07 44.30 -57.99
CA ALA H 229 34.42 43.03 -57.32
C ALA H 229 33.28 42.51 -56.46
N LYS H 230 32.97 41.20 -56.59
CA LYS H 230 31.91 40.49 -55.85
C LYS H 230 31.91 40.88 -54.35
N PRO H 231 30.77 41.36 -53.80
CA PRO H 231 30.74 41.78 -52.39
C PRO H 231 30.55 40.58 -51.44
N VAL H 232 31.63 39.81 -51.31
CA VAL H 232 31.72 38.59 -50.51
C VAL H 232 32.00 38.91 -49.05
N THR H 233 31.90 37.89 -48.17
CA THR H 233 32.24 37.98 -46.75
C THR H 233 33.75 38.27 -46.74
N GLN H 234 34.16 39.35 -46.07
CA GLN H 234 35.57 39.75 -46.02
C GLN H 234 35.89 40.61 -44.79
N ILE H 235 37.18 40.91 -44.58
CA ILE H 235 37.68 41.79 -43.53
C ILE H 235 38.31 43.04 -44.19
N VAL H 236 37.78 44.23 -43.86
CA VAL H 236 38.32 45.49 -44.35
C VAL H 236 38.94 46.18 -43.14
N SER H 237 40.23 46.53 -43.22
CA SER H 237 40.99 47.15 -42.13
C SER H 237 41.59 48.52 -42.50
N ALA H 238 42.00 49.29 -41.45
CA ALA H 238 42.68 50.59 -41.50
C ALA H 238 43.75 50.63 -40.40
N GLU H 239 44.98 51.07 -40.74
CA GLU H 239 46.14 51.09 -39.83
C GLU H 239 46.27 52.40 -39.05
#